data_8VPP
#
_entry.id   8VPP
#
_cell.length_a   1.00
_cell.length_b   1.00
_cell.length_c   1.00
_cell.angle_alpha   90.00
_cell.angle_beta   90.00
_cell.angle_gamma   90.00
#
_symmetry.space_group_name_H-M   'P 1'
#
loop_
_entity.id
_entity.type
_entity.pdbx_description
1 polymer 'Solute carrier family 12 member 3'
2 non-polymer 2-chloro-5-[(1S)-1-hydroxy-3-oxo-2H-isoindol-1-yl]benzenesulfonamide
3 water water
#
_entity_poly.entity_id   1
_entity_poly.type   'polypeptide(L)'
_entity_poly.pdbx_seq_one_letter_code
;MAELPTTETPGDATLCSGRFTISTLLSSDEPSPPAAYDSSHPSHLTHSSTFCMR(TPO)FGYN(TPO)IDVVPTYEHYAN
(SEP)TQPGEPRKVRPTLADLHSFLKEGRHLHALAFDSRPSHEMTDGLVEGEAGTSSEKNPEEPVRFGWVKGVMIRCMLN
IWGVILYLRLPWITAQAGIVLTWIIILLSVTVTSITGLSISAISTNGKVKSGGTYFLISRSLGPELGGSIGLIFAFANAV
GVAMHTVGFAETVRDLLQEYGAPIVDPINDIRIIAVVSVTVLLAISLAGMEWESKAQVLFFLVIMVSFANYLVGTLIPPS
EDKASKGFFSYRADIFVQNLVPDWRGPDGTFFGMFSIFFPSATGILAGANISGDLKDPAIAIPKGTLMAIFWTTISYLAI
SATIGSCVVRDASGVLNDTVTPGWGACEGLACSYGWNFTECTQQHSCHYGLINYYQTMSMVSGFAPLITAGIFGATLSSA
LACLVSAAKVFQCLCEDQLYPLIGFFGKGYGKNKEPVRGYLLAYAIAVAFIIIAELNTIAPIISNFFLCSYALINFSCFH
ASITNSPGWRPSFQYYNKWAALFGAIISVVIMFLLTWWAALIAIGVVLFLLLYVIYKKPEVNWGSSVQAGSYNLALSYSV
GLNEVEDHIKNYRPQCLVLTGPPNFRPALVDFVGTFTRNLSLMICGHVLIGPHKQRMPELQLIANGHTKWLNKRKIKAFY
SDVIAEDLRRGVQILMQAAGLGRMKPNILVVGFKKNWQSAHPATVEDYIGILHDAFDFNYGVCVMRMREGLNVSKMMQAH
INPVFDPAEDGKEASARVDPKALVKEEQATTIFQSEQGKKTIDIYWLFDDGGLTLLIPYLLGRKRRWSKCKIRVFVGGQI
NRMDQERKAIISLLSKFRLGFHEVHILPDINQNPRAEHTKRFEDMIAPFRLNDGFKDEATVNEMRRDCPWKISDEEITKN
RVKSLRQVRLNEIVLDYSRDAALIVITLPIGRKGKCPSSLYMAWLETLSQDLRPPVILIRGNQENVLTFYCQ
;
_entity_poly.pdbx_strand_id   A,B
#
loop_
_chem_comp.id
_chem_comp.type
_chem_comp.name
_chem_comp.formula
KLT non-polymer 2-chloro-5-[(1S)-1-hydroxy-3-oxo-2H-isoindol-1-yl]benzenesulfonamide 'C14 H11 Cl N2 O4 S'
#
# COMPACT_ATOMS: atom_id res chain seq x y z
N CYS A 52 2.86 15.91 -42.14
CA CYS A 52 3.79 14.90 -42.58
C CYS A 52 3.17 13.50 -42.49
N MET A 53 3.93 12.49 -42.90
CA MET A 53 3.45 11.11 -42.93
C MET A 53 4.45 10.19 -42.24
N ARG A 54 4.97 10.63 -41.11
CA ARG A 54 5.93 9.81 -40.37
C ARG A 54 5.31 9.25 -39.10
N TPO A 55 5.78 8.08 -38.67
CA TPO A 55 5.25 7.43 -37.48
CB TPO A 55 5.87 6.04 -37.33
CG2 TPO A 55 5.41 5.37 -36.03
OG1 TPO A 55 5.46 5.22 -38.43
P TPO A 55 6.66 5.21 -39.49
O1P TPO A 55 7.96 5.09 -38.77
O2P TPO A 55 6.48 3.96 -40.49
O3P TPO A 55 6.64 6.58 -40.32
C TPO A 55 5.50 8.27 -36.23
O TPO A 55 6.22 7.88 -35.33
N PHE A 56 4.86 9.44 -36.20
CA PHE A 56 4.94 10.36 -35.06
C PHE A 56 6.32 10.44 -34.41
N GLY A 57 6.52 9.66 -33.35
CA GLY A 57 7.73 9.74 -32.58
C GLY A 57 8.94 9.23 -33.35
N TYR A 58 9.24 9.88 -34.47
CA TYR A 58 10.34 9.48 -35.32
C TYR A 58 11.49 10.48 -35.32
N ASN A 59 11.26 11.70 -34.83
CA ASN A 59 12.26 12.75 -34.89
C ASN A 59 12.65 13.22 -33.50
N TPO A 60 12.45 12.35 -32.52
CA TPO A 60 12.76 12.69 -31.13
CB TPO A 60 11.57 13.41 -30.49
CG2 TPO A 60 11.13 12.68 -29.22
OG1 TPO A 60 11.90 14.78 -30.21
P TPO A 60 12.69 14.91 -28.81
O1P TPO A 60 13.51 16.14 -28.85
O2P TPO A 60 11.64 15.02 -27.60
O3P TPO A 60 13.66 13.65 -28.59
C TPO A 60 13.13 11.44 -30.35
O TPO A 60 12.54 10.38 -30.54
N ILE A 61 14.09 11.57 -29.44
CA ILE A 61 14.58 10.44 -28.68
C ILE A 61 13.54 9.99 -27.64
N ASP A 62 12.55 10.84 -27.40
CA ASP A 62 11.46 10.48 -26.51
C ASP A 62 10.50 9.53 -27.23
N VAL A 63 9.86 8.67 -26.46
CA VAL A 63 9.06 7.60 -27.00
C VAL A 63 7.58 7.94 -26.83
N VAL A 64 6.72 7.19 -27.52
CA VAL A 64 5.27 7.40 -27.48
C VAL A 64 4.64 6.20 -26.79
N PRO A 65 3.49 6.36 -26.14
CA PRO A 65 2.93 5.23 -25.36
C PRO A 65 2.76 3.99 -26.22
N THR A 66 3.19 2.86 -25.68
CA THR A 66 3.02 1.56 -26.31
C THR A 66 2.82 0.53 -25.22
N TYR A 67 2.13 -0.56 -25.57
CA TYR A 67 1.88 -1.61 -24.59
C TYR A 67 3.18 -2.27 -24.14
N GLU A 68 4.14 -2.42 -25.06
CA GLU A 68 5.38 -3.11 -24.72
C GLU A 68 6.10 -2.44 -23.56
N HIS A 69 5.88 -1.14 -23.37
CA HIS A 69 6.55 -0.42 -22.29
C HIS A 69 6.17 -0.95 -20.92
N TYR A 70 4.90 -1.33 -20.75
CA TYR A 70 4.40 -1.77 -19.44
C TYR A 70 4.34 -3.28 -19.31
N ALA A 71 4.47 -4.03 -20.40
CA ALA A 71 4.46 -5.48 -20.32
C ALA A 71 5.66 -5.99 -19.54
N ASN A 72 5.43 -7.00 -18.70
CA ASN A 72 6.50 -7.61 -17.91
C ASN A 72 6.88 -8.98 -18.45
N SEP A 73 5.88 -9.79 -18.77
CA SEP A 73 6.11 -11.13 -19.27
CB SEP A 73 4.79 -11.86 -19.49
OG SEP A 73 4.51 -12.04 -20.86
C SEP A 73 6.91 -11.09 -20.57
O SEP A 73 7.11 -10.02 -21.15
P SEP A 73 3.47 -10.94 -21.39
O1P SEP A 73 3.03 -11.31 -22.89
O2P SEP A 73 2.17 -10.92 -20.45
O3P SEP A 73 4.16 -9.49 -21.39
N THR A 74 7.35 -12.26 -21.03
CA THR A 74 8.08 -12.34 -22.29
C THR A 74 7.24 -11.84 -23.45
N GLN A 75 7.08 -10.52 -23.54
CA GLN A 75 6.24 -9.95 -24.58
C GLN A 75 6.78 -10.31 -25.96
N PRO A 76 5.90 -10.66 -26.89
CA PRO A 76 6.37 -11.09 -28.22
C PRO A 76 7.20 -10.00 -28.90
N GLY A 77 8.22 -10.44 -29.63
CA GLY A 77 9.08 -9.52 -30.34
C GLY A 77 10.55 -9.76 -30.08
N GLU A 78 10.86 -10.69 -29.18
CA GLU A 78 12.22 -10.97 -28.78
C GLU A 78 12.90 -9.69 -28.31
N PRO A 79 12.22 -8.87 -27.51
CA PRO A 79 12.85 -7.65 -27.00
C PRO A 79 11.99 -6.97 -25.95
N ARG A 80 12.28 -5.70 -25.68
CA ARG A 80 11.47 -4.92 -24.76
C ARG A 80 11.64 -3.44 -25.02
N LYS A 81 10.70 -2.84 -25.76
CA LYS A 81 10.76 -1.40 -26.00
C LYS A 81 10.53 -0.67 -24.69
N VAL A 82 11.59 -0.18 -24.07
CA VAL A 82 11.52 0.44 -22.75
C VAL A 82 11.78 1.94 -22.91
N ARG A 83 10.94 2.75 -22.30
CA ARG A 83 11.05 4.18 -22.44
C ARG A 83 12.41 4.66 -21.92
N PRO A 84 13.02 5.64 -22.57
CA PRO A 84 14.30 6.16 -22.09
C PRO A 84 14.17 6.63 -20.65
N THR A 85 15.22 6.37 -19.87
CA THR A 85 15.22 6.76 -18.46
C THR A 85 15.28 8.28 -18.33
N LEU A 86 14.78 8.78 -17.20
CA LEU A 86 14.79 10.22 -16.96
C LEU A 86 16.20 10.78 -17.05
N ALA A 87 17.21 9.99 -16.73
CA ALA A 87 18.59 10.42 -16.90
C ALA A 87 19.02 10.46 -18.36
N ASP A 88 18.23 9.89 -19.27
CA ASP A 88 18.55 9.91 -20.69
C ASP A 88 18.02 11.17 -21.36
N LEU A 89 16.73 11.46 -21.21
CA LEU A 89 16.18 12.70 -21.74
C LEU A 89 16.80 13.91 -21.05
N HIS A 90 16.98 13.83 -19.73
CA HIS A 90 17.51 14.93 -18.95
C HIS A 90 19.04 14.90 -19.02
N SER A 91 19.69 15.69 -18.18
CA SER A 91 21.15 15.65 -18.08
C SER A 91 21.80 16.06 -19.39
N PHE A 92 23.12 15.82 -19.50
CA PHE A 92 23.85 16.14 -20.72
C PHE A 92 24.92 15.08 -20.94
N LEU A 93 25.37 14.97 -22.19
CA LEU A 93 26.39 13.99 -22.56
C LEU A 93 25.98 12.58 -22.17
N PRO A 132 -1.20 -24.73 -25.75
CA PRO A 132 -2.05 -24.67 -24.56
C PRO A 132 -3.44 -24.10 -24.85
N VAL A 133 -4.47 -24.92 -24.70
CA VAL A 133 -5.83 -24.50 -25.00
C VAL A 133 -6.30 -23.51 -23.94
N ARG A 134 -6.91 -22.42 -24.39
CA ARG A 134 -7.60 -21.48 -23.52
C ARG A 134 -9.09 -21.63 -23.74
N PHE A 135 -9.82 -21.97 -22.70
CA PHE A 135 -11.25 -22.20 -22.80
C PHE A 135 -12.01 -20.89 -22.68
N GLY A 136 -13.19 -20.85 -23.28
CA GLY A 136 -14.06 -19.72 -23.16
C GLY A 136 -14.74 -19.71 -21.79
N TRP A 137 -15.64 -18.75 -21.62
CA TRP A 137 -16.34 -18.65 -20.35
C TRP A 137 -17.37 -19.76 -20.18
N VAL A 138 -18.04 -20.16 -21.26
CA VAL A 138 -19.06 -21.20 -21.16
C VAL A 138 -18.42 -22.54 -20.82
N LYS A 139 -17.33 -22.89 -21.49
CA LYS A 139 -16.70 -24.19 -21.30
C LYS A 139 -15.68 -24.21 -20.18
N GLY A 140 -15.37 -23.06 -19.58
CA GLY A 140 -14.37 -23.00 -18.53
C GLY A 140 -14.87 -22.50 -17.19
N VAL A 141 -15.91 -21.68 -17.19
CA VAL A 141 -16.46 -21.15 -15.95
C VAL A 141 -17.89 -21.61 -15.77
N MET A 142 -18.74 -21.32 -16.77
CA MET A 142 -20.16 -21.61 -16.62
C MET A 142 -20.40 -23.11 -16.44
N ILE A 143 -19.88 -23.93 -17.35
CA ILE A 143 -20.14 -25.36 -17.29
C ILE A 143 -19.54 -25.97 -16.04
N ARG A 144 -18.28 -25.63 -15.73
CA ARG A 144 -17.60 -26.21 -14.58
C ARG A 144 -18.27 -25.81 -13.28
N CYS A 145 -18.58 -24.52 -13.12
CA CYS A 145 -19.22 -24.06 -11.89
C CYS A 145 -20.60 -24.68 -11.74
N MET A 146 -21.36 -24.78 -12.82
CA MET A 146 -22.66 -25.42 -12.74
C MET A 146 -22.54 -26.88 -12.36
N LEU A 147 -21.56 -27.59 -12.93
CA LEU A 147 -21.35 -28.99 -12.57
C LEU A 147 -20.98 -29.14 -11.10
N ASN A 148 -20.13 -28.26 -10.60
CA ASN A 148 -19.78 -28.31 -9.17
C ASN A 148 -20.99 -28.02 -8.29
N ILE A 149 -21.84 -27.08 -8.70
CA ILE A 149 -23.01 -26.76 -7.89
C ILE A 149 -23.95 -27.96 -7.80
N TRP A 150 -24.28 -28.57 -8.93
CA TRP A 150 -25.23 -29.67 -8.97
C TRP A 150 -24.63 -30.92 -8.34
N GLY A 151 -25.41 -31.56 -7.48
CA GLY A 151 -24.95 -32.75 -6.79
C GLY A 151 -26.05 -33.74 -6.48
N VAL A 152 -25.75 -34.74 -5.65
CA VAL A 152 -26.73 -35.76 -5.31
C VAL A 152 -27.95 -35.14 -4.66
N ILE A 153 -27.77 -34.07 -3.89
CA ILE A 153 -28.87 -33.49 -3.13
C ILE A 153 -30.01 -33.08 -4.05
N LEU A 154 -29.68 -32.49 -5.20
CA LEU A 154 -30.72 -32.06 -6.13
C LEU A 154 -31.60 -33.21 -6.57
N TYR A 155 -31.03 -34.41 -6.66
CA TYR A 155 -31.76 -35.56 -7.17
C TYR A 155 -32.43 -36.38 -6.07
N LEU A 156 -31.86 -36.41 -4.88
CA LEU A 156 -32.32 -37.32 -3.83
C LEU A 156 -32.98 -36.59 -2.67
N ARG A 157 -32.47 -35.43 -2.27
CA ARG A 157 -32.98 -34.72 -1.12
C ARG A 157 -33.86 -33.54 -1.46
N LEU A 158 -33.78 -33.01 -2.69
CA LEU A 158 -34.59 -31.84 -3.04
C LEU A 158 -36.07 -32.12 -2.97
N PRO A 159 -36.61 -33.18 -3.60
CA PRO A 159 -38.03 -33.47 -3.44
C PRO A 159 -38.43 -33.71 -1.99
N TRP A 160 -37.57 -34.38 -1.22
CA TRP A 160 -37.85 -34.56 0.20
C TRP A 160 -37.95 -33.22 0.91
N ILE A 161 -37.01 -32.32 0.64
CA ILE A 161 -37.00 -31.02 1.31
C ILE A 161 -38.26 -30.24 0.93
N THR A 162 -38.60 -30.23 -0.35
CA THR A 162 -39.80 -29.51 -0.77
C THR A 162 -41.04 -30.08 -0.11
N ALA A 163 -41.17 -31.40 -0.08
CA ALA A 163 -42.32 -32.01 0.56
C ALA A 163 -42.40 -31.65 2.03
N GLN A 164 -41.24 -31.67 2.71
CA GLN A 164 -41.23 -31.46 4.15
C GLN A 164 -41.50 -30.01 4.51
N ALA A 165 -41.05 -29.06 3.68
CA ALA A 165 -41.07 -27.65 4.06
C ALA A 165 -42.11 -26.82 3.32
N GLY A 166 -42.78 -27.36 2.31
CA GLY A 166 -43.68 -26.53 1.53
C GLY A 166 -42.96 -25.86 0.38
N ILE A 167 -43.68 -25.58 -0.70
CA ILE A 167 -43.07 -24.95 -1.85
C ILE A 167 -42.53 -23.57 -1.50
N VAL A 168 -43.34 -22.79 -0.78
CA VAL A 168 -42.92 -21.43 -0.42
C VAL A 168 -41.65 -21.48 0.43
N LEU A 169 -41.61 -22.36 1.42
CA LEU A 169 -40.47 -22.41 2.32
C LEU A 169 -39.22 -22.93 1.62
N THR A 170 -39.38 -23.93 0.73
CA THR A 170 -38.22 -24.40 -0.01
C THR A 170 -37.68 -23.30 -0.92
N TRP A 171 -38.58 -22.53 -1.53
CA TRP A 171 -38.14 -21.39 -2.34
C TRP A 171 -37.39 -20.38 -1.49
N ILE A 172 -37.88 -20.11 -0.28
CA ILE A 172 -37.21 -19.15 0.59
C ILE A 172 -35.82 -19.64 0.98
N ILE A 173 -35.69 -20.93 1.30
CA ILE A 173 -34.39 -21.48 1.67
C ILE A 173 -33.43 -21.38 0.49
N ILE A 174 -33.90 -21.72 -0.70
CA ILE A 174 -33.07 -21.59 -1.89
C ILE A 174 -32.65 -20.15 -2.09
N LEU A 175 -33.56 -19.21 -1.85
CA LEU A 175 -33.26 -17.80 -2.07
C LEU A 175 -32.22 -17.30 -1.08
N LEU A 176 -32.29 -17.73 0.18
CA LEU A 176 -31.27 -17.33 1.15
C LEU A 176 -29.90 -17.89 0.74
N SER A 177 -29.86 -19.18 0.37
CA SER A 177 -28.59 -19.76 -0.06
C SER A 177 -28.05 -19.02 -1.27
N VAL A 178 -28.92 -18.70 -2.24
CA VAL A 178 -28.48 -17.99 -3.42
C VAL A 178 -28.02 -16.59 -3.08
N THR A 179 -28.64 -15.94 -2.10
CA THR A 179 -28.17 -14.63 -1.68
C THR A 179 -26.73 -14.70 -1.20
N VAL A 180 -26.45 -15.64 -0.30
CA VAL A 180 -25.07 -15.77 0.21
C VAL A 180 -24.12 -16.06 -0.95
N THR A 181 -24.47 -17.04 -1.77
CA THR A 181 -23.56 -17.45 -2.85
C THR A 181 -23.35 -16.33 -3.87
N SER A 182 -24.40 -15.56 -4.15
CA SER A 182 -24.30 -14.51 -5.16
C SER A 182 -23.50 -13.32 -4.63
N ILE A 183 -23.63 -12.99 -3.35
CA ILE A 183 -22.78 -11.96 -2.78
C ILE A 183 -21.32 -12.40 -2.84
N THR A 184 -21.04 -13.66 -2.50
CA THR A 184 -19.68 -14.17 -2.62
C THR A 184 -19.20 -14.12 -4.07
N GLY A 185 -20.08 -14.43 -5.02
CA GLY A 185 -19.71 -14.37 -6.41
C GLY A 185 -19.40 -12.96 -6.88
N LEU A 186 -20.19 -11.98 -6.41
CA LEU A 186 -19.88 -10.59 -6.71
C LEU A 186 -18.50 -10.22 -6.18
N SER A 187 -18.19 -10.63 -4.96
CA SER A 187 -16.88 -10.33 -4.40
C SER A 187 -15.77 -10.96 -5.23
N ILE A 188 -15.94 -12.23 -5.60
CA ILE A 188 -14.90 -12.92 -6.35
C ILE A 188 -14.74 -12.30 -7.74
N SER A 189 -15.84 -11.90 -8.37
CA SER A 189 -15.75 -11.24 -9.67
C SER A 189 -15.00 -9.92 -9.56
N ALA A 190 -15.33 -9.12 -8.56
CA ALA A 190 -14.64 -7.85 -8.38
C ALA A 190 -13.15 -8.06 -8.15
N ILE A 191 -12.78 -9.04 -7.33
CA ILE A 191 -11.37 -9.33 -7.11
C ILE A 191 -10.70 -9.82 -8.39
N SER A 192 -11.44 -10.58 -9.21
CA SER A 192 -10.88 -11.11 -10.44
C SER A 192 -10.58 -10.01 -11.45
N THR A 193 -11.47 -9.02 -11.56
CA THR A 193 -11.31 -8.01 -12.60
C THR A 193 -10.00 -7.25 -12.45
N ASN A 194 -9.64 -6.87 -11.23
CA ASN A 194 -8.41 -6.11 -11.01
C ASN A 194 -7.21 -6.89 -11.53
N GLY A 195 -6.36 -6.20 -12.30
CA GLY A 195 -5.14 -6.78 -12.80
C GLY A 195 -5.40 -7.94 -13.77
N LYS A 196 -4.31 -8.63 -14.10
CA LYS A 196 -4.34 -9.79 -14.98
C LYS A 196 -4.24 -11.02 -14.10
N VAL A 197 -5.34 -11.74 -13.95
CA VAL A 197 -5.37 -12.91 -13.08
C VAL A 197 -4.58 -14.03 -13.72
N LYS A 198 -3.61 -14.57 -12.98
CA LYS A 198 -2.76 -15.64 -13.45
C LYS A 198 -3.23 -16.97 -12.85
N SER A 199 -2.43 -18.02 -13.08
CA SER A 199 -2.79 -19.33 -12.55
C SER A 199 -2.77 -19.33 -11.03
N GLY A 200 -3.60 -20.17 -10.44
CA GLY A 200 -3.68 -20.26 -8.98
C GLY A 200 -5.10 -20.32 -8.46
N GLY A 201 -6.03 -19.70 -9.18
CA GLY A 201 -7.44 -19.76 -8.80
C GLY A 201 -7.76 -18.90 -7.60
N THR A 202 -8.57 -19.43 -6.68
CA THR A 202 -8.98 -18.67 -5.50
C THR A 202 -7.79 -18.29 -4.64
N TYR A 203 -6.85 -19.20 -4.45
CA TYR A 203 -5.68 -18.90 -3.64
C TYR A 203 -4.92 -17.70 -4.19
N PHE A 204 -4.65 -17.70 -5.50
CA PHE A 204 -3.92 -16.59 -6.10
C PHE A 204 -4.64 -15.28 -5.84
N LEU A 205 -5.95 -15.24 -6.11
CA LEU A 205 -6.70 -14.01 -5.95
C LEU A 205 -6.69 -13.52 -4.51
N ILE A 206 -6.97 -14.42 -3.57
CA ILE A 206 -7.02 -14.01 -2.17
C ILE A 206 -5.67 -13.51 -1.70
N SER A 207 -4.60 -14.25 -2.01
CA SER A 207 -3.27 -13.85 -1.57
C SER A 207 -2.86 -12.52 -2.17
N ARG A 208 -3.13 -12.33 -3.46
CA ARG A 208 -2.74 -11.08 -4.12
C ARG A 208 -3.62 -9.91 -3.75
N SER A 209 -4.82 -10.16 -3.21
CA SER A 209 -5.71 -9.07 -2.83
C SER A 209 -5.56 -8.68 -1.36
N LEU A 210 -5.73 -9.64 -0.46
CA LEU A 210 -5.65 -9.34 0.96
C LEU A 210 -4.21 -9.25 1.44
N GLY A 211 -3.45 -10.33 1.29
CA GLY A 211 -2.08 -10.38 1.72
C GLY A 211 -1.53 -11.79 1.74
N PRO A 212 -0.20 -11.93 1.68
CA PRO A 212 0.39 -13.27 1.70
C PRO A 212 0.09 -14.06 2.97
N GLU A 213 -0.03 -13.38 4.12
CA GLU A 213 -0.26 -14.08 5.38
C GLU A 213 -1.54 -14.91 5.30
N LEU A 214 -2.68 -14.24 5.16
CA LEU A 214 -3.96 -14.96 5.05
C LEU A 214 -4.04 -15.73 3.74
N GLY A 215 -3.33 -15.27 2.71
CA GLY A 215 -3.35 -15.97 1.44
C GLY A 215 -2.85 -17.38 1.55
N GLY A 216 -1.74 -17.58 2.25
CA GLY A 216 -1.22 -18.93 2.42
C GLY A 216 -2.15 -19.82 3.20
N SER A 217 -2.72 -19.30 4.29
CA SER A 217 -3.65 -20.08 5.09
C SER A 217 -4.86 -20.51 4.26
N ILE A 218 -5.43 -19.57 3.49
CA ILE A 218 -6.57 -19.89 2.67
C ILE A 218 -6.19 -20.90 1.59
N GLY A 219 -4.99 -20.75 1.02
CA GLY A 219 -4.56 -21.72 0.02
C GLY A 219 -4.49 -23.12 0.58
N LEU A 220 -3.88 -23.28 1.76
CA LEU A 220 -3.77 -24.60 2.36
C LEU A 220 -5.14 -25.17 2.69
N ILE A 221 -6.01 -24.35 3.30
CA ILE A 221 -7.33 -24.81 3.67
C ILE A 221 -8.12 -25.23 2.44
N PHE A 222 -8.10 -24.39 1.39
CA PHE A 222 -8.82 -24.69 0.18
C PHE A 222 -8.31 -25.96 -0.48
N ALA A 223 -6.99 -26.12 -0.55
CA ALA A 223 -6.43 -27.31 -1.17
C ALA A 223 -6.88 -28.57 -0.43
N PHE A 224 -6.75 -28.57 0.90
CA PHE A 224 -7.14 -29.75 1.66
C PHE A 224 -8.63 -30.01 1.54
N ALA A 225 -9.44 -28.94 1.57
CA ALA A 225 -10.89 -29.11 1.48
C ALA A 225 -11.29 -29.70 0.14
N ASN A 226 -10.69 -29.23 -0.96
CA ASN A 226 -11.01 -29.81 -2.26
C ASN A 226 -10.53 -31.24 -2.37
N ALA A 227 -9.35 -31.54 -1.82
CA ALA A 227 -8.87 -32.91 -1.84
C ALA A 227 -9.84 -33.84 -1.12
N VAL A 228 -10.33 -33.42 0.06
CA VAL A 228 -11.26 -34.25 0.80
C VAL A 228 -12.62 -34.31 0.11
N GLY A 229 -13.04 -33.22 -0.54
CA GLY A 229 -14.28 -33.23 -1.27
C GLY A 229 -14.26 -34.18 -2.45
N VAL A 230 -13.09 -34.37 -3.06
CA VAL A 230 -12.97 -35.40 -4.08
C VAL A 230 -13.41 -36.74 -3.53
N ALA A 231 -12.88 -37.09 -2.36
CA ALA A 231 -13.22 -38.37 -1.73
C ALA A 231 -14.70 -38.41 -1.35
N MET A 232 -15.24 -37.31 -0.83
CA MET A 232 -16.65 -37.32 -0.43
C MET A 232 -17.56 -37.52 -1.62
N HIS A 233 -17.31 -36.80 -2.71
CA HIS A 233 -18.14 -36.95 -3.91
C HIS A 233 -18.00 -38.35 -4.50
N THR A 234 -16.77 -38.88 -4.55
CA THR A 234 -16.60 -40.22 -5.08
C THR A 234 -17.28 -41.26 -4.19
N VAL A 235 -17.28 -41.05 -2.88
CA VAL A 235 -17.97 -41.98 -1.98
C VAL A 235 -19.48 -41.90 -2.19
N GLY A 236 -20.01 -40.70 -2.41
CA GLY A 236 -21.43 -40.59 -2.74
C GLY A 236 -21.78 -41.31 -4.03
N PHE A 237 -20.94 -41.15 -5.05
CA PHE A 237 -21.15 -41.87 -6.30
C PHE A 237 -21.09 -43.37 -6.10
N ALA A 238 -20.11 -43.84 -5.32
CA ALA A 238 -19.99 -45.27 -5.05
C ALA A 238 -21.22 -45.78 -4.30
N GLU A 239 -21.73 -44.98 -3.37
CA GLU A 239 -22.96 -45.35 -2.67
C GLU A 239 -24.13 -45.49 -3.63
N THR A 240 -24.26 -44.55 -4.56
CA THR A 240 -25.34 -44.65 -5.55
C THR A 240 -25.19 -45.89 -6.41
N VAL A 241 -23.96 -46.17 -6.87
CA VAL A 241 -23.73 -47.34 -7.71
C VAL A 241 -24.00 -48.61 -6.92
N ARG A 242 -23.60 -48.65 -5.65
CA ARG A 242 -23.84 -49.83 -4.83
C ARG A 242 -25.33 -50.04 -4.58
N ASP A 243 -26.08 -48.96 -4.42
CA ASP A 243 -27.53 -49.07 -4.30
C ASP A 243 -28.12 -49.67 -5.57
N LEU A 244 -27.73 -49.15 -6.73
CA LEU A 244 -28.29 -49.66 -7.97
C LEU A 244 -27.84 -51.10 -8.21
N LEU A 245 -26.66 -51.48 -7.69
CA LEU A 245 -26.19 -52.85 -7.83
C LEU A 245 -27.00 -53.79 -6.95
N GLN A 246 -27.17 -53.45 -5.67
CA GLN A 246 -27.99 -54.27 -4.79
C GLN A 246 -29.42 -54.35 -5.31
N GLU A 247 -29.86 -53.34 -6.06
CA GLU A 247 -31.13 -53.45 -6.76
C GLU A 247 -31.13 -54.59 -7.77
N TYR A 248 -29.96 -55.09 -8.14
CA TYR A 248 -29.84 -56.17 -9.11
C TYR A 248 -29.22 -57.43 -8.51
N GLY A 249 -28.70 -57.36 -7.29
CA GLY A 249 -28.24 -58.54 -6.58
C GLY A 249 -26.77 -58.88 -6.74
N ALA A 250 -25.89 -57.90 -6.55
CA ALA A 250 -24.44 -58.11 -6.62
C ALA A 250 -23.78 -57.45 -5.43
N PRO A 251 -23.85 -58.07 -4.25
CA PRO A 251 -23.27 -57.44 -3.05
C PRO A 251 -21.77 -57.60 -2.92
N ILE A 252 -21.15 -58.46 -3.73
CA ILE A 252 -19.71 -58.67 -3.69
C ILE A 252 -19.28 -59.06 -2.29
N VAL A 253 -19.15 -58.07 -1.41
CA VAL A 253 -18.68 -58.27 -0.04
C VAL A 253 -19.77 -57.93 0.97
N ASP A 254 -20.18 -56.67 1.01
CA ASP A 254 -21.17 -56.21 1.98
C ASP A 254 -21.50 -54.75 1.67
N PRO A 255 -22.66 -54.27 2.10
CA PRO A 255 -22.95 -52.84 1.97
C PRO A 255 -21.78 -51.94 2.32
N ILE A 256 -21.01 -52.30 3.34
CA ILE A 256 -19.85 -51.54 3.72
C ILE A 256 -18.62 -52.18 3.09
N ASN A 257 -17.50 -51.45 3.11
CA ASN A 257 -16.19 -51.90 2.62
C ASN A 257 -16.30 -52.58 1.26
N ASP A 258 -17.32 -52.23 0.49
CA ASP A 258 -17.44 -52.56 -0.93
C ASP A 258 -17.48 -51.31 -1.78
N ILE A 259 -18.27 -50.33 -1.36
CA ILE A 259 -18.16 -48.99 -1.92
C ILE A 259 -16.71 -48.52 -1.84
N ARG A 260 -15.94 -49.05 -0.90
CA ARG A 260 -14.51 -48.79 -0.89
C ARG A 260 -13.89 -49.18 -2.22
N ILE A 261 -14.15 -50.40 -2.67
CA ILE A 261 -13.58 -50.88 -3.93
C ILE A 261 -14.12 -50.07 -5.10
N ILE A 262 -15.44 -49.90 -5.16
CA ILE A 262 -16.03 -49.23 -6.31
C ILE A 262 -15.51 -47.80 -6.41
N ALA A 263 -15.46 -47.09 -5.28
CA ALA A 263 -15.05 -45.70 -5.30
C ALA A 263 -13.56 -45.55 -5.52
N VAL A 264 -12.74 -46.51 -5.07
CA VAL A 264 -11.33 -46.46 -5.40
C VAL A 264 -11.11 -46.63 -6.89
N VAL A 265 -11.85 -47.56 -7.51
CA VAL A 265 -11.79 -47.69 -8.96
C VAL A 265 -12.22 -46.39 -9.63
N SER A 266 -13.30 -45.78 -9.13
CA SER A 266 -13.79 -44.52 -9.69
C SER A 266 -12.74 -43.43 -9.58
N VAL A 267 -12.08 -43.33 -8.42
CA VAL A 267 -11.10 -42.28 -8.19
C VAL A 267 -9.87 -42.50 -9.05
N THR A 268 -9.46 -43.76 -9.25
CA THR A 268 -8.36 -44.03 -10.15
C THR A 268 -8.72 -43.63 -11.57
N VAL A 269 -9.95 -43.91 -11.99
CA VAL A 269 -10.40 -43.47 -13.31
C VAL A 269 -10.30 -41.96 -13.43
N LEU A 270 -10.81 -41.25 -12.43
CA LEU A 270 -10.81 -39.79 -12.47
C LEU A 270 -9.39 -39.24 -12.49
N LEU A 271 -8.50 -39.82 -11.68
CA LEU A 271 -7.11 -39.39 -11.67
C LEU A 271 -6.46 -39.59 -13.03
N ALA A 272 -6.71 -40.74 -13.66
CA ALA A 272 -6.15 -40.97 -14.99
C ALA A 272 -6.66 -39.95 -15.98
N ILE A 273 -7.97 -39.70 -15.98
CA ILE A 273 -8.53 -38.75 -16.94
C ILE A 273 -7.96 -37.36 -16.70
N SER A 274 -7.85 -36.95 -15.43
CA SER A 274 -7.29 -35.63 -15.13
C SER A 274 -5.85 -35.53 -15.61
N LEU A 275 -5.04 -36.55 -15.34
CA LEU A 275 -3.67 -36.53 -15.82
C LEU A 275 -3.58 -36.58 -17.34
N ALA A 276 -4.64 -37.03 -18.00
CA ALA A 276 -4.65 -37.04 -19.46
C ALA A 276 -4.35 -35.66 -20.03
N GLY A 277 -5.21 -34.69 -19.74
CA GLY A 277 -5.00 -33.34 -20.22
C GLY A 277 -6.19 -32.44 -20.00
N MET A 278 -5.94 -31.14 -19.87
CA MET A 278 -7.04 -30.21 -19.60
C MET A 278 -8.16 -30.37 -20.61
N GLU A 279 -7.81 -30.63 -21.88
CA GLU A 279 -8.82 -30.86 -22.89
C GLU A 279 -9.67 -32.09 -22.55
N TRP A 280 -9.03 -33.15 -22.08
CA TRP A 280 -9.75 -34.36 -21.72
C TRP A 280 -10.70 -34.10 -20.54
N GLU A 281 -10.22 -33.34 -19.54
CA GLU A 281 -11.10 -32.98 -18.43
C GLU A 281 -12.29 -32.16 -18.90
N SER A 282 -12.06 -31.21 -19.80
CA SER A 282 -13.16 -30.39 -20.30
C SER A 282 -14.15 -31.25 -21.06
N LYS A 283 -13.66 -32.19 -21.86
CA LYS A 283 -14.57 -33.08 -22.58
C LYS A 283 -15.39 -33.94 -21.62
N ALA A 284 -14.75 -34.45 -20.56
CA ALA A 284 -15.48 -35.23 -19.58
C ALA A 284 -16.54 -34.39 -18.88
N GLN A 285 -16.21 -33.14 -18.55
CA GLN A 285 -17.18 -32.26 -17.92
C GLN A 285 -18.35 -31.99 -18.86
N VAL A 286 -18.07 -31.78 -20.14
CA VAL A 286 -19.15 -31.55 -21.10
C VAL A 286 -20.02 -32.79 -21.24
N LEU A 287 -19.41 -33.97 -21.25
CA LEU A 287 -20.21 -35.20 -21.32
C LEU A 287 -21.11 -35.34 -20.11
N PHE A 288 -20.58 -35.04 -18.91
CA PHE A 288 -21.41 -35.07 -17.71
C PHE A 288 -22.53 -34.05 -17.80
N PHE A 289 -22.24 -32.87 -18.37
CA PHE A 289 -23.28 -31.86 -18.55
C PHE A 289 -24.38 -32.36 -19.47
N LEU A 290 -24.01 -32.99 -20.58
CA LEU A 290 -25.02 -33.54 -21.49
C LEU A 290 -25.84 -34.62 -20.80
N VAL A 291 -25.19 -35.48 -20.02
CA VAL A 291 -25.92 -36.53 -19.30
C VAL A 291 -26.93 -35.92 -18.33
N ILE A 292 -26.50 -34.91 -17.58
CA ILE A 292 -27.39 -34.26 -16.63
C ILE A 292 -28.54 -33.59 -17.37
N MET A 293 -28.26 -33.01 -18.53
CA MET A 293 -29.32 -32.37 -19.32
C MET A 293 -30.34 -33.40 -19.79
N VAL A 294 -29.87 -34.56 -20.26
CA VAL A 294 -30.82 -35.60 -20.68
C VAL A 294 -31.64 -36.06 -19.49
N SER A 295 -31.03 -36.17 -18.31
CA SER A 295 -31.78 -36.57 -17.13
C SER A 295 -32.86 -35.54 -16.78
N PHE A 296 -32.51 -34.25 -16.83
CA PHE A 296 -33.51 -33.22 -16.57
C PHE A 296 -34.64 -33.28 -17.57
N ALA A 297 -34.32 -33.44 -18.86
CA ALA A 297 -35.35 -33.52 -19.88
C ALA A 297 -36.25 -34.73 -19.65
N ASN A 298 -35.65 -35.87 -19.30
CA ASN A 298 -36.43 -37.06 -19.03
C ASN A 298 -37.39 -36.81 -17.87
N TYR A 299 -36.89 -36.22 -16.78
CA TYR A 299 -37.76 -35.92 -15.66
C TYR A 299 -38.92 -35.05 -16.09
N LEU A 300 -38.62 -33.94 -16.78
CA LEU A 300 -39.66 -32.98 -17.13
C LEU A 300 -40.69 -33.58 -18.08
N VAL A 301 -40.24 -34.37 -19.05
CA VAL A 301 -41.19 -35.02 -19.95
C VAL A 301 -42.03 -36.02 -19.19
N GLY A 302 -41.42 -36.80 -18.31
CA GLY A 302 -42.17 -37.78 -17.54
C GLY A 302 -43.25 -37.15 -16.68
N THR A 303 -42.95 -35.99 -16.08
CA THR A 303 -43.94 -35.37 -15.21
C THR A 303 -45.20 -34.98 -15.96
N LEU A 304 -45.10 -34.80 -17.29
CA LEU A 304 -46.24 -34.38 -18.09
C LEU A 304 -47.02 -35.55 -18.69
N ILE A 305 -46.66 -36.78 -18.36
CA ILE A 305 -47.35 -37.96 -18.88
C ILE A 305 -48.44 -38.38 -17.90
N PRO A 306 -49.68 -38.54 -18.35
CA PRO A 306 -50.75 -39.02 -17.45
C PRO A 306 -50.29 -40.22 -16.65
N PRO A 307 -50.57 -40.25 -15.35
CA PRO A 307 -50.01 -41.29 -14.49
C PRO A 307 -50.44 -42.68 -14.91
N SER A 308 -49.52 -43.63 -14.75
CA SER A 308 -49.83 -45.04 -14.90
C SER A 308 -50.35 -45.61 -13.58
N GLU A 309 -50.73 -46.88 -13.61
CA GLU A 309 -51.31 -47.50 -12.43
C GLU A 309 -50.32 -47.53 -11.27
N ASP A 310 -49.12 -48.05 -11.51
CA ASP A 310 -48.14 -48.17 -10.43
C ASP A 310 -47.66 -46.80 -9.97
N LYS A 311 -47.39 -45.91 -10.91
CA LYS A 311 -46.96 -44.56 -10.53
C LYS A 311 -48.04 -43.86 -9.73
N ALA A 312 -49.30 -43.99 -10.15
CA ALA A 312 -50.39 -43.40 -9.38
C ALA A 312 -50.45 -44.00 -7.98
N SER A 313 -50.30 -45.32 -7.86
CA SER A 313 -50.30 -45.93 -6.53
C SER A 313 -49.18 -45.38 -5.67
N LYS A 314 -48.01 -45.13 -6.27
CA LYS A 314 -46.84 -44.67 -5.54
C LYS A 314 -46.89 -43.17 -5.24
N GLY A 315 -48.05 -42.53 -5.42
CA GLY A 315 -48.22 -41.14 -5.07
C GLY A 315 -48.06 -40.15 -6.20
N PHE A 316 -47.65 -40.60 -7.39
CA PHE A 316 -47.49 -39.68 -8.52
C PHE A 316 -48.83 -39.50 -9.22
N PHE A 317 -49.26 -38.24 -9.35
CA PHE A 317 -50.61 -37.98 -9.83
C PHE A 317 -50.64 -36.90 -10.92
N SER A 318 -49.48 -36.39 -11.35
CA SER A 318 -49.40 -35.39 -12.40
C SER A 318 -49.78 -34.01 -11.87
N TYR A 319 -49.94 -33.04 -12.78
CA TYR A 319 -50.22 -31.67 -12.39
C TYR A 319 -51.67 -31.54 -11.95
N ARG A 320 -51.88 -31.13 -10.70
CA ARG A 320 -53.20 -30.89 -10.17
C ARG A 320 -53.17 -29.65 -9.30
N ALA A 321 -54.17 -28.79 -9.46
CA ALA A 321 -54.23 -27.58 -8.66
C ALA A 321 -54.35 -27.91 -7.17
N ASP A 322 -55.13 -28.95 -6.84
CA ASP A 322 -55.29 -29.33 -5.44
C ASP A 322 -53.96 -29.77 -4.83
N ILE A 323 -53.18 -30.56 -5.57
CA ILE A 323 -51.89 -31.01 -5.04
C ILE A 323 -50.95 -29.83 -4.88
N PHE A 324 -50.92 -28.92 -5.85
CA PHE A 324 -50.04 -27.76 -5.77
C PHE A 324 -50.40 -26.89 -4.57
N VAL A 325 -51.70 -26.64 -4.36
CA VAL A 325 -52.13 -25.83 -3.23
C VAL A 325 -51.90 -26.54 -1.91
N GLN A 326 -52.01 -27.86 -1.87
CA GLN A 326 -51.83 -28.59 -0.62
C GLN A 326 -50.37 -28.58 -0.16
N ASN A 327 -49.44 -28.57 -1.10
CA ASN A 327 -48.02 -28.63 -0.77
C ASN A 327 -47.41 -27.27 -0.46
N LEU A 328 -48.21 -26.19 -0.55
CA LEU A 328 -47.68 -24.87 -0.25
C LEU A 328 -47.19 -24.78 1.19
N VAL A 329 -47.97 -25.31 2.13
CA VAL A 329 -47.67 -25.21 3.55
C VAL A 329 -46.70 -26.33 3.94
N PRO A 330 -45.87 -26.14 4.95
CA PRO A 330 -44.94 -27.20 5.36
C PRO A 330 -45.56 -28.18 6.33
N ASP A 331 -45.21 -29.46 6.13
CA ASP A 331 -45.64 -30.55 7.00
C ASP A 331 -44.37 -31.12 7.63
N TRP A 332 -43.93 -30.52 8.74
CA TRP A 332 -42.72 -30.95 9.41
C TRP A 332 -42.92 -32.32 10.05
N ARG A 333 -41.92 -33.20 9.90
CA ARG A 333 -41.97 -34.53 10.49
C ARG A 333 -40.56 -35.00 10.81
N GLY A 334 -40.47 -35.89 11.79
CA GLY A 334 -39.24 -36.59 12.09
C GLY A 334 -38.24 -35.74 12.84
N PRO A 335 -37.07 -36.31 13.14
CA PRO A 335 -36.01 -35.56 13.84
C PRO A 335 -35.43 -34.42 13.03
N ASP A 336 -35.59 -34.44 11.70
CA ASP A 336 -35.10 -33.38 10.85
C ASP A 336 -36.23 -32.47 10.37
N GLY A 337 -37.38 -32.49 11.06
CA GLY A 337 -38.53 -31.72 10.64
C GLY A 337 -38.39 -30.23 10.84
N THR A 338 -37.26 -29.79 11.38
CA THR A 338 -37.02 -28.38 11.64
C THR A 338 -36.59 -27.68 10.36
N PHE A 339 -37.00 -26.41 10.24
CA PHE A 339 -36.62 -25.61 9.08
C PHE A 339 -35.10 -25.48 8.98
N PHE A 340 -34.45 -25.18 10.10
CA PHE A 340 -33.00 -25.01 10.06
C PHE A 340 -32.31 -26.30 9.65
N GLY A 341 -32.90 -27.46 9.96
CA GLY A 341 -32.35 -28.72 9.48
C GLY A 341 -32.34 -28.79 7.96
N MET A 342 -33.46 -28.44 7.34
CA MET A 342 -33.52 -28.40 5.87
C MET A 342 -32.51 -27.42 5.32
N PHE A 343 -32.43 -26.24 5.92
CA PHE A 343 -31.50 -25.23 5.43
C PHE A 343 -30.06 -25.71 5.51
N SER A 344 -29.69 -26.36 6.62
CA SER A 344 -28.33 -26.85 6.77
C SER A 344 -28.05 -27.98 5.80
N ILE A 345 -29.04 -28.84 5.54
CA ILE A 345 -28.83 -29.91 4.57
C ILE A 345 -28.64 -29.34 3.17
N PHE A 346 -29.36 -28.29 2.83
CA PHE A 346 -29.26 -27.72 1.49
C PHE A 346 -28.03 -26.85 1.28
N PHE A 347 -27.62 -26.09 2.30
CA PHE A 347 -26.63 -25.04 2.07
C PHE A 347 -25.31 -25.56 1.50
N PRO A 348 -24.68 -26.58 2.06
CA PRO A 348 -23.41 -27.05 1.49
C PRO A 348 -23.52 -27.47 0.04
N SER A 349 -24.65 -28.05 -0.36
CA SER A 349 -24.78 -28.55 -1.72
C SER A 349 -24.71 -27.46 -2.77
N ALA A 350 -25.07 -26.23 -2.43
CA ALA A 350 -25.17 -25.17 -3.42
C ALA A 350 -24.17 -24.06 -3.17
N THR A 351 -22.91 -24.42 -2.88
CA THR A 351 -21.86 -23.45 -2.64
C THR A 351 -20.62 -23.63 -3.50
N GLY A 352 -20.53 -24.70 -4.29
CA GLY A 352 -19.35 -24.94 -5.09
C GLY A 352 -19.25 -23.99 -6.27
N ILE A 353 -19.15 -22.68 -6.00
CA ILE A 353 -19.24 -21.67 -7.04
C ILE A 353 -17.89 -21.21 -7.55
N LEU A 354 -16.79 -21.72 -7.00
CA LEU A 354 -15.45 -21.32 -7.42
C LEU A 354 -14.79 -22.34 -8.35
N ALA A 355 -15.55 -23.28 -8.89
CA ALA A 355 -14.97 -24.27 -9.79
C ALA A 355 -14.34 -23.60 -11.01
N GLY A 356 -15.03 -22.62 -11.60
CA GLY A 356 -14.50 -21.95 -12.77
C GLY A 356 -13.26 -21.12 -12.47
N ALA A 357 -13.31 -20.36 -11.38
CA ALA A 357 -12.18 -19.49 -11.05
C ALA A 357 -10.93 -20.27 -10.71
N ASN A 358 -11.10 -21.46 -10.11
CA ASN A 358 -9.96 -22.22 -9.62
C ASN A 358 -9.05 -22.72 -10.72
N ILE A 359 -9.47 -22.64 -11.98
CA ILE A 359 -8.62 -23.03 -13.10
C ILE A 359 -8.34 -21.81 -13.97
N SER A 360 -8.38 -20.62 -13.38
CA SER A 360 -8.17 -19.39 -14.13
C SER A 360 -6.87 -19.39 -14.91
N GLY A 361 -5.94 -20.29 -14.61
CA GLY A 361 -4.72 -20.37 -15.39
C GLY A 361 -4.99 -20.68 -16.85
N ASP A 362 -5.96 -21.56 -17.12
CA ASP A 362 -6.28 -22.00 -18.48
C ASP A 362 -7.46 -21.25 -19.07
N LEU A 363 -7.71 -20.02 -18.62
CA LEU A 363 -8.81 -19.21 -19.11
C LEU A 363 -8.31 -18.29 -20.22
N LYS A 364 -9.04 -18.27 -21.34
CA LYS A 364 -8.64 -17.40 -22.44
C LYS A 364 -8.51 -15.96 -21.99
N ASP A 365 -9.39 -15.51 -21.10
CA ASP A 365 -9.36 -14.17 -20.54
C ASP A 365 -10.10 -14.16 -19.22
N PRO A 366 -9.43 -14.46 -18.11
CA PRO A 366 -10.17 -14.59 -16.83
C PRO A 366 -10.97 -13.35 -16.46
N ALA A 367 -10.43 -12.16 -16.72
CA ALA A 367 -11.06 -10.94 -16.25
C ALA A 367 -12.48 -10.77 -16.78
N ILE A 368 -12.81 -11.38 -17.92
CA ILE A 368 -14.15 -11.28 -18.47
C ILE A 368 -14.90 -12.61 -18.43
N ALA A 369 -14.21 -13.73 -18.23
CA ALA A 369 -14.88 -15.02 -18.21
C ALA A 369 -15.29 -15.46 -16.82
N ILE A 370 -14.61 -14.99 -15.78
CA ILE A 370 -14.92 -15.42 -14.42
C ILE A 370 -16.22 -14.77 -13.95
N PRO A 371 -16.32 -13.44 -13.93
CA PRO A 371 -17.52 -12.80 -13.37
C PRO A 371 -18.79 -13.26 -14.06
N LYS A 372 -18.87 -13.05 -15.37
CA LYS A 372 -20.10 -13.35 -16.11
C LYS A 372 -20.42 -14.84 -16.04
N GLY A 373 -19.41 -15.69 -16.23
CA GLY A 373 -19.66 -17.12 -16.19
C GLY A 373 -20.18 -17.58 -14.84
N THR A 374 -19.56 -17.11 -13.75
CA THR A 374 -19.99 -17.52 -12.43
C THR A 374 -21.39 -17.02 -12.12
N LEU A 375 -21.69 -15.77 -12.46
CA LEU A 375 -23.03 -15.24 -12.20
C LEU A 375 -24.08 -16.01 -13.00
N MET A 376 -23.78 -16.34 -14.26
CA MET A 376 -24.73 -17.09 -15.07
C MET A 376 -24.92 -18.51 -14.53
N ALA A 377 -23.84 -19.14 -14.08
CA ALA A 377 -23.96 -20.47 -13.49
C ALA A 377 -24.85 -20.42 -12.25
N ILE A 378 -24.63 -19.43 -11.38
CA ILE A 378 -25.47 -19.32 -10.19
C ILE A 378 -26.92 -19.13 -10.58
N PHE A 379 -27.19 -18.25 -11.54
CA PHE A 379 -28.56 -17.98 -11.96
C PHE A 379 -29.23 -19.25 -12.50
N TRP A 380 -28.53 -19.98 -13.37
CA TRP A 380 -29.13 -21.16 -13.98
C TRP A 380 -29.38 -22.25 -12.95
N THR A 381 -28.44 -22.47 -12.02
CA THR A 381 -28.68 -23.46 -10.97
C THR A 381 -29.86 -23.05 -10.09
N THR A 382 -29.97 -21.77 -9.75
CA THR A 382 -31.08 -21.33 -8.93
C THR A 382 -32.41 -21.57 -9.64
N ILE A 383 -32.47 -21.23 -10.93
CA ILE A 383 -33.70 -21.45 -11.68
C ILE A 383 -34.02 -22.94 -11.75
N SER A 384 -33.00 -23.78 -11.92
CA SER A 384 -33.23 -25.22 -11.98
C SER A 384 -33.82 -25.73 -10.67
N TYR A 385 -33.25 -25.30 -9.54
CA TYR A 385 -33.77 -25.73 -8.25
C TYR A 385 -35.20 -25.27 -8.06
N LEU A 386 -35.48 -24.01 -8.40
CA LEU A 386 -36.84 -23.49 -8.22
C LEU A 386 -37.84 -24.25 -9.08
N ALA A 387 -37.48 -24.49 -10.34
CA ALA A 387 -38.39 -25.20 -11.24
C ALA A 387 -38.62 -26.63 -10.76
N ILE A 388 -37.56 -27.31 -10.32
CA ILE A 388 -37.72 -28.69 -9.87
C ILE A 388 -38.63 -28.74 -8.65
N SER A 389 -38.40 -27.85 -7.68
CA SER A 389 -39.27 -27.81 -6.50
C SER A 389 -40.71 -27.57 -6.91
N ALA A 390 -40.95 -26.56 -7.75
CA ALA A 390 -42.31 -26.23 -8.15
C ALA A 390 -42.99 -27.41 -8.82
N THR A 391 -42.33 -28.01 -9.82
CA THR A 391 -42.96 -29.10 -10.56
C THR A 391 -43.20 -30.32 -9.68
N ILE A 392 -42.17 -30.78 -8.98
CA ILE A 392 -42.32 -31.99 -8.18
C ILE A 392 -43.34 -31.82 -7.07
N GLY A 393 -43.45 -30.61 -6.49
CA GLY A 393 -44.47 -30.38 -5.51
C GLY A 393 -45.87 -30.36 -6.07
N SER A 394 -46.02 -30.21 -7.38
CA SER A 394 -47.32 -30.13 -8.03
C SER A 394 -47.78 -31.44 -8.64
N CYS A 395 -47.00 -32.51 -8.51
CA CYS A 395 -47.36 -33.80 -9.11
C CYS A 395 -47.54 -34.92 -8.12
N VAL A 396 -46.72 -34.95 -7.06
CA VAL A 396 -46.67 -36.08 -6.14
C VAL A 396 -47.28 -35.65 -4.81
N VAL A 397 -48.17 -36.48 -4.27
CA VAL A 397 -48.70 -36.24 -2.94
C VAL A 397 -47.69 -36.68 -1.89
N ARG A 398 -47.79 -36.08 -0.69
CA ARG A 398 -46.78 -36.30 0.32
C ARG A 398 -46.70 -37.76 0.74
N ASP A 399 -47.86 -38.41 0.91
CA ASP A 399 -47.92 -39.78 1.42
C ASP A 399 -48.71 -40.65 0.44
N ALA A 400 -48.23 -41.86 0.20
CA ALA A 400 -48.87 -42.79 -0.71
C ALA A 400 -48.49 -44.21 -0.33
N SER A 401 -49.41 -45.15 -0.58
CA SER A 401 -49.20 -46.53 -0.19
C SER A 401 -48.30 -47.26 -1.19
N GLY A 402 -48.66 -47.22 -2.46
CA GLY A 402 -47.91 -47.91 -3.49
C GLY A 402 -48.44 -49.28 -3.87
N VAL A 403 -49.29 -49.88 -3.04
CA VAL A 403 -49.87 -51.19 -3.33
C VAL A 403 -51.08 -51.01 -4.23
N LEU A 404 -51.15 -51.84 -5.28
CA LEU A 404 -52.19 -51.67 -6.28
C LEU A 404 -53.58 -51.96 -5.72
N ASN A 405 -53.65 -52.73 -4.63
CA ASN A 405 -54.94 -53.10 -4.06
C ASN A 405 -55.65 -51.89 -3.47
N ASP A 406 -54.95 -50.77 -3.35
CA ASP A 406 -55.52 -49.57 -2.74
C ASP A 406 -56.52 -48.85 -3.64
N THR A 407 -56.96 -49.46 -4.74
CA THR A 407 -57.98 -48.85 -5.59
C THR A 407 -59.20 -48.46 -4.77
N VAL A 408 -60.00 -47.52 -5.27
CA VAL A 408 -61.14 -46.98 -4.54
C VAL A 408 -62.41 -47.59 -5.12
N THR A 409 -63.20 -48.24 -4.26
CA THR A 409 -64.48 -48.81 -4.61
C THR A 409 -65.55 -48.27 -3.66
N PRO A 410 -66.78 -48.15 -4.13
CA PRO A 410 -67.82 -47.52 -3.29
C PRO A 410 -68.03 -48.29 -2.00
N GLY A 411 -68.25 -47.54 -0.92
CA GLY A 411 -68.41 -48.15 0.39
C GLY A 411 -67.13 -48.59 1.05
N TRP A 412 -66.32 -49.38 0.33
CA TRP A 412 -65.08 -49.90 0.91
C TRP A 412 -64.11 -48.77 1.23
N GLY A 413 -63.53 -48.83 2.42
CA GLY A 413 -62.54 -47.85 2.83
C GLY A 413 -63.15 -46.51 3.23
N ALA A 414 -62.27 -45.58 3.53
CA ALA A 414 -62.66 -44.23 3.94
C ALA A 414 -61.57 -43.27 3.51
N CYS A 415 -61.96 -42.05 3.17
CA CYS A 415 -61.04 -41.04 2.65
C CYS A 415 -60.87 -39.89 3.63
N GLU A 416 -59.64 -39.40 3.72
CA GLU A 416 -59.33 -38.11 4.32
C GLU A 416 -58.61 -37.28 3.26
N GLY A 417 -59.03 -36.03 3.11
CA GLY A 417 -58.54 -35.21 2.03
C GLY A 417 -59.37 -35.38 0.78
N LEU A 418 -58.69 -35.33 -0.37
CA LEU A 418 -59.36 -35.48 -1.67
C LEU A 418 -58.60 -36.39 -2.62
N ALA A 419 -57.63 -37.17 -2.12
CA ALA A 419 -56.88 -38.06 -3.01
C ALA A 419 -57.81 -39.02 -3.73
N CYS A 420 -58.83 -39.54 -3.01
CA CYS A 420 -59.76 -40.48 -3.63
C CYS A 420 -60.49 -39.87 -4.82
N SER A 421 -60.51 -38.54 -4.93
CA SER A 421 -61.09 -37.93 -6.12
C SER A 421 -60.48 -38.49 -7.38
N TYR A 422 -59.18 -38.81 -7.34
CA TYR A 422 -58.52 -39.51 -8.43
C TYR A 422 -58.55 -41.02 -8.24
N GLY A 423 -59.52 -41.55 -7.50
CA GLY A 423 -59.70 -42.98 -7.33
C GLY A 423 -58.61 -43.69 -6.57
N TRP A 424 -58.16 -43.13 -5.45
CA TRP A 424 -57.14 -43.79 -4.65
C TRP A 424 -57.37 -43.46 -3.18
N ASN A 425 -57.27 -44.48 -2.33
CA ASN A 425 -57.49 -44.35 -0.89
C ASN A 425 -56.19 -44.68 -0.16
N PHE A 426 -55.74 -43.76 0.68
CA PHE A 426 -54.49 -43.92 1.43
C PHE A 426 -54.69 -43.80 2.93
N THR A 427 -55.93 -43.83 3.41
CA THR A 427 -56.18 -43.69 4.85
C THR A 427 -55.51 -44.79 5.65
N GLU A 428 -55.48 -46.01 5.10
CA GLU A 428 -54.95 -47.15 5.82
C GLU A 428 -53.52 -46.90 6.28
N CYS A 429 -52.88 -45.86 5.72
CA CYS A 429 -51.57 -45.41 6.15
C CYS A 429 -51.61 -44.11 6.93
N THR A 430 -52.13 -43.04 6.32
CA THR A 430 -52.17 -41.74 6.98
C THR A 430 -52.78 -41.80 8.37
N GLN A 431 -53.49 -42.88 8.68
CA GLN A 431 -53.80 -43.18 10.08
C GLN A 431 -52.61 -43.82 10.78
N GLN A 432 -52.03 -44.86 10.16
CA GLN A 432 -50.93 -45.59 10.77
C GLN A 432 -49.57 -44.96 10.50
N HIS A 433 -49.45 -44.11 9.48
CA HIS A 433 -48.17 -43.52 9.09
C HIS A 433 -47.14 -44.60 8.76
N SER A 434 -47.48 -45.50 7.83
CA SER A 434 -46.69 -46.71 7.63
C SER A 434 -46.03 -46.80 6.26
N CYS A 435 -46.79 -46.69 5.16
CA CYS A 435 -46.24 -47.04 3.86
C CYS A 435 -45.14 -46.07 3.46
N HIS A 436 -44.43 -46.38 2.38
CA HIS A 436 -43.12 -45.80 2.15
C HIS A 436 -43.09 -44.79 1.00
N TYR A 437 -44.20 -44.61 0.29
CA TYR A 437 -44.21 -43.81 -0.92
C TYR A 437 -44.83 -42.44 -0.65
N GLY A 438 -44.69 -41.55 -1.62
CA GLY A 438 -45.05 -40.15 -1.45
C GLY A 438 -43.84 -39.25 -1.50
N LEU A 439 -44.12 -37.96 -1.46
CA LEU A 439 -43.05 -36.97 -1.55
C LEU A 439 -42.28 -36.80 -0.26
N ILE A 440 -42.77 -37.35 0.85
CA ILE A 440 -42.14 -37.16 2.16
C ILE A 440 -41.47 -38.42 2.69
N ASN A 441 -41.72 -39.58 2.10
CA ASN A 441 -41.14 -40.83 2.59
C ASN A 441 -40.37 -41.59 1.53
N TYR A 442 -40.24 -41.06 0.32
CA TYR A 442 -39.59 -41.77 -0.78
C TYR A 442 -38.52 -40.86 -1.37
N TYR A 443 -37.25 -41.16 -1.06
CA TYR A 443 -36.15 -40.34 -1.56
C TYR A 443 -36.02 -40.46 -3.07
N GLN A 444 -36.26 -41.66 -3.62
CA GLN A 444 -36.18 -41.88 -5.05
C GLN A 444 -37.45 -41.44 -5.80
N THR A 445 -38.27 -40.60 -5.20
CA THR A 445 -39.49 -40.15 -5.87
C THR A 445 -39.19 -39.47 -7.18
N MET A 446 -38.07 -38.74 -7.24
CA MET A 446 -37.69 -38.08 -8.48
C MET A 446 -37.45 -39.10 -9.59
N SER A 447 -36.79 -40.20 -9.28
CA SER A 447 -36.54 -41.24 -10.28
C SER A 447 -37.84 -41.86 -10.77
N MET A 448 -38.79 -42.11 -9.87
CA MET A 448 -40.02 -42.77 -10.26
C MET A 448 -40.91 -41.85 -11.08
N VAL A 449 -41.01 -40.58 -10.68
CA VAL A 449 -41.82 -39.64 -11.45
C VAL A 449 -41.26 -39.45 -12.85
N SER A 450 -39.95 -39.63 -13.03
CA SER A 450 -39.34 -39.43 -14.34
C SER A 450 -39.88 -40.44 -15.34
N GLY A 451 -39.45 -40.27 -16.60
CA GLY A 451 -39.89 -41.18 -17.64
C GLY A 451 -39.08 -42.47 -17.69
N PHE A 452 -37.89 -42.47 -17.10
CA PHE A 452 -37.04 -43.65 -17.10
C PHE A 452 -36.02 -43.55 -15.97
N ALA A 453 -36.09 -44.50 -15.04
CA ALA A 453 -35.17 -44.50 -13.91
C ALA A 453 -33.71 -44.53 -14.32
N PRO A 454 -33.30 -45.34 -15.31
CA PRO A 454 -31.88 -45.36 -15.69
C PRO A 454 -31.34 -43.99 -16.07
N LEU A 455 -32.14 -43.14 -16.69
CA LEU A 455 -31.66 -41.81 -17.04
C LEU A 455 -31.40 -40.98 -15.78
N ILE A 456 -32.26 -41.11 -14.77
CA ILE A 456 -32.02 -40.43 -13.50
C ILE A 456 -30.75 -40.95 -12.85
N THR A 457 -30.53 -42.27 -12.90
CA THR A 457 -29.31 -42.82 -12.33
C THR A 457 -28.08 -42.31 -13.07
N ALA A 458 -28.16 -42.21 -14.40
CA ALA A 458 -27.06 -41.65 -15.16
C ALA A 458 -26.81 -40.19 -14.80
N GLY A 459 -27.88 -39.41 -14.61
CA GLY A 459 -27.71 -38.04 -14.18
C GLY A 459 -27.06 -37.94 -12.82
N ILE A 460 -27.44 -38.81 -11.89
CA ILE A 460 -26.81 -38.83 -10.57
C ILE A 460 -25.32 -39.13 -10.71
N PHE A 461 -24.99 -40.16 -11.49
CA PHE A 461 -23.59 -40.50 -11.71
C PHE A 461 -22.83 -39.30 -12.28
N GLY A 462 -23.41 -38.64 -13.28
CA GLY A 462 -22.76 -37.50 -13.88
C GLY A 462 -22.53 -36.38 -12.88
N ALA A 463 -23.54 -36.08 -12.07
CA ALA A 463 -23.40 -35.01 -11.10
C ALA A 463 -22.29 -35.31 -10.10
N THR A 464 -22.31 -36.51 -9.51
CA THR A 464 -21.27 -36.85 -8.54
C THR A 464 -19.88 -36.84 -9.17
N LEU A 465 -19.75 -37.45 -10.35
CA LEU A 465 -18.44 -37.53 -10.99
C LEU A 465 -17.94 -36.14 -11.37
N SER A 466 -18.81 -35.28 -11.88
CA SER A 466 -18.40 -33.93 -12.24
C SER A 466 -17.94 -33.15 -11.02
N SER A 467 -18.69 -33.25 -9.92
CA SER A 467 -18.27 -32.57 -8.70
C SER A 467 -16.91 -33.07 -8.23
N ALA A 468 -16.71 -34.39 -8.25
CA ALA A 468 -15.45 -34.95 -7.78
C ALA A 468 -14.29 -34.50 -8.67
N LEU A 469 -14.47 -34.55 -9.98
CA LEU A 469 -13.39 -34.17 -10.89
C LEU A 469 -13.06 -32.69 -10.76
N ALA A 470 -14.08 -31.85 -10.63
CA ALA A 470 -13.82 -30.42 -10.44
C ALA A 470 -13.08 -30.19 -9.13
N CYS A 471 -13.47 -30.87 -8.07
CA CYS A 471 -12.76 -30.72 -6.80
C CYS A 471 -11.31 -31.13 -6.94
N LEU A 472 -11.05 -32.25 -7.62
CA LEU A 472 -9.67 -32.71 -7.78
C LEU A 472 -8.85 -31.69 -8.54
N VAL A 473 -9.36 -31.21 -9.68
CA VAL A 473 -8.61 -30.25 -10.48
C VAL A 473 -8.34 -28.98 -9.69
N SER A 474 -9.37 -28.46 -9.02
CA SER A 474 -9.22 -27.20 -8.29
C SER A 474 -8.20 -27.35 -7.18
N ALA A 475 -8.29 -28.44 -6.41
CA ALA A 475 -7.35 -28.66 -5.33
C ALA A 475 -5.93 -28.76 -5.86
N ALA A 476 -5.74 -29.52 -6.93
CA ALA A 476 -4.40 -29.69 -7.47
C ALA A 476 -3.82 -28.35 -7.91
N LYS A 477 -4.60 -27.54 -8.61
CA LYS A 477 -4.05 -26.30 -9.15
C LYS A 477 -3.81 -25.28 -8.04
N VAL A 478 -4.72 -25.19 -7.07
CA VAL A 478 -4.52 -24.26 -5.96
C VAL A 478 -3.29 -24.65 -5.16
N PHE A 479 -3.11 -25.95 -4.90
CA PHE A 479 -1.91 -26.38 -4.19
C PHE A 479 -0.66 -26.11 -5.01
N GLN A 480 -0.74 -26.28 -6.32
CA GLN A 480 0.41 -25.99 -7.17
C GLN A 480 0.81 -24.52 -7.07
N CYS A 481 -0.18 -23.63 -7.12
CA CYS A 481 0.13 -22.20 -6.96
C CYS A 481 0.70 -21.91 -5.57
N LEU A 482 0.12 -22.52 -4.54
CA LEU A 482 0.67 -22.37 -3.19
C LEU A 482 2.14 -22.74 -3.15
N CYS A 483 2.48 -23.93 -3.65
CA CYS A 483 3.87 -24.39 -3.61
C CYS A 483 4.76 -23.47 -4.43
N GLU A 484 4.29 -23.03 -5.59
CA GLU A 484 5.06 -22.08 -6.40
C GLU A 484 5.33 -20.81 -5.62
N ASP A 485 4.39 -20.43 -4.75
CA ASP A 485 4.56 -19.22 -3.93
C ASP A 485 5.56 -19.43 -2.79
N GLN A 486 5.86 -20.69 -2.46
CA GLN A 486 6.87 -21.03 -1.46
C GLN A 486 6.72 -20.23 -0.17
N LEU A 487 5.50 -20.18 0.36
CA LEU A 487 5.32 -19.63 1.70
C LEU A 487 5.67 -20.65 2.78
N TYR A 488 5.28 -21.91 2.58
CA TYR A 488 5.43 -22.97 3.55
C TYR A 488 6.72 -23.75 3.31
N PRO A 489 7.28 -24.36 4.35
CA PRO A 489 8.62 -24.96 4.21
C PRO A 489 8.66 -26.28 3.47
N LEU A 490 7.62 -27.11 3.59
CA LEU A 490 7.67 -28.49 3.12
C LEU A 490 6.61 -28.76 2.07
N ILE A 491 6.47 -27.86 1.10
CA ILE A 491 5.55 -28.06 0.00
C ILE A 491 6.24 -27.71 -1.32
N GLY A 492 7.49 -27.25 -1.24
CA GLY A 492 8.19 -26.84 -2.44
C GLY A 492 8.26 -27.94 -3.49
N PHE A 493 8.49 -29.18 -3.04
CA PHE A 493 8.62 -30.29 -3.98
C PHE A 493 7.39 -30.38 -4.87
N PHE A 494 6.20 -30.35 -4.27
CA PHE A 494 4.98 -30.57 -5.03
C PHE A 494 4.66 -29.44 -5.99
N GLY A 495 5.32 -28.29 -5.86
CA GLY A 495 5.00 -27.16 -6.74
C GLY A 495 5.36 -27.40 -8.18
N LYS A 496 6.54 -27.96 -8.43
CA LYS A 496 7.03 -28.09 -9.80
C LYS A 496 6.04 -28.85 -10.67
N GLY A 497 5.87 -28.39 -11.90
CA GLY A 497 4.95 -29.03 -12.82
C GLY A 497 5.65 -29.74 -13.95
N TYR A 498 5.30 -31.00 -14.17
CA TYR A 498 5.92 -31.78 -15.23
C TYR A 498 5.24 -31.53 -16.57
N GLY A 499 5.94 -31.94 -17.64
CA GLY A 499 5.39 -31.86 -18.97
C GLY A 499 5.25 -30.43 -19.47
N LYS A 500 4.31 -30.25 -20.39
CA LYS A 500 3.99 -28.95 -20.96
C LYS A 500 2.68 -28.45 -20.38
N ASN A 501 2.50 -27.12 -20.43
CA ASN A 501 1.33 -26.48 -19.85
C ASN A 501 1.25 -26.80 -18.36
N LYS A 502 2.26 -26.35 -17.62
CA LYS A 502 2.42 -26.63 -16.20
C LYS A 502 2.18 -28.09 -15.87
N GLU A 503 0.94 -28.55 -15.99
CA GLU A 503 0.60 -29.95 -15.70
C GLU A 503 1.17 -30.37 -14.36
N PRO A 504 0.58 -29.94 -13.24
CA PRO A 504 1.16 -30.25 -11.93
C PRO A 504 0.98 -31.71 -11.55
N VAL A 505 1.83 -32.58 -12.08
CA VAL A 505 1.68 -34.02 -11.87
C VAL A 505 1.85 -34.37 -10.40
N ARG A 506 2.86 -33.79 -9.74
CA ARG A 506 3.09 -34.13 -8.34
C ARG A 506 1.89 -33.78 -7.47
N GLY A 507 1.32 -32.59 -7.69
CA GLY A 507 0.13 -32.21 -6.94
C GLY A 507 -1.05 -33.13 -7.23
N TYR A 508 -1.21 -33.50 -8.50
CA TYR A 508 -2.29 -34.42 -8.86
C TYR A 508 -2.14 -35.74 -8.13
N LEU A 509 -0.93 -36.29 -8.12
CA LEU A 509 -0.70 -37.56 -7.44
C LEU A 509 -0.93 -37.44 -5.95
N LEU A 510 -0.47 -36.35 -5.34
CA LEU A 510 -0.69 -36.17 -3.90
C LEU A 510 -2.18 -36.06 -3.58
N ALA A 511 -2.92 -35.30 -4.39
CA ALA A 511 -4.36 -35.16 -4.15
C ALA A 511 -5.06 -36.49 -4.32
N TYR A 512 -4.68 -37.27 -5.33
CA TYR A 512 -5.27 -38.59 -5.51
C TYR A 512 -4.96 -39.50 -4.31
N ALA A 513 -3.72 -39.47 -3.83
CA ALA A 513 -3.36 -40.28 -2.68
C ALA A 513 -4.17 -39.89 -1.45
N ILE A 514 -4.31 -38.59 -1.20
CA ILE A 514 -5.09 -38.13 -0.07
C ILE A 514 -6.55 -38.56 -0.22
N ALA A 515 -7.09 -38.44 -1.43
CA ALA A 515 -8.48 -38.83 -1.66
C ALA A 515 -8.68 -40.31 -1.40
N VAL A 516 -7.76 -41.15 -1.87
CA VAL A 516 -7.93 -42.59 -1.67
C VAL A 516 -7.77 -42.94 -0.20
N ALA A 517 -6.83 -42.31 0.49
CA ALA A 517 -6.64 -42.59 1.91
C ALA A 517 -7.85 -42.16 2.73
N PHE A 518 -8.48 -41.03 2.36
CA PHE A 518 -9.66 -40.58 3.07
C PHE A 518 -10.91 -41.35 2.68
N ILE A 519 -10.94 -41.93 1.49
CA ILE A 519 -12.07 -42.74 1.07
C ILE A 519 -12.02 -44.16 1.63
N ILE A 520 -10.81 -44.67 1.91
CA ILE A 520 -10.72 -45.99 2.53
C ILE A 520 -11.49 -46.01 3.84
N ILE A 521 -11.44 -44.91 4.59
CA ILE A 521 -12.21 -44.84 5.84
C ILE A 521 -13.70 -44.97 5.55
N ALA A 522 -14.21 -44.21 4.59
CA ALA A 522 -15.63 -44.13 4.25
C ALA A 522 -16.46 -43.51 5.37
N GLU A 523 -15.86 -43.16 6.51
CA GLU A 523 -16.53 -42.50 7.61
C GLU A 523 -16.35 -41.00 7.41
N LEU A 524 -17.29 -40.39 6.68
CA LEU A 524 -17.16 -38.99 6.29
C LEU A 524 -18.15 -38.07 7.01
N ASN A 525 -19.21 -38.62 7.60
CA ASN A 525 -20.20 -37.78 8.26
C ASN A 525 -19.63 -37.06 9.49
N THR A 526 -18.58 -37.61 10.10
CA THR A 526 -17.92 -36.92 11.19
C THR A 526 -16.86 -35.93 10.71
N ILE A 527 -16.64 -35.85 9.39
CA ILE A 527 -15.62 -34.99 8.82
C ILE A 527 -16.21 -33.97 7.86
N ALA A 528 -17.40 -34.21 7.32
CA ALA A 528 -17.96 -33.30 6.31
C ALA A 528 -18.18 -31.89 6.84
N PRO A 529 -18.78 -31.68 8.01
CA PRO A 529 -19.00 -30.30 8.48
C PRO A 529 -17.72 -29.52 8.63
N ILE A 530 -16.61 -30.17 8.96
CA ILE A 530 -15.33 -29.46 9.03
C ILE A 530 -14.99 -28.86 7.68
N ILE A 531 -15.15 -29.64 6.60
CA ILE A 531 -14.86 -29.15 5.27
C ILE A 531 -15.84 -28.05 4.87
N SER A 532 -17.11 -28.22 5.19
CA SER A 532 -18.09 -27.18 4.88
C SER A 532 -17.73 -25.87 5.57
N ASN A 533 -17.32 -25.95 6.83
CA ASN A 533 -16.92 -24.76 7.57
C ASN A 533 -15.62 -24.18 7.00
N PHE A 534 -14.72 -25.03 6.51
CA PHE A 534 -13.52 -24.53 5.83
C PHE A 534 -13.89 -23.68 4.63
N PHE A 535 -14.83 -24.18 3.82
CA PHE A 535 -15.25 -23.43 2.64
C PHE A 535 -15.99 -22.15 3.03
N LEU A 536 -16.74 -22.20 4.13
CA LEU A 536 -17.34 -20.97 4.65
C LEU A 536 -16.27 -19.97 5.06
N CYS A 537 -15.18 -20.45 5.69
CA CYS A 537 -14.08 -19.57 6.03
C CYS A 537 -13.47 -18.93 4.78
N SER A 538 -13.28 -19.73 3.74
CA SER A 538 -12.76 -19.19 2.49
C SER A 538 -13.69 -18.15 1.89
N TYR A 539 -15.01 -18.40 1.94
CA TYR A 539 -15.96 -17.41 1.44
C TYR A 539 -15.90 -16.13 2.25
N ALA A 540 -15.83 -16.24 3.57
CA ALA A 540 -15.70 -15.06 4.41
C ALA A 540 -14.44 -14.27 4.05
N LEU A 541 -13.33 -14.97 3.83
CA LEU A 541 -12.09 -14.28 3.50
C LEU A 541 -12.14 -13.66 2.11
N ILE A 542 -12.79 -14.29 1.15
CA ILE A 542 -12.95 -13.68 -0.18
C ILE A 542 -13.76 -12.40 -0.08
N ASN A 543 -14.90 -12.47 0.61
CA ASN A 543 -15.74 -11.29 0.75
C ASN A 543 -15.01 -10.19 1.51
N PHE A 544 -14.26 -10.54 2.54
CA PHE A 544 -13.55 -9.52 3.30
C PHE A 544 -12.39 -8.95 2.51
N SER A 545 -11.76 -9.76 1.67
CA SER A 545 -10.73 -9.22 0.79
C SER A 545 -11.33 -8.18 -0.14
N CYS A 546 -12.48 -8.49 -0.73
CA CYS A 546 -13.15 -7.50 -1.57
C CYS A 546 -13.48 -6.23 -0.79
N PHE A 547 -14.07 -6.38 0.39
CA PHE A 547 -14.47 -5.22 1.18
C PHE A 547 -13.26 -4.40 1.61
N HIS A 548 -12.19 -5.07 2.04
CA HIS A 548 -10.99 -4.36 2.48
C HIS A 548 -10.35 -3.61 1.33
N ALA A 549 -10.26 -4.24 0.16
CA ALA A 549 -9.72 -3.55 -1.00
C ALA A 549 -10.57 -2.33 -1.35
N SER A 550 -11.89 -2.47 -1.29
CA SER A 550 -12.76 -1.36 -1.66
C SER A 550 -12.66 -0.21 -0.66
N ILE A 551 -12.64 -0.53 0.64
CA ILE A 551 -12.59 0.52 1.65
C ILE A 551 -11.22 1.21 1.64
N THR A 552 -10.14 0.45 1.46
CA THR A 552 -8.82 1.04 1.41
C THR A 552 -8.72 2.06 0.27
N ASN A 553 -9.31 1.74 -0.88
CA ASN A 553 -9.41 2.68 -1.99
C ASN A 553 -8.03 3.02 -2.56
N SER A 554 -7.14 2.05 -2.58
CA SER A 554 -5.80 2.28 -3.07
C SER A 554 -5.85 2.68 -4.55
N PRO A 555 -4.88 3.49 -5.00
CA PRO A 555 -4.86 3.86 -6.42
C PRO A 555 -4.77 2.67 -7.34
N GLY A 556 -4.12 1.59 -6.92
CA GLY A 556 -4.05 0.40 -7.73
C GLY A 556 -5.34 -0.41 -7.78
N TRP A 557 -6.28 -0.12 -6.90
CA TRP A 557 -7.55 -0.85 -6.87
C TRP A 557 -8.47 -0.22 -7.91
N ARG A 558 -8.38 -0.74 -9.14
CA ARG A 558 -9.11 -0.22 -10.29
C ARG A 558 -9.79 -1.40 -10.97
N PRO A 559 -10.83 -1.97 -10.38
CA PRO A 559 -11.41 -3.20 -10.92
C PRO A 559 -12.46 -2.92 -11.98
N SER A 560 -12.38 -3.70 -13.07
CA SER A 560 -13.31 -3.52 -14.19
C SER A 560 -14.74 -3.78 -13.75
N PHE A 561 -14.98 -4.85 -13.01
CA PHE A 561 -16.31 -5.12 -12.48
C PHE A 561 -16.71 -4.02 -11.52
N GLN A 562 -17.89 -3.43 -11.74
CA GLN A 562 -18.36 -2.33 -10.93
C GLN A 562 -19.77 -2.55 -10.40
N TYR A 563 -20.24 -3.79 -10.33
CA TYR A 563 -21.56 -4.10 -9.80
C TYR A 563 -21.49 -4.73 -8.41
N TYR A 564 -20.45 -4.42 -7.65
CA TYR A 564 -20.26 -4.95 -6.31
C TYR A 564 -20.58 -3.86 -5.28
N ASN A 565 -20.38 -4.18 -4.01
CA ASN A 565 -20.59 -3.23 -2.93
C ASN A 565 -19.72 -3.64 -1.75
N LYS A 566 -18.95 -2.69 -1.23
CA LYS A 566 -18.14 -2.99 -0.05
C LYS A 566 -19.01 -3.40 1.11
N TRP A 567 -20.13 -2.70 1.32
CA TRP A 567 -21.06 -3.09 2.37
C TRP A 567 -21.65 -4.46 2.11
N ALA A 568 -21.99 -4.76 0.86
CA ALA A 568 -22.50 -6.08 0.53
C ALA A 568 -21.44 -7.16 0.79
N ALA A 569 -20.19 -6.88 0.45
CA ALA A 569 -19.12 -7.85 0.71
C ALA A 569 -18.93 -8.07 2.20
N LEU A 570 -18.98 -6.99 3.00
CA LEU A 570 -18.87 -7.13 4.44
C LEU A 570 -20.03 -7.93 5.01
N PHE A 571 -21.24 -7.65 4.52
CA PHE A 571 -22.40 -8.42 4.95
C PHE A 571 -22.25 -9.89 4.60
N GLY A 572 -21.75 -10.18 3.40
CA GLY A 572 -21.54 -11.56 3.01
C GLY A 572 -20.51 -12.26 3.89
N ALA A 573 -19.42 -11.56 4.20
CA ALA A 573 -18.39 -12.15 5.07
C ALA A 573 -18.95 -12.44 6.46
N ILE A 574 -19.64 -11.46 7.05
CA ILE A 574 -20.21 -11.66 8.38
C ILE A 574 -21.21 -12.80 8.37
N ILE A 575 -22.05 -12.85 7.33
CA ILE A 575 -23.04 -13.90 7.24
C ILE A 575 -22.37 -15.26 7.07
N SER A 576 -21.27 -15.31 6.31
CA SER A 576 -20.54 -16.57 6.18
C SER A 576 -20.06 -17.06 7.53
N VAL A 577 -19.48 -16.16 8.33
CA VAL A 577 -18.99 -16.58 9.64
C VAL A 577 -20.15 -17.02 10.53
N VAL A 578 -21.24 -16.26 10.55
CA VAL A 578 -22.36 -16.58 11.43
C VAL A 578 -23.00 -17.91 11.02
N ILE A 579 -23.17 -18.13 9.72
CA ILE A 579 -23.73 -19.39 9.24
C ILE A 579 -22.80 -20.55 9.58
N MET A 580 -21.50 -20.36 9.38
CA MET A 580 -20.54 -21.39 9.75
C MET A 580 -20.64 -21.74 11.22
N PHE A 581 -20.88 -20.74 12.07
CA PHE A 581 -21.00 -21.03 13.50
C PHE A 581 -22.33 -21.71 13.81
N LEU A 582 -23.40 -21.31 13.12
CA LEU A 582 -24.73 -21.81 13.43
C LEU A 582 -24.90 -23.26 12.97
N LEU A 583 -24.34 -23.61 11.81
CA LEU A 583 -24.46 -24.97 11.32
C LEU A 583 -23.85 -25.96 12.31
N THR A 584 -22.64 -25.65 12.80
CA THR A 584 -21.99 -26.51 13.79
C THR A 584 -20.95 -25.65 14.51
N TRP A 585 -21.23 -25.31 15.77
CA TRP A 585 -20.33 -24.43 16.50
C TRP A 585 -18.96 -25.08 16.70
N TRP A 586 -18.94 -26.37 17.02
CA TRP A 586 -17.67 -27.04 17.27
C TRP A 586 -16.83 -27.15 16.01
N ALA A 587 -17.45 -27.52 14.88
CA ALA A 587 -16.69 -27.59 13.64
C ALA A 587 -16.20 -26.20 13.22
N ALA A 588 -17.02 -25.18 13.41
CA ALA A 588 -16.59 -23.82 13.12
C ALA A 588 -15.40 -23.43 13.98
N LEU A 589 -15.44 -23.77 15.27
CA LEU A 589 -14.31 -23.48 16.14
C LEU A 589 -13.05 -24.19 15.66
N ILE A 590 -13.18 -25.46 15.26
CA ILE A 590 -12.03 -26.21 14.77
C ILE A 590 -11.44 -25.55 13.53
N ALA A 591 -12.31 -25.17 12.58
CA ALA A 591 -11.83 -24.55 11.35
C ALA A 591 -11.15 -23.22 11.64
N ILE A 592 -11.75 -22.42 12.52
CA ILE A 592 -11.15 -21.13 12.87
C ILE A 592 -9.81 -21.33 13.57
N GLY A 593 -9.72 -22.34 14.43
CA GLY A 593 -8.44 -22.63 15.06
C GLY A 593 -7.37 -23.02 14.07
N VAL A 594 -7.72 -23.87 13.10
CA VAL A 594 -6.75 -24.27 12.08
C VAL A 594 -6.32 -23.05 11.28
N VAL A 595 -7.27 -22.20 10.89
CA VAL A 595 -6.94 -21.05 10.08
C VAL A 595 -6.07 -20.08 10.86
N LEU A 596 -6.38 -19.86 12.15
CA LEU A 596 -5.56 -18.98 12.97
C LEU A 596 -4.15 -19.53 13.16
N PHE A 597 -4.04 -20.84 13.38
CA PHE A 597 -2.71 -21.43 13.47
C PHE A 597 -1.92 -21.19 12.19
N LEU A 598 -2.55 -21.40 11.03
CA LEU A 598 -1.85 -21.22 9.77
C LEU A 598 -1.45 -19.75 9.57
N LEU A 599 -2.36 -18.82 9.90
CA LEU A 599 -2.05 -17.41 9.73
C LEU A 599 -0.90 -16.98 10.64
N LEU A 600 -0.93 -17.40 11.90
CA LEU A 600 0.16 -17.07 12.82
C LEU A 600 1.47 -17.69 12.36
N TYR A 601 1.42 -18.92 11.84
CA TYR A 601 2.64 -19.55 11.35
C TYR A 601 3.21 -18.78 10.17
N VAL A 602 2.35 -18.35 9.24
CA VAL A 602 2.83 -17.63 8.07
C VAL A 602 3.40 -16.28 8.48
N ILE A 603 2.74 -15.59 9.41
CA ILE A 603 3.25 -14.29 9.85
C ILE A 603 4.56 -14.46 10.61
N TYR A 604 4.70 -15.55 11.37
CA TYR A 604 5.96 -15.85 12.04
C TYR A 604 7.07 -16.11 11.02
N LYS A 605 6.78 -16.91 9.99
CA LYS A 605 7.79 -17.22 8.98
C LYS A 605 8.19 -16.02 8.14
N LYS A 606 7.45 -14.92 8.21
CA LYS A 606 7.76 -13.67 7.52
C LYS A 606 8.15 -13.96 6.06
N PRO A 607 7.18 -14.31 5.22
CA PRO A 607 7.51 -14.59 3.83
C PRO A 607 7.93 -13.33 3.09
N GLU A 608 9.16 -13.35 2.58
CA GLU A 608 9.79 -12.18 1.98
C GLU A 608 9.04 -11.66 0.76
N VAL A 609 8.20 -12.47 0.14
CA VAL A 609 7.54 -12.12 -1.12
C VAL A 609 6.68 -10.89 -0.90
N ASN A 610 6.73 -9.95 -1.86
CA ASN A 610 5.92 -8.74 -1.83
C ASN A 610 5.08 -8.74 -3.11
N TRP A 611 3.76 -8.88 -2.93
CA TRP A 611 2.82 -8.96 -4.04
C TRP A 611 1.98 -7.69 -4.19
N GLY A 612 2.03 -6.80 -3.20
CA GLY A 612 1.10 -5.69 -3.14
C GLY A 612 -0.21 -6.19 -2.59
N SER A 613 -0.83 -5.43 -1.70
CA SER A 613 -2.06 -5.91 -1.08
C SER A 613 -2.77 -4.73 -0.43
N SER A 614 -4.05 -4.91 -0.16
CA SER A 614 -4.78 -3.90 0.57
C SER A 614 -4.24 -3.71 1.99
N VAL A 615 -3.50 -4.68 2.51
CA VAL A 615 -2.93 -4.54 3.85
C VAL A 615 -1.92 -3.40 3.88
N GLN A 616 -0.97 -3.41 2.93
CA GLN A 616 0.06 -2.38 2.89
C GLN A 616 -0.54 -1.01 2.59
N ALA A 617 -1.48 -0.95 1.65
CA ALA A 617 -2.14 0.32 1.34
C ALA A 617 -2.91 0.84 2.54
N GLY A 618 -3.57 -0.05 3.29
CA GLY A 618 -4.25 0.37 4.49
C GLY A 618 -3.31 0.87 5.57
N SER A 619 -2.14 0.24 5.68
CA SER A 619 -1.14 0.73 6.63
C SER A 619 -0.71 2.15 6.27
N TYR A 620 -0.45 2.38 4.98
CA TYR A 620 -0.12 3.73 4.54
C TYR A 620 -1.26 4.70 4.82
N ASN A 621 -2.49 4.28 4.57
CA ASN A 621 -3.64 5.15 4.80
C ASN A 621 -3.77 5.52 6.27
N LEU A 622 -3.58 4.54 7.16
CA LEU A 622 -3.61 4.83 8.58
C LEU A 622 -2.51 5.81 8.97
N ALA A 623 -1.30 5.57 8.47
CA ALA A 623 -0.19 6.46 8.78
C ALA A 623 -0.51 7.89 8.37
N LEU A 624 -0.97 8.07 7.14
CA LEU A 624 -1.29 9.41 6.65
C LEU A 624 -2.42 10.04 7.44
N SER A 625 -3.49 9.29 7.67
CA SER A 625 -4.64 9.84 8.40
C SER A 625 -4.22 10.34 9.77
N TYR A 626 -3.49 9.51 10.51
CA TYR A 626 -3.15 9.91 11.87
C TYR A 626 -2.07 10.98 11.90
N SER A 627 -1.16 11.00 10.93
CA SER A 627 -0.20 12.10 10.86
C SER A 627 -0.89 13.43 10.59
N VAL A 628 -1.85 13.44 9.66
CA VAL A 628 -2.58 14.67 9.39
C VAL A 628 -3.40 15.07 10.62
N GLY A 629 -4.01 14.10 11.29
CA GLY A 629 -4.73 14.42 12.52
C GLY A 629 -3.83 15.07 13.56
N LEU A 630 -2.65 14.48 13.77
CA LEU A 630 -1.70 15.08 14.70
C LEU A 630 -1.31 16.48 14.25
N ASN A 631 -1.23 16.71 12.94
CA ASN A 631 -0.92 18.04 12.43
C ASN A 631 -2.02 19.04 12.76
N GLU A 632 -3.28 18.62 12.66
CA GLU A 632 -4.38 19.57 12.87
C GLU A 632 -4.42 20.08 14.30
N VAL A 633 -3.77 19.37 15.23
CA VAL A 633 -3.80 19.80 16.63
C VAL A 633 -2.86 20.98 16.83
N GLU A 634 -3.28 21.90 17.70
CA GLU A 634 -2.52 23.10 17.99
C GLU A 634 -1.28 22.74 18.82
N ASP A 635 -0.48 23.75 19.16
CA ASP A 635 0.77 23.56 19.88
C ASP A 635 0.68 24.23 21.25
N HIS A 636 1.26 23.58 22.26
CA HIS A 636 1.36 24.16 23.59
C HIS A 636 2.50 23.46 24.32
N ILE A 637 2.55 23.64 25.64
CA ILE A 637 3.70 23.18 26.41
C ILE A 637 3.50 21.76 26.92
N LYS A 638 2.29 21.40 27.36
CA LYS A 638 2.07 20.10 27.98
C LYS A 638 2.35 18.94 27.06
N ASN A 639 2.41 19.18 25.74
CA ASN A 639 2.62 18.12 24.76
C ASN A 639 4.06 17.98 24.34
N TYR A 640 4.97 18.75 24.95
CA TYR A 640 6.36 18.74 24.52
C TYR A 640 6.98 17.36 24.64
N ARG A 641 7.69 16.94 23.61
CA ARG A 641 8.42 15.68 23.58
C ARG A 641 9.80 15.91 23.01
N PRO A 642 10.79 15.13 23.43
CA PRO A 642 12.13 15.25 22.85
C PRO A 642 12.23 14.54 21.51
N GLN A 643 12.30 15.31 20.43
CA GLN A 643 12.30 14.77 19.06
C GLN A 643 13.71 14.95 18.50
N CYS A 644 14.47 13.86 18.49
CA CYS A 644 15.90 13.92 18.23
C CYS A 644 16.22 13.71 16.75
N LEU A 645 17.08 14.57 16.22
CA LEU A 645 17.73 14.36 14.93
C LEU A 645 19.19 14.06 15.23
N VAL A 646 19.64 12.86 14.89
CA VAL A 646 20.96 12.37 15.26
C VAL A 646 21.84 12.40 14.01
N LEU A 647 22.93 13.16 14.08
CA LEU A 647 23.90 13.25 12.99
C LEU A 647 24.83 12.05 13.09
N THR A 648 24.37 10.92 12.58
CA THR A 648 25.10 9.66 12.65
C THR A 648 25.55 9.17 11.29
N GLY A 649 25.39 9.97 10.23
CA GLY A 649 25.77 9.53 8.91
C GLY A 649 25.10 8.22 8.56
N PRO A 650 25.89 7.25 8.12
CA PRO A 650 25.36 5.89 7.97
C PRO A 650 25.15 5.25 9.33
N PRO A 651 23.93 4.79 9.61
CA PRO A 651 23.64 4.26 10.96
C PRO A 651 24.53 3.12 11.38
N ASN A 652 25.01 2.30 10.44
CA ASN A 652 25.82 1.14 10.79
C ASN A 652 27.26 1.49 11.11
N PHE A 653 27.67 2.76 10.98
CA PHE A 653 29.03 3.15 11.34
C PHE A 653 29.15 3.70 12.75
N ARG A 654 28.06 4.19 13.34
CA ARG A 654 28.05 4.71 14.71
C ARG A 654 26.86 4.13 15.45
N PRO A 655 26.87 2.81 15.69
CA PRO A 655 25.70 2.19 16.34
C PRO A 655 25.45 2.69 17.75
N ALA A 656 26.48 3.13 18.47
CA ALA A 656 26.28 3.55 19.86
C ALA A 656 25.36 4.76 19.94
N LEU A 657 25.54 5.72 19.04
CA LEU A 657 24.71 6.93 19.07
C LEU A 657 23.24 6.59 18.82
N VAL A 658 22.97 5.77 17.80
CA VAL A 658 21.59 5.40 17.48
C VAL A 658 20.99 4.60 18.63
N ASP A 659 21.76 3.70 19.22
CA ASP A 659 21.27 2.94 20.36
C ASP A 659 20.90 3.85 21.52
N PHE A 660 21.77 4.82 21.82
CA PHE A 660 21.49 5.76 22.90
C PHE A 660 20.21 6.52 22.62
N VAL A 661 20.05 7.07 21.42
CA VAL A 661 18.85 7.83 21.10
C VAL A 661 17.62 6.95 21.18
N GLY A 662 17.70 5.74 20.62
CA GLY A 662 16.56 4.83 20.67
C GLY A 662 16.14 4.47 22.07
N THR A 663 17.10 4.34 22.99
CA THR A 663 16.75 3.96 24.35
C THR A 663 15.72 4.90 24.95
N PHE A 664 16.00 6.21 24.91
CA PHE A 664 15.12 7.18 25.55
C PHE A 664 14.12 7.80 24.59
N THR A 665 14.15 7.45 23.30
CA THR A 665 13.15 7.92 22.36
C THR A 665 12.18 6.83 21.92
N ARG A 666 12.51 5.57 22.12
CA ARG A 666 11.67 4.47 21.65
C ARG A 666 10.27 4.58 22.26
N ASN A 667 9.25 4.54 21.40
CA ASN A 667 7.88 4.51 21.84
C ASN A 667 7.49 5.78 22.58
N LEU A 668 8.34 6.80 22.53
CA LEU A 668 8.10 8.06 23.24
C LEU A 668 7.98 9.25 22.31
N SER A 669 8.92 9.42 21.39
CA SER A 669 8.92 10.57 20.49
C SER A 669 9.55 10.17 19.17
N LEU A 670 9.85 11.19 18.36
CA LEU A 670 10.41 10.95 17.03
C LEU A 670 11.93 10.91 17.09
N MET A 671 12.53 10.02 16.28
CA MET A 671 13.97 9.90 16.15
C MET A 671 14.32 9.78 14.68
N ILE A 672 15.19 10.66 14.20
CA ILE A 672 15.56 10.72 12.79
C ILE A 672 17.07 10.58 12.68
N CYS A 673 17.52 9.54 11.97
CA CYS A 673 18.95 9.31 11.74
C CYS A 673 19.35 10.05 10.47
N GLY A 674 19.99 11.21 10.63
CA GLY A 674 20.43 11.97 9.48
C GLY A 674 21.73 11.46 8.91
N HIS A 675 22.00 11.88 7.67
CA HIS A 675 23.19 11.44 6.95
C HIS A 675 23.45 12.41 5.82
N VAL A 676 24.66 12.95 5.74
CA VAL A 676 25.04 13.95 4.75
C VAL A 676 26.13 13.33 3.87
N LEU A 677 25.85 13.25 2.57
CA LEU A 677 26.83 12.80 1.60
C LEU A 677 27.32 13.98 0.79
N ILE A 678 28.62 14.26 0.86
CA ILE A 678 29.14 15.43 0.17
C ILE A 678 29.53 15.07 -1.26
N GLY A 679 30.64 14.33 -1.41
CA GLY A 679 30.96 13.62 -2.63
C GLY A 679 30.79 14.40 -3.90
N PRO A 680 30.79 13.70 -5.03
CA PRO A 680 29.99 14.10 -6.20
C PRO A 680 28.68 13.33 -6.31
N HIS A 681 28.50 12.32 -5.45
CA HIS A 681 27.34 11.44 -5.37
C HIS A 681 27.31 10.41 -6.50
N LYS A 682 28.12 10.59 -7.53
CA LYS A 682 28.53 9.54 -8.46
C LYS A 682 27.44 8.49 -8.68
N GLN A 683 26.20 8.93 -8.89
CA GLN A 683 25.11 7.96 -9.02
C GLN A 683 23.79 8.62 -9.38
N ARG A 684 22.98 7.93 -10.18
CA ARG A 684 21.60 8.34 -10.40
C ARG A 684 20.77 8.09 -9.14
N MET A 685 19.71 8.88 -8.99
CA MET A 685 18.87 8.79 -7.79
C MET A 685 18.47 7.36 -7.44
N PRO A 686 18.20 6.47 -8.38
CA PRO A 686 17.80 5.10 -7.99
C PRO A 686 18.83 4.39 -7.14
N GLU A 687 20.12 4.62 -7.39
CA GLU A 687 21.14 4.00 -6.56
C GLU A 687 21.06 4.49 -5.12
N LEU A 688 20.89 5.81 -4.94
CA LEU A 688 20.73 6.35 -3.60
C LEU A 688 19.49 5.80 -2.93
N GLN A 689 18.41 5.63 -3.71
CA GLN A 689 17.19 5.06 -3.15
C GLN A 689 17.42 3.63 -2.67
N LEU A 690 18.15 2.83 -3.46
CA LEU A 690 18.46 1.48 -3.03
C LEU A 690 19.30 1.47 -1.76
N ILE A 691 20.28 2.36 -1.68
CA ILE A 691 21.12 2.43 -0.49
C ILE A 691 20.28 2.84 0.72
N ALA A 692 19.38 3.81 0.54
CA ALA A 692 18.52 4.25 1.64
C ALA A 692 17.61 3.12 2.10
N ASN A 693 17.05 2.36 1.16
CA ASN A 693 16.22 1.22 1.54
C ASN A 693 17.02 0.19 2.29
N GLY A 694 18.25 -0.07 1.86
CA GLY A 694 19.10 -1.01 2.60
C GLY A 694 19.39 -0.54 4.01
N HIS A 695 19.70 0.75 4.17
CA HIS A 695 19.98 1.27 5.51
C HIS A 695 18.74 1.23 6.39
N THR A 696 17.57 1.52 5.82
CA THR A 696 16.33 1.41 6.58
C THR A 696 16.06 -0.03 6.99
N LYS A 697 16.34 -0.98 6.09
CA LYS A 697 16.19 -2.38 6.45
C LYS A 697 17.15 -2.77 7.59
N TRP A 698 18.37 -2.26 7.54
CA TRP A 698 19.31 -2.51 8.63
C TRP A 698 18.78 -1.93 9.94
N LEU A 699 18.23 -0.72 9.89
CA LEU A 699 17.63 -0.13 11.09
C LEU A 699 16.49 -0.97 11.62
N ASN A 700 15.59 -1.40 10.75
CA ASN A 700 14.46 -2.21 11.18
C ASN A 700 14.93 -3.51 11.81
N LYS A 701 15.89 -4.19 11.19
CA LYS A 701 16.48 -5.38 11.79
C LYS A 701 17.13 -5.06 13.12
N ARG A 702 17.62 -3.83 13.29
CA ARG A 702 18.18 -3.40 14.55
C ARG A 702 17.12 -3.18 15.63
N LYS A 703 15.84 -3.20 15.27
CA LYS A 703 14.76 -2.99 16.23
C LYS A 703 14.79 -1.57 16.78
N ILE A 704 14.88 -0.59 15.88
CA ILE A 704 14.87 0.82 16.25
C ILE A 704 13.78 1.52 15.45
N LYS A 705 12.93 2.26 16.14
CA LYS A 705 11.87 3.03 15.50
C LYS A 705 12.43 4.42 15.18
N ALA A 706 13.08 4.52 14.03
CA ALA A 706 13.72 5.75 13.59
C ALA A 706 13.62 5.87 12.07
N PHE A 707 13.65 7.11 11.60
CA PHE A 707 13.60 7.40 10.18
C PHE A 707 15.00 7.74 9.68
N TYR A 708 15.46 7.03 8.66
CA TYR A 708 16.77 7.28 8.06
C TYR A 708 16.61 8.29 6.94
N SER A 709 17.06 9.53 7.19
CA SER A 709 17.01 10.59 6.20
C SER A 709 18.44 10.97 5.83
N ASP A 710 18.74 10.94 4.53
CA ASP A 710 20.04 11.34 4.02
C ASP A 710 19.85 12.44 2.98
N VAL A 711 20.72 13.45 3.02
CA VAL A 711 20.72 14.51 2.04
C VAL A 711 22.10 14.56 1.39
N ILE A 712 22.25 15.48 0.44
CA ILE A 712 23.52 15.70 -0.24
C ILE A 712 23.85 17.19 -0.19
N ALA A 713 25.09 17.51 0.15
CA ALA A 713 25.54 18.89 0.21
C ALA A 713 27.06 18.90 0.11
N GLU A 714 27.61 20.07 -0.23
CA GLU A 714 29.05 20.17 -0.43
C GLU A 714 29.82 19.86 0.85
N ASP A 715 29.33 20.34 2.00
CA ASP A 715 30.00 20.14 3.27
C ASP A 715 29.00 19.61 4.30
N LEU A 716 29.54 19.12 5.41
CA LEU A 716 28.68 18.58 6.47
C LEU A 716 27.79 19.66 7.07
N ARG A 717 28.32 20.87 7.24
CA ARG A 717 27.53 21.96 7.81
C ARG A 717 26.26 22.19 7.00
N ARG A 718 26.38 22.24 5.68
CA ARG A 718 25.21 22.53 4.84
C ARG A 718 24.19 21.40 4.91
N GLY A 719 24.66 20.15 4.92
CA GLY A 719 23.73 19.04 5.06
C GLY A 719 23.00 19.07 6.38
N VAL A 720 23.72 19.36 7.47
CA VAL A 720 23.09 19.46 8.78
C VAL A 720 22.06 20.57 8.78
N GLN A 721 22.40 21.71 8.18
CA GLN A 721 21.46 22.83 8.13
C GLN A 721 20.20 22.45 7.35
N ILE A 722 20.38 21.76 6.21
CA ILE A 722 19.23 21.34 5.41
C ILE A 722 18.35 20.41 6.22
N LEU A 723 18.96 19.42 6.88
CA LEU A 723 18.19 18.47 7.67
C LEU A 723 17.43 19.17 8.79
N MET A 724 18.10 20.08 9.50
CA MET A 724 17.42 20.83 10.56
C MET A 724 16.28 21.67 10.01
N GLN A 725 16.45 22.22 8.81
CA GLN A 725 15.47 23.16 8.29
C GLN A 725 14.23 22.45 7.75
N ALA A 726 14.41 21.31 7.10
CA ALA A 726 13.31 20.67 6.37
C ALA A 726 12.88 19.33 6.95
N ALA A 727 13.80 18.60 7.59
CA ALA A 727 13.46 17.27 8.08
C ALA A 727 12.27 17.33 9.02
N GLY A 728 11.33 16.42 8.82
CA GLY A 728 10.14 16.32 9.65
C GLY A 728 8.88 16.26 8.81
N LEU A 729 7.75 16.34 9.51
CA LEU A 729 6.43 16.33 8.87
C LEU A 729 5.47 17.08 9.80
N GLY A 730 5.15 18.32 9.42
CA GLY A 730 4.24 19.11 10.23
C GLY A 730 4.76 19.26 11.65
N ARG A 731 3.90 18.95 12.62
CA ARG A 731 4.27 19.10 14.02
C ARG A 731 5.40 18.15 14.40
N MET A 732 5.40 16.94 13.85
CA MET A 732 6.36 15.92 14.23
C MET A 732 7.71 16.17 13.57
N LYS A 733 8.29 17.33 13.91
CA LYS A 733 9.61 17.72 13.48
C LYS A 733 10.60 17.62 14.64
N PRO A 734 11.87 17.37 14.37
CA PRO A 734 12.85 17.33 15.46
C PRO A 734 13.02 18.70 16.09
N ASN A 735 13.27 18.69 17.41
CA ASN A 735 13.57 19.91 18.14
C ASN A 735 14.85 19.77 18.95
N ILE A 736 15.57 18.66 18.79
CA ILE A 736 16.81 18.41 19.50
C ILE A 736 17.81 17.86 18.50
N LEU A 737 19.07 18.28 18.61
CA LEU A 737 20.13 17.84 17.71
C LEU A 737 21.14 17.02 18.52
N VAL A 738 21.16 15.71 18.29
CA VAL A 738 22.15 14.83 18.87
C VAL A 738 23.29 14.69 17.89
N VAL A 739 24.51 14.86 18.36
CA VAL A 739 25.69 14.79 17.51
C VAL A 739 26.82 14.17 18.30
N GLY A 740 27.66 13.41 17.61
CA GLY A 740 28.80 12.78 18.25
C GLY A 740 29.93 13.77 18.51
N PHE A 741 31.00 13.26 19.10
CA PHE A 741 32.16 14.06 19.43
C PHE A 741 33.31 13.69 18.49
N LYS A 742 33.92 14.71 17.90
CA LYS A 742 35.09 14.51 17.04
C LYS A 742 36.30 14.45 17.94
N LYS A 743 36.77 13.23 18.21
CA LYS A 743 37.88 13.04 19.14
C LYS A 743 39.21 13.44 18.52
N ASN A 744 39.33 13.31 17.19
CA ASN A 744 40.58 13.62 16.50
C ASN A 744 40.60 15.01 15.89
N TRP A 745 39.99 15.99 16.55
CA TRP A 745 40.04 17.37 16.05
C TRP A 745 41.45 17.92 16.09
N GLN A 746 42.25 17.50 17.06
CA GLN A 746 43.58 18.06 17.23
C GLN A 746 44.43 17.87 15.98
N SER A 747 44.47 16.64 15.45
CA SER A 747 45.37 16.29 14.38
C SER A 747 44.77 16.46 13.00
N ALA A 748 43.50 16.85 12.91
CA ALA A 748 42.83 17.05 11.64
C ALA A 748 42.93 18.52 11.24
N HIS A 749 42.49 18.80 10.02
CA HIS A 749 42.55 20.16 9.52
C HIS A 749 41.62 21.04 10.35
N PRO A 750 42.09 22.19 10.83
CA PRO A 750 41.26 23.00 11.74
C PRO A 750 39.91 23.39 11.16
N ALA A 751 39.81 23.53 9.84
CA ALA A 751 38.52 23.86 9.23
C ALA A 751 37.46 22.85 9.63
N THR A 752 37.84 21.59 9.84
CA THR A 752 36.90 20.59 10.29
C THR A 752 36.30 20.98 11.64
N VAL A 753 37.16 21.36 12.59
CA VAL A 753 36.66 21.76 13.90
C VAL A 753 35.84 23.04 13.79
N GLU A 754 36.26 23.95 12.90
CA GLU A 754 35.50 25.18 12.71
C GLU A 754 34.08 24.88 12.24
N ASP A 755 33.93 23.96 11.28
CA ASP A 755 32.61 23.65 10.78
C ASP A 755 31.80 22.83 11.80
N TYR A 756 32.47 22.00 12.60
CA TYR A 756 31.78 21.34 13.71
C TYR A 756 31.17 22.36 14.66
N ILE A 757 31.97 23.33 15.09
CA ILE A 757 31.49 24.33 16.02
C ILE A 757 30.40 25.18 15.36
N GLY A 758 30.54 25.43 14.06
CA GLY A 758 29.48 26.11 13.34
C GLY A 758 28.18 25.32 13.33
N ILE A 759 28.28 24.00 13.19
CA ILE A 759 27.09 23.15 13.25
C ILE A 759 26.41 23.30 14.59
N LEU A 760 27.19 23.23 15.67
CA LEU A 760 26.62 23.38 17.00
C LEU A 760 25.99 24.76 17.17
N HIS A 761 26.66 25.80 16.67
CA HIS A 761 26.12 27.16 16.79
C HIS A 761 24.83 27.32 16.01
N ASP A 762 24.76 26.72 14.81
CA ASP A 762 23.52 26.77 14.05
C ASP A 762 22.40 26.04 14.77
N ALA A 763 22.70 24.88 15.34
CA ALA A 763 21.68 24.15 16.11
C ALA A 763 21.17 25.01 17.24
N PHE A 764 22.07 25.68 17.97
CA PHE A 764 21.65 26.57 19.03
C PHE A 764 20.81 27.72 18.49
N ASP A 765 21.21 28.29 17.36
CA ASP A 765 20.49 29.39 16.74
C ASP A 765 19.09 28.98 16.31
N PHE A 766 18.95 27.79 15.73
CA PHE A 766 17.66 27.30 15.25
C PHE A 766 16.74 26.88 16.38
N ASN A 767 17.10 27.17 17.63
CA ASN A 767 16.31 26.78 18.80
C ASN A 767 16.34 25.28 19.02
N TYR A 768 17.45 24.64 18.67
CA TYR A 768 17.64 23.20 18.81
C TYR A 768 18.44 22.94 20.08
N GLY A 769 17.84 22.21 21.02
CA GLY A 769 18.61 21.74 22.15
C GLY A 769 19.69 20.79 21.68
N VAL A 770 20.95 21.12 21.95
CA VAL A 770 22.07 20.34 21.45
C VAL A 770 22.43 19.26 22.46
N CYS A 771 22.94 18.15 21.97
CA CYS A 771 23.36 17.03 22.82
C CYS A 771 24.60 16.39 22.20
N VAL A 772 25.74 16.60 22.83
CA VAL A 772 27.02 16.08 22.34
C VAL A 772 27.29 14.76 23.07
N MET A 773 27.34 13.67 22.30
CA MET A 773 27.55 12.34 22.86
C MET A 773 29.02 11.97 22.67
N ARG A 774 29.80 12.08 23.74
CA ARG A 774 31.21 11.73 23.72
C ARG A 774 31.42 10.34 24.30
N MET A 775 32.14 9.50 23.57
CA MET A 775 32.50 8.17 24.04
C MET A 775 34.02 8.03 24.05
N ARG A 776 34.53 7.32 25.05
CA ARG A 776 35.98 7.22 25.22
C ARG A 776 36.63 6.58 24.01
N GLU A 777 35.94 5.65 23.35
CA GLU A 777 36.48 4.94 22.20
C GLU A 777 36.06 5.54 20.87
N GLY A 778 35.17 6.53 20.88
CA GLY A 778 34.69 7.15 19.65
C GLY A 778 33.33 6.64 19.25
N LEU A 779 32.63 7.45 18.46
CA LEU A 779 31.31 7.04 17.96
C LEU A 779 31.42 5.97 16.89
N ASN A 780 32.34 6.15 15.95
CA ASN A 780 32.52 5.17 14.87
C ASN A 780 32.99 3.86 15.46
N GLU A 815 26.07 -9.65 13.25
CA GLU A 815 25.47 -8.83 12.21
C GLU A 815 25.13 -7.43 12.73
N GLN A 816 24.69 -7.36 13.97
CA GLN A 816 24.44 -6.09 14.65
C GLN A 816 25.57 -5.85 15.64
N ALA A 817 26.25 -4.72 15.49
CA ALA A 817 27.40 -4.43 16.33
C ALA A 817 26.96 -4.16 17.76
N THR A 818 27.66 -4.76 18.71
CA THR A 818 27.35 -4.57 20.12
C THR A 818 27.67 -3.14 20.54
N THR A 819 26.92 -2.65 21.52
CA THR A 819 27.10 -1.29 22.02
C THR A 819 26.88 -1.30 23.52
N ILE A 820 27.57 -0.39 24.22
CA ILE A 820 27.46 -0.32 25.67
C ILE A 820 26.05 0.02 26.14
N PHE A 821 25.25 0.70 25.32
CA PHE A 821 23.89 1.07 25.68
C PHE A 821 22.91 -0.09 25.58
N GLN A 822 23.32 -1.22 25.00
CA GLN A 822 22.46 -2.40 24.92
C GLN A 822 22.46 -3.20 26.21
N SER A 823 23.64 -3.56 26.71
CA SER A 823 23.74 -4.38 27.91
C SER A 823 23.18 -3.63 29.11
N GLU A 824 22.57 -4.39 30.02
CA GLU A 824 22.14 -3.82 31.29
C GLU A 824 23.33 -3.24 32.03
N GLN A 825 23.04 -2.37 32.99
CA GLN A 825 24.09 -1.69 33.76
C GLN A 825 23.85 -1.77 35.26
N GLY A 826 22.85 -2.51 35.71
CA GLY A 826 22.66 -2.73 37.13
C GLY A 826 22.40 -1.43 37.88
N LYS A 827 23.22 -1.17 38.90
CA LYS A 827 23.01 -0.07 39.83
C LYS A 827 24.13 0.95 39.80
N LYS A 828 24.76 1.14 38.65
CA LYS A 828 25.79 2.16 38.53
C LYS A 828 25.16 3.55 38.66
N THR A 829 25.95 4.49 39.15
CA THR A 829 25.46 5.83 39.42
C THR A 829 25.33 6.60 38.11
N ILE A 830 24.15 7.17 37.89
CA ILE A 830 23.95 8.13 36.80
C ILE A 830 24.18 9.51 37.38
N ASP A 831 25.29 10.14 37.02
CA ASP A 831 25.68 11.42 37.59
C ASP A 831 25.28 12.55 36.65
N ILE A 832 24.58 13.54 37.18
CA ILE A 832 24.13 14.69 36.41
C ILE A 832 24.84 15.90 37.01
N TYR A 833 25.73 16.52 36.24
CA TYR A 833 26.45 17.72 36.68
C TYR A 833 25.77 18.98 36.15
N TRP A 834 24.60 19.26 36.72
CA TRP A 834 23.91 20.51 36.43
C TRP A 834 24.75 21.71 36.86
N LEU A 835 24.93 22.67 35.95
CA LEU A 835 25.47 23.98 36.32
C LEU A 835 24.80 25.13 35.58
N PHE A 836 23.61 24.94 35.04
CA PHE A 836 22.96 26.03 34.33
C PHE A 836 21.52 25.64 34.06
N ASP A 837 20.62 26.60 34.25
CA ASP A 837 19.19 26.38 34.03
C ASP A 837 18.89 26.52 32.54
N ASP A 838 18.93 25.37 31.85
CA ASP A 838 18.63 25.32 30.43
C ASP A 838 17.16 25.00 30.15
N GLY A 839 16.35 24.84 31.20
CA GLY A 839 14.96 24.51 31.04
C GLY A 839 14.59 23.09 31.43
N GLY A 840 15.52 22.30 31.94
CA GLY A 840 15.26 20.95 32.36
C GLY A 840 15.70 19.88 31.39
N LEU A 841 16.21 20.26 30.22
CA LEU A 841 16.65 19.26 29.25
C LEU A 841 17.77 18.40 29.80
N THR A 842 18.69 19.00 30.55
CA THR A 842 19.81 18.23 31.10
C THR A 842 19.31 17.12 32.01
N LEU A 843 18.35 17.42 32.88
CA LEU A 843 17.80 16.40 33.76
C LEU A 843 16.83 15.48 33.03
N LEU A 844 16.10 16.00 32.04
CA LEU A 844 15.05 15.23 31.40
C LEU A 844 15.61 13.96 30.77
N ILE A 845 16.69 14.06 29.99
CA ILE A 845 17.19 12.91 29.27
C ILE A 845 17.53 11.76 30.20
N PRO A 846 18.34 11.95 31.24
CA PRO A 846 18.55 10.85 32.20
C PRO A 846 17.27 10.41 32.89
N TYR A 847 16.32 11.32 33.09
CA TYR A 847 15.04 10.95 33.67
C TYR A 847 14.39 9.84 32.84
N LEU A 848 14.05 10.16 31.59
CA LEU A 848 13.52 9.15 30.70
C LEU A 848 14.54 8.07 30.39
N LEU A 849 15.83 8.38 30.54
CA LEU A 849 16.90 7.42 30.31
C LEU A 849 17.00 6.38 31.42
N GLY A 850 16.45 6.66 32.59
CA GLY A 850 16.49 5.71 33.69
C GLY A 850 15.16 5.03 33.93
N ARG A 851 14.10 5.56 33.34
CA ARG A 851 12.81 4.90 33.49
C ARG A 851 12.72 3.61 32.70
N LYS A 852 13.73 3.32 31.89
CA LYS A 852 13.78 2.10 31.10
C LYS A 852 14.29 0.94 31.96
N ARG A 853 14.13 -0.27 31.43
CA ARG A 853 14.53 -1.46 32.16
C ARG A 853 16.04 -1.48 32.40
N ARG A 854 16.83 -1.13 31.39
CA ARG A 854 18.28 -1.19 31.51
C ARG A 854 18.83 -0.14 32.45
N TRP A 855 18.02 0.81 32.90
CA TRP A 855 18.48 1.89 33.77
C TRP A 855 17.56 2.01 34.98
N SER A 856 17.09 0.88 35.48
CA SER A 856 16.20 0.87 36.64
C SER A 856 16.97 0.86 37.96
N LYS A 857 17.94 -0.04 38.09
CA LYS A 857 18.71 -0.15 39.33
C LYS A 857 19.72 0.97 39.52
N CYS A 858 20.06 1.71 38.47
CA CYS A 858 21.03 2.78 38.60
C CYS A 858 20.48 3.90 39.46
N LYS A 859 21.38 4.61 40.12
CA LYS A 859 21.03 5.73 40.97
C LYS A 859 21.40 7.03 40.27
N ILE A 860 20.45 7.97 40.24
CA ILE A 860 20.65 9.24 39.55
C ILE A 860 21.20 10.21 40.59
N ARG A 861 22.52 10.24 40.73
CA ARG A 861 23.19 11.17 41.64
C ARG A 861 23.49 12.44 40.86
N VAL A 862 22.55 13.37 40.86
CA VAL A 862 22.73 14.64 40.15
C VAL A 862 23.49 15.58 41.07
N PHE A 863 24.68 15.99 40.63
CA PHE A 863 25.55 16.88 41.40
C PHE A 863 25.21 18.33 41.06
N VAL A 864 23.97 18.72 41.42
CA VAL A 864 23.41 19.99 40.98
C VAL A 864 24.38 21.13 41.28
N GLY A 865 24.64 21.94 40.26
CA GLY A 865 25.41 23.16 40.44
C GLY A 865 24.66 24.17 41.26
N GLY A 866 25.09 24.36 42.51
CA GLY A 866 24.43 25.26 43.43
C GLY A 866 25.23 25.50 44.68
N GLN A 867 24.56 25.53 45.82
CA GLN A 867 25.22 25.68 47.11
C GLN A 867 24.61 24.70 48.10
N ILE A 868 25.37 24.39 49.15
CA ILE A 868 24.89 23.44 50.15
C ILE A 868 23.59 23.92 50.77
N ASN A 869 23.47 25.24 51.02
CA ASN A 869 22.22 25.76 51.53
C ASN A 869 21.07 25.53 50.55
N ARG A 870 21.37 25.43 49.26
CA ARG A 870 20.34 25.25 48.25
C ARG A 870 19.99 23.80 48.00
N MET A 871 20.50 22.87 48.82
CA MET A 871 20.21 21.46 48.58
C MET A 871 18.73 21.20 48.47
N ASP A 872 17.90 21.95 49.20
CA ASP A 872 16.45 21.83 49.08
C ASP A 872 15.82 22.87 48.17
N GLN A 873 16.49 24.01 47.93
CA GLN A 873 15.92 25.03 47.06
C GLN A 873 15.75 24.50 45.64
N GLU A 874 16.88 24.20 44.98
CA GLU A 874 16.76 23.50 43.70
C GLU A 874 16.25 22.08 43.89
N ARG A 875 16.28 21.57 45.12
CA ARG A 875 15.46 20.41 45.44
C ARG A 875 14.00 20.72 45.15
N LYS A 876 13.42 21.61 45.94
CA LYS A 876 12.09 22.13 45.60
C LYS A 876 12.08 22.75 44.22
N ALA A 877 13.22 23.29 43.77
CA ALA A 877 13.27 23.88 42.45
C ALA A 877 13.24 22.81 41.36
N ILE A 878 14.06 21.76 41.52
CA ILE A 878 14.00 20.63 40.61
C ILE A 878 14.01 19.29 41.33
N ILE A 879 14.92 19.09 42.29
CA ILE A 879 15.10 17.75 42.85
C ILE A 879 13.83 17.28 43.57
N SER A 880 13.29 18.13 44.43
CA SER A 880 11.98 17.86 45.03
C SER A 880 10.85 18.28 44.10
N LEU A 881 11.10 19.29 43.26
CA LEU A 881 10.20 19.53 42.14
C LEU A 881 10.23 18.37 41.15
N LEU A 882 11.34 17.65 41.09
CA LEU A 882 11.38 16.38 40.38
C LEU A 882 10.91 15.21 41.24
N SER A 883 10.73 15.43 42.54
CA SER A 883 9.74 14.64 43.26
C SER A 883 8.36 14.94 42.72
N LYS A 884 8.10 16.22 42.40
CA LYS A 884 6.97 16.58 41.56
C LYS A 884 7.21 16.16 40.12
N PHE A 885 8.42 16.39 39.60
CA PHE A 885 8.81 15.84 38.30
C PHE A 885 9.10 14.34 38.35
N ARG A 886 8.80 13.70 39.47
CA ARG A 886 8.87 12.24 39.62
C ARG A 886 10.22 11.68 39.14
N LEU A 887 11.31 12.36 39.49
CA LEU A 887 12.62 11.83 39.16
C LEU A 887 13.25 11.08 40.34
N GLY A 888 12.93 11.49 41.56
CA GLY A 888 13.40 10.76 42.73
C GLY A 888 14.90 10.65 42.85
N PHE A 889 15.63 11.73 42.63
CA PHE A 889 17.07 11.70 42.75
C PHE A 889 17.45 11.52 44.22
N HIS A 890 18.20 10.45 44.49
CA HIS A 890 18.47 10.05 45.88
C HIS A 890 19.39 11.04 46.56
N GLU A 891 20.60 11.22 46.03
CA GLU A 891 21.60 12.07 46.63
C GLU A 891 21.78 13.35 45.81
N VAL A 892 22.10 14.44 46.52
CA VAL A 892 22.39 15.72 45.88
C VAL A 892 23.67 16.24 46.53
N HIS A 893 24.82 15.85 45.97
CA HIS A 893 26.12 16.23 46.52
C HIS A 893 26.60 17.51 45.85
N ILE A 894 26.75 18.56 46.65
CA ILE A 894 27.13 19.87 46.13
C ILE A 894 28.63 19.88 45.87
N LEU A 895 29.05 20.73 44.93
CA LEU A 895 30.44 20.83 44.49
C LEU A 895 30.84 22.29 44.53
N PRO A 896 31.02 22.87 45.71
CA PRO A 896 31.32 24.31 45.83
C PRO A 896 32.71 24.69 45.37
N ASP A 897 33.56 23.72 45.03
CA ASP A 897 34.94 23.97 44.69
C ASP A 897 35.16 24.17 43.20
N ILE A 898 34.11 24.43 42.43
CA ILE A 898 34.28 24.63 40.99
C ILE A 898 35.14 25.86 40.72
N ASN A 899 34.93 26.92 41.52
CA ASN A 899 35.63 28.18 41.29
C ASN A 899 37.03 28.21 41.89
N GLN A 900 37.37 27.26 42.76
CA GLN A 900 38.70 27.27 43.36
C GLN A 900 39.74 26.95 42.30
N ASN A 901 40.95 27.47 42.52
CA ASN A 901 41.98 27.41 41.49
C ASN A 901 42.33 25.96 41.16
N PRO A 902 42.41 25.59 39.89
CA PRO A 902 42.79 24.22 39.53
C PRO A 902 44.28 24.00 39.66
N ARG A 903 44.67 22.72 39.55
CA ARG A 903 46.07 22.37 39.67
C ARG A 903 46.86 22.88 38.46
N ALA A 904 48.11 23.29 38.72
CA ALA A 904 48.92 23.86 37.64
C ALA A 904 49.10 22.87 36.50
N GLU A 905 49.33 21.60 36.83
CA GLU A 905 49.54 20.58 35.79
C GLU A 905 48.31 20.46 34.90
N HIS A 906 47.12 20.40 35.50
CA HIS A 906 45.90 20.38 34.71
C HIS A 906 45.74 21.67 33.91
N THR A 907 46.10 22.80 34.51
CA THR A 907 46.05 24.06 33.77
C THR A 907 47.00 24.03 32.58
N LYS A 908 48.23 23.53 32.80
CA LYS A 908 49.19 23.45 31.72
C LYS A 908 48.68 22.57 30.59
N ARG A 909 48.02 21.46 30.93
CA ARG A 909 47.44 20.59 29.90
C ARG A 909 46.45 21.35 29.04
N PHE A 910 45.71 22.29 29.64
CA PHE A 910 44.72 23.04 28.88
C PHE A 910 45.37 24.10 28.00
N GLU A 911 46.32 24.86 28.55
CA GLU A 911 46.99 25.87 27.74
C GLU A 911 47.76 25.22 26.61
N ASP A 912 48.43 24.10 26.89
CA ASP A 912 49.19 23.41 25.84
C ASP A 912 48.27 22.94 24.72
N MET A 913 47.07 22.47 25.05
CA MET A 913 46.12 22.07 24.02
C MET A 913 45.79 23.24 23.10
N ILE A 914 45.56 24.42 23.67
CA ILE A 914 45.25 25.61 22.88
C ILE A 914 46.49 26.24 22.26
N ALA A 915 47.69 25.82 22.70
CA ALA A 915 48.92 26.39 22.15
C ALA A 915 49.03 26.21 20.63
N PRO A 916 48.79 25.02 20.07
CA PRO A 916 48.99 24.85 18.63
C PRO A 916 48.18 25.82 17.78
N PHE A 917 47.00 26.22 18.24
CA PHE A 917 46.16 27.16 17.51
C PHE A 917 46.40 28.61 17.92
N ARG A 918 47.41 28.84 18.76
CA ARG A 918 47.74 30.18 19.21
C ARG A 918 48.00 31.12 18.04
N LEU A 919 47.42 32.31 18.09
CA LEU A 919 47.54 33.31 17.03
C LEU A 919 48.28 34.57 17.44
N ASN A 920 48.47 34.82 18.73
CA ASN A 920 49.24 35.96 19.24
C ASN A 920 48.76 37.28 18.63
N ASP A 921 47.44 37.40 18.54
CA ASP A 921 46.84 38.64 18.06
C ASP A 921 46.77 39.73 19.12
N GLY A 922 47.02 39.38 20.39
CA GLY A 922 46.91 40.38 21.45
C GLY A 922 47.81 41.57 21.22
N PHE A 923 49.01 41.33 20.70
CA PHE A 923 49.94 42.42 20.36
C PHE A 923 49.55 43.05 19.02
N LYS A 924 48.29 43.47 18.95
CA LYS A 924 47.72 43.99 17.72
C LYS A 924 46.52 44.88 18.07
N ASP A 925 46.12 45.69 17.10
CA ASP A 925 44.97 46.57 17.27
C ASP A 925 43.68 45.82 16.94
N GLU A 926 42.58 46.32 17.51
CA GLU A 926 41.29 45.67 17.30
C GLU A 926 41.00 45.49 15.82
N ALA A 927 41.10 46.57 15.05
CA ALA A 927 40.90 46.45 13.61
C ALA A 927 41.92 45.50 13.00
N THR A 928 43.18 45.60 13.44
CA THR A 928 44.19 44.64 13.00
C THR A 928 43.79 43.22 13.35
N VAL A 929 43.09 43.04 14.48
CA VAL A 929 42.57 41.72 14.83
C VAL A 929 41.61 41.22 13.77
N ASN A 930 40.68 42.08 13.34
CA ASN A 930 39.67 41.67 12.37
C ASN A 930 40.28 41.25 11.05
N GLU A 931 41.24 42.04 10.55
CA GLU A 931 41.84 41.73 9.25
C GLU A 931 42.55 40.38 9.26
N MET A 932 43.29 40.09 10.33
CA MET A 932 44.11 38.88 10.36
C MET A 932 43.28 37.63 10.08
N ARG A 933 42.02 37.63 10.54
CA ARG A 933 41.19 36.43 10.49
C ARG A 933 40.28 36.37 9.26
N ARG A 934 40.50 37.24 8.27
CA ARG A 934 39.75 37.14 7.03
C ARG A 934 40.06 35.87 6.25
N ASP A 935 41.11 35.14 6.62
CA ASP A 935 41.40 33.85 6.01
C ASP A 935 41.68 32.74 7.01
N CYS A 936 41.98 33.06 8.26
CA CYS A 936 42.31 32.07 9.28
C CYS A 936 41.46 32.35 10.51
N PRO A 937 40.19 31.98 10.47
CA PRO A 937 39.36 32.19 11.66
C PRO A 937 39.48 31.04 12.64
N TRP A 938 40.06 29.91 12.24
CA TRP A 938 40.23 28.82 13.21
C TRP A 938 41.22 29.18 14.31
N LYS A 939 42.26 29.94 13.97
CA LYS A 939 43.32 30.26 14.93
C LYS A 939 42.80 31.16 16.05
N ILE A 940 43.34 30.96 17.25
CA ILE A 940 42.89 31.67 18.46
C ILE A 940 43.92 32.73 18.84
N SER A 941 43.46 33.95 19.09
CA SER A 941 44.35 35.03 19.48
C SER A 941 44.55 35.03 20.99
N ASP A 942 45.75 35.47 21.42
CA ASP A 942 46.02 35.56 22.85
C ASP A 942 45.10 36.57 23.54
N GLU A 943 44.67 37.61 22.82
CA GLU A 943 43.83 38.63 23.44
C GLU A 943 42.55 38.01 24.00
N GLU A 944 41.94 37.10 23.24
CA GLU A 944 40.77 36.39 23.76
C GLU A 944 41.12 35.59 25.00
N ILE A 945 42.30 34.96 25.01
CA ILE A 945 42.70 34.12 26.14
C ILE A 945 42.64 34.93 27.44
N THR A 946 43.25 36.12 27.44
CA THR A 946 43.15 36.99 28.60
C THR A 946 41.72 37.45 28.82
N LYS A 947 40.96 37.62 27.74
CA LYS A 947 39.59 38.10 27.86
C LYS A 947 38.71 37.11 28.63
N ASN A 948 38.89 35.81 28.37
CA ASN A 948 38.07 34.78 28.99
C ASN A 948 38.94 33.77 29.74
N ARG A 949 39.90 34.27 30.53
CA ARG A 949 40.74 33.36 31.31
C ARG A 949 39.94 32.66 32.40
N VAL A 950 38.99 33.37 33.01
CA VAL A 950 38.22 32.80 34.12
C VAL A 950 37.43 31.59 33.65
N LYS A 951 36.78 31.70 32.48
CA LYS A 951 36.05 30.55 31.95
C LYS A 951 37.00 29.41 31.61
N SER A 952 38.17 29.74 31.05
CA SER A 952 39.10 28.70 30.64
C SER A 952 39.51 27.82 31.82
N LEU A 953 39.90 28.43 32.94
CA LEU A 953 40.33 27.64 34.09
C LEU A 953 39.13 27.01 34.80
N ARG A 954 37.94 27.60 34.62
CA ARG A 954 36.75 27.02 35.23
C ARG A 954 36.48 25.62 34.67
N GLN A 955 36.61 25.44 33.36
CA GLN A 955 36.38 24.13 32.77
C GLN A 955 37.46 23.15 33.16
N VAL A 956 38.71 23.60 33.22
CA VAL A 956 39.80 22.71 33.63
C VAL A 956 39.53 22.14 35.02
N ARG A 957 39.08 23.01 35.94
CA ARG A 957 38.78 22.55 37.29
C ARG A 957 37.53 21.69 37.32
N LEU A 958 36.51 22.07 36.53
CA LEU A 958 35.27 21.30 36.50
C LEU A 958 35.54 19.86 36.09
N ASN A 959 36.38 19.66 35.08
CA ASN A 959 36.82 18.30 34.76
C ASN A 959 37.52 17.65 35.94
N GLU A 960 38.22 18.45 36.75
CA GLU A 960 38.86 17.91 37.94
C GLU A 960 37.83 17.47 38.97
N ILE A 961 36.75 18.22 39.11
CA ILE A 961 35.69 17.82 40.04
C ILE A 961 35.05 16.52 39.57
N VAL A 962 34.78 16.41 38.27
CA VAL A 962 34.07 15.24 37.75
C VAL A 962 34.91 13.98 37.86
N LEU A 963 36.19 14.08 37.52
CA LEU A 963 37.02 12.86 37.44
C LEU A 963 37.10 12.17 38.80
N ASP A 964 37.28 12.93 39.87
CA ASP A 964 37.29 12.34 41.21
C ASP A 964 35.92 11.81 41.60
N TYR A 965 34.89 12.65 41.45
CA TYR A 965 33.56 12.29 41.94
C TYR A 965 32.95 11.17 41.12
N SER A 966 32.98 11.31 39.79
CA SER A 966 32.33 10.35 38.89
C SER A 966 33.42 9.55 38.20
N ARG A 967 33.69 8.35 38.71
CA ARG A 967 34.66 7.45 38.13
C ARG A 967 34.12 6.06 37.85
N ASP A 968 33.15 5.60 38.63
CA ASP A 968 32.48 4.33 38.39
C ASP A 968 31.07 4.51 37.86
N ALA A 969 30.70 5.73 37.46
CA ALA A 969 29.34 6.00 37.04
C ALA A 969 29.03 5.33 35.70
N ALA A 970 27.76 4.95 35.54
CA ALA A 970 27.30 4.34 34.30
C ALA A 970 27.10 5.35 33.18
N LEU A 971 26.80 6.60 33.52
CA LEU A 971 26.53 7.64 32.53
C LEU A 971 26.65 8.98 33.20
N ILE A 972 27.40 9.90 32.58
CA ILE A 972 27.59 11.25 33.10
C ILE A 972 26.93 12.25 32.17
N VAL A 973 26.12 13.13 32.74
CA VAL A 973 25.49 14.23 32.02
C VAL A 973 26.02 15.53 32.59
N ILE A 974 26.63 16.34 31.73
CA ILE A 974 27.22 17.62 32.12
C ILE A 974 26.63 18.71 31.24
N THR A 975 26.27 19.83 31.86
CA THR A 975 25.78 20.97 31.10
C THR A 975 26.82 21.39 30.07
N LEU A 976 26.37 21.60 28.83
CA LEU A 976 27.28 21.90 27.73
C LEU A 976 27.71 23.36 27.79
N PRO A 977 29.00 23.66 27.84
CA PRO A 977 29.43 25.06 27.79
C PRO A 977 29.01 25.71 26.48
N ILE A 978 28.70 27.00 26.55
CA ILE A 978 28.24 27.77 25.40
C ILE A 978 29.11 29.00 25.27
N GLY A 979 29.92 29.05 24.23
CA GLY A 979 30.67 30.24 23.91
C GLY A 979 29.85 31.23 23.12
N ARG A 980 30.39 32.42 22.95
CA ARG A 980 29.73 33.50 22.23
C ARG A 980 30.35 33.60 20.84
N LYS A 981 29.56 33.29 19.81
CA LYS A 981 30.07 33.34 18.45
C LYS A 981 30.69 34.70 18.15
N GLY A 982 31.92 34.67 17.66
CA GLY A 982 32.66 35.91 17.45
C GLY A 982 33.40 36.37 18.70
N LYS A 983 32.67 36.55 19.80
CA LYS A 983 33.32 36.85 21.08
C LYS A 983 34.12 35.67 21.61
N CYS A 984 33.84 34.45 21.17
CA CYS A 984 34.60 33.26 21.55
C CYS A 984 35.03 32.52 20.28
N PRO A 985 36.31 32.19 20.13
CA PRO A 985 36.77 31.48 18.93
C PRO A 985 36.26 30.05 18.89
N SER A 986 36.19 29.50 17.67
CA SER A 986 35.75 28.11 17.53
C SER A 986 36.72 27.14 18.18
N SER A 987 38.03 27.32 17.95
CA SER A 987 39.01 26.39 18.50
C SER A 987 38.97 26.36 20.02
N LEU A 988 38.92 27.53 20.65
CA LEU A 988 38.86 27.59 22.10
C LEU A 988 37.60 26.91 22.62
N TYR A 989 36.46 27.18 22.00
CA TYR A 989 35.20 26.59 22.43
C TYR A 989 35.30 25.06 22.39
N MET A 990 35.81 24.53 21.28
CA MET A 990 36.05 23.10 21.19
C MET A 990 37.06 22.62 22.23
N ALA A 991 38.04 23.45 22.58
CA ALA A 991 39.04 23.04 23.57
C ALA A 991 38.39 22.77 24.92
N TRP A 992 37.46 23.62 25.34
CA TRP A 992 36.74 23.36 26.59
C TRP A 992 36.02 22.02 26.52
N LEU A 993 35.34 21.76 25.41
CA LEU A 993 34.59 20.51 25.27
C LEU A 993 35.52 19.31 25.43
N GLU A 994 36.69 19.35 24.79
CA GLU A 994 37.66 18.26 24.95
C GLU A 994 38.16 18.20 26.39
N THR A 995 38.47 19.36 26.97
CA THR A 995 38.98 19.37 28.34
C THR A 995 37.87 19.15 29.35
N LEU A 996 36.63 19.51 29.01
CA LEU A 996 35.52 19.35 29.95
C LEU A 996 35.30 17.88 30.29
N SER A 997 35.43 17.00 29.31
CA SER A 997 35.14 15.58 29.50
C SER A 997 36.31 14.71 29.08
N GLN A 998 37.53 15.06 29.47
CA GLN A 998 38.70 14.26 29.12
C GLN A 998 38.87 13.12 30.12
N ASP A 999 39.25 11.95 29.59
CA ASP A 999 39.64 10.83 30.42
C ASP A 999 38.48 10.29 31.27
N LEU A 1000 37.28 10.84 31.07
CA LEU A 1000 36.12 10.33 31.77
C LEU A 1000 35.79 8.92 31.27
N ARG A 1001 35.62 7.99 32.21
CA ARG A 1001 35.48 6.59 31.82
C ARG A 1001 34.15 6.30 31.14
N PRO A 1002 33.01 6.50 31.77
CA PRO A 1002 31.73 6.14 31.14
C PRO A 1002 31.42 7.06 29.98
N PRO A 1003 30.43 6.70 29.17
CA PRO A 1003 30.03 7.60 28.06
C PRO A 1003 29.53 8.93 28.59
N VAL A 1004 30.21 10.00 28.20
CA VAL A 1004 29.91 11.34 28.66
C VAL A 1004 28.93 12.00 27.69
N ILE A 1005 27.88 12.60 28.24
CA ILE A 1005 26.84 13.25 27.45
C ILE A 1005 26.81 14.72 27.84
N LEU A 1006 26.99 15.60 26.84
CA LEU A 1006 26.94 17.03 27.06
C LEU A 1006 25.62 17.58 26.52
N ILE A 1007 24.91 18.35 27.34
CA ILE A 1007 23.55 18.76 27.01
C ILE A 1007 23.38 20.24 27.30
N ARG A 1008 22.51 20.88 26.52
CA ARG A 1008 22.15 22.28 26.72
C ARG A 1008 20.77 22.50 26.09
N GLY A 1009 19.78 22.74 26.94
CA GLY A 1009 18.40 22.77 26.50
C GLY A 1009 18.06 24.02 25.69
N ASN A 1010 16.83 23.99 25.16
CA ASN A 1010 16.29 25.06 24.34
C ASN A 1010 16.07 26.35 25.11
N GLN A 1011 16.11 26.31 26.44
CA GLN A 1011 15.75 27.41 27.33
C GLN A 1011 14.22 27.49 27.40
N GLU A 1012 13.55 26.35 27.31
CA GLU A 1012 12.11 26.25 27.54
C GLU A 1012 11.88 25.20 28.61
N ASN A 1013 11.07 25.52 29.61
CA ASN A 1013 10.80 24.56 30.67
C ASN A 1013 10.22 23.29 30.08
N VAL A 1014 10.99 22.21 30.17
CA VAL A 1014 10.55 20.93 29.62
C VAL A 1014 9.40 20.36 30.42
N LEU A 1015 9.44 20.53 31.74
CA LEU A 1015 8.43 19.93 32.61
C LEU A 1015 7.50 20.98 33.21
N VAL B 615 -5.52 14.87 24.80
CA VAL B 615 -5.85 14.19 23.55
C VAL B 615 -4.72 14.35 22.54
N GLN B 616 -3.92 15.41 22.70
CA GLN B 616 -2.79 15.61 21.81
C GLN B 616 -1.77 14.48 21.94
N ALA B 617 -1.53 14.01 23.16
CA ALA B 617 -0.53 12.98 23.39
C ALA B 617 -0.90 11.69 22.67
N GLY B 618 -2.16 11.26 22.80
CA GLY B 618 -2.58 10.05 22.11
C GLY B 618 -2.53 10.18 20.60
N SER B 619 -2.93 11.33 20.08
CA SER B 619 -2.85 11.55 18.64
C SER B 619 -1.42 11.47 18.15
N TYR B 620 -0.51 12.14 18.87
CA TYR B 620 0.90 12.11 18.48
C TYR B 620 1.45 10.70 18.54
N ASN B 621 1.09 9.94 19.58
CA ASN B 621 1.57 8.57 19.70
C ASN B 621 1.06 7.71 18.55
N LEU B 622 -0.23 7.84 18.20
CA LEU B 622 -0.77 7.08 17.09
C LEU B 622 -0.06 7.43 15.79
N ALA B 623 0.14 8.73 15.54
CA ALA B 623 0.82 9.15 14.32
C ALA B 623 2.23 8.59 14.26
N LEU B 624 2.99 8.71 15.36
CA LEU B 624 4.36 8.20 15.36
C LEU B 624 4.39 6.69 15.17
N SER B 625 3.49 5.97 15.84
CA SER B 625 3.47 4.52 15.73
C SER B 625 3.20 4.09 14.31
N TYR B 626 2.22 4.73 13.66
CA TYR B 626 1.90 4.33 12.28
C TYR B 626 2.98 4.77 11.30
N SER B 627 3.61 5.92 11.53
CA SER B 627 4.71 6.33 10.68
C SER B 627 5.87 5.33 10.78
N VAL B 628 6.17 4.87 12.00
CA VAL B 628 7.22 3.88 12.17
C VAL B 628 6.83 2.55 11.53
N GLY B 629 5.57 2.14 11.67
CA GLY B 629 5.12 0.90 11.07
C GLY B 629 5.08 0.93 9.56
N LEU B 630 4.94 2.12 8.96
CA LEU B 630 5.02 2.23 7.52
C LEU B 630 6.43 1.98 6.98
N ASN B 631 7.43 1.89 7.87
CA ASN B 631 8.81 1.75 7.40
C ASN B 631 9.06 0.35 6.84
N GLU B 632 8.52 -0.68 7.49
CA GLU B 632 8.75 -2.04 7.02
C GLU B 632 7.95 -2.34 5.75
N VAL B 633 6.90 -1.58 5.49
CA VAL B 633 6.11 -1.81 4.29
C VAL B 633 6.95 -1.48 3.07
N GLU B 634 6.99 -2.40 2.11
CA GLU B 634 7.70 -2.16 0.86
C GLU B 634 6.83 -1.36 -0.10
N ASP B 635 7.50 -0.72 -1.06
CA ASP B 635 6.83 0.08 -2.08
C ASP B 635 6.46 -0.79 -3.27
N HIS B 636 5.20 -0.75 -3.67
CA HIS B 636 4.71 -1.54 -4.79
C HIS B 636 4.04 -0.63 -5.80
N ILE B 637 4.18 -1.02 -7.08
CA ILE B 637 3.57 -0.23 -8.15
C ILE B 637 2.06 -0.16 -7.98
N LYS B 638 1.44 -1.27 -7.56
CA LYS B 638 0.01 -1.26 -7.32
C LYS B 638 -0.38 -0.30 -6.21
N ASN B 639 0.55 0.02 -5.31
CA ASN B 639 0.28 0.88 -4.17
C ASN B 639 0.89 2.26 -4.32
N TYR B 640 1.35 2.63 -5.52
CA TYR B 640 1.96 3.93 -5.72
C TYR B 640 0.94 5.03 -5.45
N ARG B 641 1.42 6.16 -4.91
CA ARG B 641 0.56 7.29 -4.59
C ARG B 641 1.27 8.59 -4.94
N PRO B 642 0.58 9.53 -5.60
CA PRO B 642 1.21 10.82 -5.90
C PRO B 642 1.54 11.59 -4.64
N GLN B 643 2.82 11.80 -4.40
CA GLN B 643 3.31 12.38 -3.15
C GLN B 643 3.66 13.83 -3.47
N CYS B 644 2.72 14.73 -3.23
CA CYS B 644 2.82 16.08 -3.79
C CYS B 644 3.50 17.05 -2.84
N LEU B 645 4.37 17.91 -3.42
CA LEU B 645 4.99 19.03 -2.73
C LEU B 645 4.69 20.29 -3.53
N VAL B 646 3.55 20.92 -3.23
CA VAL B 646 3.13 22.10 -3.96
C VAL B 646 3.98 23.30 -3.54
N LEU B 647 4.31 24.15 -4.51
CA LEU B 647 5.07 25.37 -4.28
C LEU B 647 4.08 26.54 -4.28
N THR B 648 3.49 26.81 -3.11
CA THR B 648 2.50 27.86 -2.97
C THR B 648 3.01 29.09 -2.23
N GLY B 649 4.16 28.99 -1.56
CA GLY B 649 4.59 30.05 -0.68
C GLY B 649 3.56 30.29 0.40
N PRO B 650 3.12 31.53 0.55
CA PRO B 650 1.97 31.80 1.40
C PRO B 650 0.72 31.19 0.82
N PRO B 651 0.16 30.16 1.45
CA PRO B 651 -0.96 29.44 0.82
C PRO B 651 -2.15 30.31 0.50
N ASN B 652 -2.42 31.35 1.29
CA ASN B 652 -3.56 32.21 0.99
C ASN B 652 -3.34 33.04 -0.27
N PHE B 653 -2.09 33.25 -0.68
CA PHE B 653 -1.82 34.04 -1.87
C PHE B 653 -2.18 33.29 -3.15
N ARG B 654 -1.99 31.97 -3.17
CA ARG B 654 -2.28 31.14 -4.33
C ARG B 654 -3.13 29.95 -3.89
N PRO B 655 -4.40 30.19 -3.59
CA PRO B 655 -5.24 29.09 -3.08
C PRO B 655 -5.68 28.13 -4.15
N ALA B 656 -6.03 28.65 -5.34
CA ALA B 656 -6.47 27.80 -6.43
C ALA B 656 -5.59 26.56 -6.56
N LEU B 657 -4.29 26.79 -6.79
CA LEU B 657 -3.34 25.70 -6.89
C LEU B 657 -3.55 24.68 -5.78
N VAL B 658 -3.46 25.12 -4.52
CA VAL B 658 -3.67 24.23 -3.40
C VAL B 658 -4.93 23.41 -3.61
N ASP B 659 -6.07 24.08 -3.82
CA ASP B 659 -7.33 23.38 -4.02
C ASP B 659 -7.16 22.21 -4.98
N PHE B 660 -6.62 22.50 -6.17
CA PHE B 660 -6.50 21.46 -7.19
C PHE B 660 -5.78 20.24 -6.63
N VAL B 661 -4.61 20.45 -6.05
CA VAL B 661 -3.86 19.32 -5.49
C VAL B 661 -4.71 18.61 -4.44
N GLY B 662 -5.30 19.37 -3.53
CA GLY B 662 -6.14 18.77 -2.52
C GLY B 662 -7.21 17.90 -3.14
N THR B 663 -7.82 18.38 -4.23
CA THR B 663 -8.92 17.63 -4.84
C THR B 663 -8.52 16.21 -5.13
N PHE B 664 -7.27 15.98 -5.53
CA PHE B 664 -6.82 14.64 -5.86
C PHE B 664 -5.91 14.04 -4.81
N THR B 665 -5.57 14.79 -3.76
CA THR B 665 -4.84 14.23 -2.63
C THR B 665 -5.73 13.97 -1.44
N ARG B 666 -6.94 14.54 -1.41
CA ARG B 666 -7.83 14.38 -0.28
C ARG B 666 -8.01 12.91 0.06
N ASN B 667 -7.60 12.55 1.28
CA ASN B 667 -7.76 11.21 1.83
C ASN B 667 -7.03 10.14 1.04
N LEU B 668 -6.16 10.53 0.11
CA LEU B 668 -5.49 9.56 -0.75
C LEU B 668 -3.97 9.59 -0.65
N SER B 669 -3.36 10.77 -0.60
CA SER B 669 -1.91 10.84 -0.54
C SER B 669 -1.46 12.10 0.18
N LEU B 670 -0.16 12.12 0.51
CA LEU B 670 0.42 13.23 1.25
C LEU B 670 0.44 14.48 0.38
N MET B 671 0.42 15.65 1.03
CA MET B 671 0.42 16.91 0.29
C MET B 671 1.05 17.98 1.15
N ILE B 672 2.27 18.37 0.82
CA ILE B 672 3.03 19.36 1.57
C ILE B 672 2.99 20.68 0.81
N CYS B 673 3.07 21.78 1.57
CA CYS B 673 3.10 23.14 1.02
C CYS B 673 4.47 23.73 1.31
N GLY B 674 5.14 24.22 0.28
CA GLY B 674 6.49 24.73 0.41
C GLY B 674 6.51 26.25 0.35
N HIS B 675 7.05 26.85 1.40
CA HIS B 675 7.23 28.29 1.49
C HIS B 675 8.68 28.57 1.80
N VAL B 676 9.33 29.37 0.95
CA VAL B 676 10.72 29.77 1.14
C VAL B 676 10.74 31.23 1.58
N LEU B 677 11.45 31.49 2.68
CA LEU B 677 11.54 32.83 3.24
C LEU B 677 12.85 33.49 2.82
N ILE B 678 12.84 34.82 2.84
CA ILE B 678 14.00 35.62 2.44
C ILE B 678 14.31 36.55 3.61
N GLY B 679 15.21 36.13 4.50
CA GLY B 679 15.56 36.91 5.67
C GLY B 679 16.34 36.10 6.69
N PRO B 680 17.15 36.79 7.49
CA PRO B 680 17.96 36.10 8.50
C PRO B 680 17.09 35.33 9.49
N HIS B 681 17.66 34.23 10.01
CA HIS B 681 16.89 33.34 10.87
C HIS B 681 16.40 34.07 12.12
N LYS B 682 17.26 34.85 12.78
CA LYS B 682 16.87 35.51 14.01
C LYS B 682 15.64 36.39 13.79
N GLN B 683 15.70 37.25 12.78
CA GLN B 683 14.54 38.08 12.44
C GLN B 683 13.36 37.25 11.96
N ARG B 684 13.60 36.01 11.55
CA ARG B 684 12.54 35.12 11.05
C ARG B 684 12.06 34.10 12.07
N MET B 685 12.93 33.67 12.99
CA MET B 685 12.55 32.61 13.93
C MET B 685 11.26 32.91 14.67
N PRO B 686 11.12 34.06 15.34
CA PRO B 686 9.83 34.36 16.00
C PRO B 686 8.68 34.43 15.00
N GLU B 687 8.85 35.20 13.92
CA GLU B 687 7.83 35.25 12.88
C GLU B 687 7.60 33.87 12.30
N LEU B 688 8.67 33.09 12.12
CA LEU B 688 8.53 31.74 11.59
C LEU B 688 7.56 30.94 12.44
N GLN B 689 7.80 30.88 13.75
CA GLN B 689 6.99 30.03 14.61
C GLN B 689 5.58 30.58 14.79
N LEU B 690 5.43 31.90 14.85
CA LEU B 690 4.11 32.48 15.09
C LEU B 690 3.28 32.62 13.81
N ILE B 691 3.86 32.40 12.64
CA ILE B 691 3.10 32.47 11.39
C ILE B 691 2.92 31.10 10.73
N ALA B 692 3.79 30.13 11.01
CA ALA B 692 3.54 28.79 10.50
C ALA B 692 2.23 28.23 11.05
N ASN B 693 1.96 28.46 12.33
CA ASN B 693 0.69 28.02 12.91
C ASN B 693 -0.49 28.75 12.29
N GLY B 694 -0.34 30.05 12.01
CA GLY B 694 -1.39 30.77 11.33
C GLY B 694 -1.70 30.19 9.96
N HIS B 695 -0.65 29.89 9.18
CA HIS B 695 -0.86 29.30 7.87
C HIS B 695 -1.49 27.91 7.98
N THR B 696 -1.05 27.11 8.95
CA THR B 696 -1.65 25.79 9.16
C THR B 696 -3.11 25.91 9.53
N LYS B 697 -3.46 26.86 10.39
CA LYS B 697 -4.85 27.03 10.77
C LYS B 697 -5.67 27.51 9.58
N TRP B 698 -5.09 28.34 8.72
CA TRP B 698 -5.77 28.76 7.50
C TRP B 698 -6.06 27.54 6.62
N LEU B 699 -5.07 26.67 6.45
CA LEU B 699 -5.28 25.45 5.66
C LEU B 699 -6.38 24.59 6.26
N ASN B 700 -6.34 24.39 7.58
CA ASN B 700 -7.34 23.58 8.24
C ASN B 700 -8.74 24.20 8.08
N LYS B 701 -8.85 25.51 8.25
CA LYS B 701 -10.12 26.18 8.03
C LYS B 701 -10.61 26.00 6.61
N ARG B 702 -9.69 25.90 5.65
CA ARG B 702 -10.06 25.61 4.27
C ARG B 702 -10.32 24.13 4.04
N LYS B 703 -10.13 23.29 5.06
CA LYS B 703 -10.42 21.86 4.97
C LYS B 703 -9.51 21.17 3.95
N ILE B 704 -8.20 21.35 4.13
CA ILE B 704 -7.20 20.70 3.31
C ILE B 704 -6.28 19.90 4.22
N LYS B 705 -6.06 18.64 3.88
CA LYS B 705 -5.17 17.77 4.65
C LYS B 705 -3.74 17.89 4.13
N ALA B 706 -3.20 19.09 4.26
CA ALA B 706 -1.87 19.42 3.76
C ALA B 706 -0.99 19.91 4.91
N PHE B 707 0.29 19.59 4.83
CA PHE B 707 1.28 20.04 5.80
C PHE B 707 1.99 21.28 5.26
N TYR B 708 1.95 22.36 6.04
CA TYR B 708 2.71 23.55 5.72
C TYR B 708 4.15 23.38 6.20
N SER B 709 5.11 23.75 5.36
CA SER B 709 6.52 23.69 5.71
C SER B 709 7.22 24.86 5.04
N ASP B 710 7.84 25.72 5.84
CA ASP B 710 8.55 26.88 5.33
C ASP B 710 10.03 26.79 5.68
N VAL B 711 10.88 27.22 4.73
CA VAL B 711 12.33 27.21 4.89
C VAL B 711 12.86 28.55 4.44
N ILE B 712 14.07 28.88 4.88
CA ILE B 712 14.70 30.17 4.61
C ILE B 712 15.90 29.94 3.72
N ALA B 713 16.02 30.75 2.67
CA ALA B 713 17.16 30.69 1.77
C ALA B 713 17.32 32.05 1.10
N GLU B 714 18.50 32.27 0.52
CA GLU B 714 18.76 33.51 -0.20
C GLU B 714 17.87 33.64 -1.42
N ASP B 715 17.64 32.53 -2.13
CA ASP B 715 16.84 32.52 -3.34
C ASP B 715 15.80 31.41 -3.25
N LEU B 716 14.74 31.55 -4.04
CA LEU B 716 13.66 30.57 -4.02
C LEU B 716 14.16 29.19 -4.44
N ARG B 717 15.06 29.14 -5.42
CA ARG B 717 15.54 27.85 -5.92
C ARG B 717 16.26 27.08 -4.83
N ARG B 718 17.09 27.76 -4.02
CA ARG B 718 17.81 27.07 -2.95
C ARG B 718 16.83 26.50 -1.92
N GLY B 719 15.82 27.27 -1.54
CA GLY B 719 14.83 26.77 -0.59
C GLY B 719 14.04 25.60 -1.13
N VAL B 720 13.67 25.66 -2.41
CA VAL B 720 12.96 24.54 -3.02
C VAL B 720 13.86 23.32 -3.05
N GLN B 721 15.14 23.50 -3.33
CA GLN B 721 16.07 22.38 -3.33
C GLN B 721 16.13 21.73 -1.95
N ILE B 722 16.25 22.55 -0.90
CA ILE B 722 16.35 22.00 0.45
C ILE B 722 15.05 21.28 0.83
N LEU B 723 13.91 21.84 0.42
CA LEU B 723 12.63 21.20 0.72
C LEU B 723 12.53 19.84 0.02
N MET B 724 12.81 19.81 -1.29
CA MET B 724 12.74 18.55 -2.02
C MET B 724 13.73 17.54 -1.46
N GLN B 725 14.86 18.01 -0.94
CA GLN B 725 15.84 17.09 -0.39
C GLN B 725 15.42 16.52 0.96
N ALA B 726 14.84 17.35 1.83
CA ALA B 726 14.66 16.96 3.22
C ALA B 726 13.21 16.83 3.66
N ALA B 727 12.27 17.49 2.99
CA ALA B 727 10.88 17.40 3.41
C ALA B 727 10.40 15.95 3.40
N GLY B 728 9.75 15.55 4.48
CA GLY B 728 9.18 14.21 4.54
C GLY B 728 9.64 13.37 5.72
N LEU B 729 8.79 12.43 6.14
CA LEU B 729 9.12 11.48 7.20
C LEU B 729 9.08 10.08 6.60
N GLY B 730 10.25 9.48 6.43
CA GLY B 730 10.30 8.13 5.91
C GLY B 730 9.66 8.04 4.54
N ARG B 731 8.73 7.10 4.39
CA ARG B 731 8.11 6.84 3.10
C ARG B 731 7.10 7.90 2.70
N MET B 732 6.72 8.78 3.62
CA MET B 732 5.82 9.88 3.30
C MET B 732 6.58 11.13 2.89
N LYS B 733 7.40 10.99 1.84
CA LYS B 733 8.14 12.10 1.25
C LYS B 733 7.66 12.35 -0.16
N PRO B 734 7.55 13.60 -0.58
CA PRO B 734 6.96 13.91 -1.90
C PRO B 734 7.74 13.24 -3.02
N ASN B 735 7.01 12.83 -4.06
CA ASN B 735 7.63 12.36 -5.28
C ASN B 735 7.24 13.21 -6.48
N ILE B 736 6.52 14.32 -6.25
CA ILE B 736 6.07 15.20 -7.31
C ILE B 736 6.19 16.64 -6.83
N LEU B 737 6.57 17.52 -7.73
CA LEU B 737 6.66 18.96 -7.46
C LEU B 737 5.61 19.67 -8.30
N VAL B 738 4.64 20.29 -7.63
CA VAL B 738 3.54 20.97 -8.31
C VAL B 738 3.80 22.47 -8.20
N VAL B 739 4.16 23.09 -9.33
CA VAL B 739 4.49 24.51 -9.38
C VAL B 739 3.46 25.23 -10.23
N GLY B 740 3.40 26.54 -10.04
CA GLY B 740 2.51 27.40 -10.80
C GLY B 740 3.24 28.12 -11.91
N PHE B 741 2.54 28.32 -13.02
CA PHE B 741 3.14 28.97 -14.17
C PHE B 741 3.54 30.41 -13.84
N LYS B 742 4.69 30.82 -14.36
CA LYS B 742 5.19 32.19 -14.21
C LYS B 742 4.50 33.07 -15.25
N LYS B 743 3.41 33.70 -14.83
CA LYS B 743 2.58 34.48 -15.75
C LYS B 743 3.32 35.68 -16.32
N ASN B 744 4.33 36.19 -15.62
CA ASN B 744 5.06 37.38 -16.03
C ASN B 744 6.52 37.05 -16.35
N TRP B 745 6.76 35.89 -16.96
CA TRP B 745 8.11 35.47 -17.25
C TRP B 745 8.81 36.32 -18.29
N GLN B 746 8.07 37.19 -19.00
CA GLN B 746 8.65 38.05 -20.01
C GLN B 746 9.03 39.41 -19.44
N SER B 747 8.12 40.03 -18.69
CA SER B 747 8.41 41.30 -18.03
C SER B 747 9.34 41.15 -16.84
N ALA B 748 9.56 39.96 -16.32
CA ALA B 748 10.41 39.74 -15.17
C ALA B 748 11.88 39.73 -15.57
N HIS B 749 12.74 39.90 -14.57
CA HIS B 749 14.17 39.86 -14.80
C HIS B 749 14.57 38.48 -15.30
N PRO B 750 15.34 38.38 -16.39
CA PRO B 750 15.69 37.06 -16.92
C PRO B 750 16.29 36.12 -15.89
N ALA B 751 16.94 36.66 -14.85
CA ALA B 751 17.47 35.79 -13.80
C ALA B 751 16.36 35.00 -13.12
N THR B 752 15.19 35.61 -12.95
CA THR B 752 14.08 34.90 -12.32
C THR B 752 13.61 33.74 -13.18
N VAL B 753 13.49 33.96 -14.49
CA VAL B 753 13.11 32.87 -15.39
C VAL B 753 14.14 31.76 -15.36
N GLU B 754 15.42 32.14 -15.36
CA GLU B 754 16.48 31.13 -15.28
C GLU B 754 16.37 30.33 -14.00
N ASP B 755 16.07 31.01 -12.88
CA ASP B 755 15.92 30.32 -11.60
C ASP B 755 14.74 29.35 -11.63
N TYR B 756 13.63 29.77 -12.24
CA TYR B 756 12.45 28.91 -12.32
C TYR B 756 12.74 27.66 -13.16
N ILE B 757 13.38 27.85 -14.30
CA ILE B 757 13.73 26.71 -15.14
C ILE B 757 14.71 25.80 -14.42
N GLY B 758 15.67 26.39 -13.69
CA GLY B 758 16.58 25.60 -12.90
C GLY B 758 15.90 24.82 -11.80
N ILE B 759 14.84 25.39 -11.22
CA ILE B 759 14.05 24.66 -10.23
C ILE B 759 13.43 23.43 -10.88
N LEU B 760 12.89 23.60 -12.09
CA LEU B 760 12.37 22.43 -12.80
C LEU B 760 13.46 21.40 -13.05
N HIS B 761 14.64 21.84 -13.47
CA HIS B 761 15.74 20.92 -13.71
C HIS B 761 16.12 20.18 -12.43
N ASP B 762 16.17 20.90 -11.30
CA ASP B 762 16.48 20.26 -10.02
C ASP B 762 15.42 19.24 -9.65
N ALA B 763 14.15 19.57 -9.85
CA ALA B 763 13.09 18.61 -9.57
C ALA B 763 13.29 17.35 -10.39
N PHE B 764 13.68 17.50 -11.66
CA PHE B 764 13.97 16.33 -12.49
C PHE B 764 15.16 15.55 -11.93
N ASP B 765 16.20 16.25 -11.50
CA ASP B 765 17.41 15.57 -11.01
C ASP B 765 17.10 14.64 -9.85
N PHE B 766 16.05 14.94 -9.09
CA PHE B 766 15.69 14.14 -7.92
C PHE B 766 14.63 13.09 -8.22
N ASN B 767 14.29 12.88 -9.49
CA ASN B 767 13.23 11.99 -9.95
C ASN B 767 11.86 12.52 -9.57
N TYR B 768 11.76 13.80 -9.21
CA TYR B 768 10.48 14.41 -8.89
C TYR B 768 9.68 14.63 -10.16
N GLY B 769 8.50 14.01 -10.25
CA GLY B 769 7.60 14.31 -11.35
C GLY B 769 7.09 15.73 -11.28
N VAL B 770 7.27 16.49 -12.34
CA VAL B 770 6.92 17.91 -12.34
C VAL B 770 5.48 18.08 -12.78
N CYS B 771 4.82 19.10 -12.23
CA CYS B 771 3.44 19.42 -12.59
C CYS B 771 3.33 20.94 -12.64
N VAL B 772 3.38 21.50 -13.83
CA VAL B 772 3.28 22.94 -14.02
C VAL B 772 1.84 23.29 -14.32
N MET B 773 1.26 24.17 -13.51
CA MET B 773 -0.15 24.56 -13.64
C MET B 773 -0.24 25.98 -14.17
N ARG B 774 -0.98 26.15 -15.27
CA ARG B 774 -1.19 27.47 -15.87
C ARG B 774 -2.69 27.75 -15.94
N MET B 775 -3.08 28.93 -15.48
CA MET B 775 -4.47 29.36 -15.52
C MET B 775 -4.51 30.79 -16.05
N ARG B 776 -5.54 31.09 -16.85
CA ARG B 776 -5.65 32.43 -17.43
C ARG B 776 -5.80 33.49 -16.35
N GLU B 777 -6.63 33.22 -15.33
CA GLU B 777 -6.86 34.19 -14.28
C GLU B 777 -5.56 34.57 -13.58
N GLY B 778 -4.69 33.59 -13.35
CA GLY B 778 -3.46 33.82 -12.62
C GLY B 778 -3.35 32.91 -11.41
N LEU B 779 -2.45 33.25 -10.49
CA LEU B 779 -2.25 32.48 -9.27
C LEU B 779 -3.05 33.02 -8.10
N ASN B 780 -2.92 34.31 -7.80
CA ASN B 780 -3.61 34.91 -6.68
C ASN B 780 -5.12 34.91 -6.95
N GLU B 815 -12.96 35.69 5.14
CA GLU B 815 -13.20 34.47 4.36
C GLU B 815 -12.09 34.22 3.35
N GLN B 816 -11.97 32.96 2.92
CA GLN B 816 -10.98 32.57 1.92
C GLN B 816 -11.59 32.72 0.53
N ALA B 817 -10.76 33.12 -0.43
CA ALA B 817 -11.24 33.28 -1.80
C ALA B 817 -11.71 31.95 -2.38
N THR B 818 -12.75 32.01 -3.20
CA THR B 818 -13.29 30.83 -3.84
C THR B 818 -12.72 30.69 -5.24
N THR B 819 -12.24 29.49 -5.56
CA THR B 819 -11.64 29.22 -6.86
C THR B 819 -12.58 28.37 -7.70
N ILE B 820 -12.25 28.24 -8.99
CA ILE B 820 -13.09 27.48 -9.90
C ILE B 820 -13.16 26.02 -9.52
N PHE B 821 -12.11 25.47 -8.91
CA PHE B 821 -12.07 24.05 -8.59
C PHE B 821 -13.03 23.67 -7.47
N GLN B 822 -13.41 24.62 -6.60
CA GLN B 822 -14.36 24.28 -5.54
C GLN B 822 -15.75 24.05 -6.09
N SER B 823 -16.04 24.52 -7.30
CA SER B 823 -17.30 24.23 -7.96
C SER B 823 -17.25 22.85 -8.62
N GLU B 824 -18.36 22.47 -9.23
CA GLU B 824 -18.49 21.19 -9.93
C GLU B 824 -18.42 21.42 -11.43
N GLN B 825 -17.53 20.69 -12.09
CA GLN B 825 -17.36 20.86 -13.54
C GLN B 825 -18.54 20.31 -14.33
N GLY B 826 -19.19 19.26 -13.84
CA GLY B 826 -20.40 18.79 -14.50
C GLY B 826 -20.09 17.82 -15.63
N LYS B 827 -20.75 18.02 -16.77
CA LYS B 827 -20.62 17.14 -17.92
C LYS B 827 -19.45 17.49 -18.81
N LYS B 828 -18.76 18.59 -18.54
CA LYS B 828 -17.65 19.00 -19.40
C LYS B 828 -16.61 17.89 -19.47
N THR B 829 -15.80 17.88 -20.53
CA THR B 829 -14.87 16.81 -20.77
C THR B 829 -13.47 17.18 -20.28
N ILE B 830 -12.70 16.15 -19.96
CA ILE B 830 -11.30 16.29 -19.56
C ILE B 830 -10.43 15.77 -20.69
N ASP B 831 -9.73 16.66 -21.38
CA ASP B 831 -8.90 16.31 -22.51
C ASP B 831 -7.49 16.03 -22.02
N ILE B 832 -6.99 14.83 -22.31
CA ILE B 832 -5.67 14.39 -21.87
C ILE B 832 -4.82 14.12 -23.10
N TYR B 833 -3.83 14.96 -23.34
CA TYR B 833 -2.94 14.83 -24.50
C TYR B 833 -1.70 14.05 -24.08
N TRP B 834 -1.83 12.72 -24.15
CA TRP B 834 -0.74 11.81 -23.80
C TRP B 834 0.17 11.61 -25.02
N LEU B 835 0.84 12.71 -25.41
CA LEU B 835 1.70 12.67 -26.58
C LEU B 835 2.87 11.73 -26.37
N PHE B 836 3.56 11.85 -25.24
CA PHE B 836 4.72 11.04 -24.94
C PHE B 836 4.49 10.23 -23.68
N ASP B 837 5.14 9.07 -23.62
CA ASP B 837 4.94 8.12 -22.53
C ASP B 837 5.81 8.55 -21.35
N ASP B 838 5.18 9.10 -20.31
CA ASP B 838 5.87 9.51 -19.10
C ASP B 838 5.84 8.44 -18.02
N GLY B 839 5.30 7.27 -18.32
CA GLY B 839 5.11 6.24 -17.33
C GLY B 839 3.72 6.16 -16.74
N GLY B 840 2.78 6.94 -17.25
CA GLY B 840 1.40 6.89 -16.83
C GLY B 840 0.96 8.02 -15.93
N LEU B 841 1.88 8.81 -15.39
CA LEU B 841 1.51 9.88 -14.49
C LEU B 841 0.54 10.86 -15.13
N THR B 842 0.64 11.06 -16.45
CA THR B 842 -0.30 11.92 -17.14
C THR B 842 -1.71 11.37 -17.10
N LEU B 843 -1.86 10.06 -16.89
CA LEU B 843 -3.17 9.42 -16.85
C LEU B 843 -3.70 9.22 -15.44
N LEU B 844 -2.83 9.01 -14.46
CA LEU B 844 -3.28 8.78 -13.10
C LEU B 844 -3.90 10.03 -12.49
N ILE B 845 -3.25 11.18 -12.70
CA ILE B 845 -3.77 12.42 -12.12
C ILE B 845 -5.19 12.71 -12.57
N PRO B 846 -5.52 12.66 -13.86
CA PRO B 846 -6.92 12.89 -14.25
C PRO B 846 -7.85 11.79 -13.79
N TYR B 847 -7.35 10.56 -13.67
CA TYR B 847 -8.19 9.48 -13.17
C TYR B 847 -8.63 9.75 -11.74
N LEU B 848 -7.70 10.18 -10.89
CA LEU B 848 -8.02 10.45 -9.50
C LEU B 848 -8.94 11.66 -9.38
N LEU B 849 -8.77 12.65 -10.25
CA LEU B 849 -9.66 13.80 -10.24
C LEU B 849 -11.09 13.40 -10.54
N GLY B 850 -11.29 12.58 -11.57
CA GLY B 850 -12.63 12.12 -11.89
C GLY B 850 -13.24 11.27 -10.81
N ARG B 851 -12.41 10.56 -10.05
CA ARG B 851 -12.92 9.75 -8.95
C ARG B 851 -13.53 10.61 -7.85
N LYS B 852 -13.29 11.91 -7.86
CA LYS B 852 -13.91 12.81 -6.90
C LYS B 852 -15.34 13.12 -7.32
N ARG B 853 -16.14 13.57 -6.36
CA ARG B 853 -17.56 13.81 -6.64
C ARG B 853 -17.75 14.97 -7.61
N ARG B 854 -16.80 15.90 -7.67
CA ARG B 854 -16.94 17.06 -8.55
C ARG B 854 -16.55 16.79 -9.99
N TRP B 855 -15.81 15.71 -10.26
CA TRP B 855 -15.40 15.38 -11.62
C TRP B 855 -15.97 14.06 -12.10
N SER B 856 -16.95 13.50 -11.40
CA SER B 856 -17.49 12.20 -11.78
C SER B 856 -18.19 12.25 -13.14
N LYS B 857 -18.94 13.32 -13.39
CA LYS B 857 -19.71 13.44 -14.63
C LYS B 857 -18.86 13.86 -15.82
N CYS B 858 -17.58 14.17 -15.66
CA CYS B 858 -16.76 14.62 -16.76
C CYS B 858 -16.45 13.46 -17.70
N LYS B 859 -16.63 13.69 -18.99
CA LYS B 859 -16.33 12.68 -20.01
C LYS B 859 -14.87 12.85 -20.42
N ILE B 860 -14.02 11.91 -20.00
CA ILE B 860 -12.58 12.03 -20.20
C ILE B 860 -12.26 11.58 -21.63
N ARG B 861 -11.60 12.45 -22.38
CA ARG B 861 -11.16 12.15 -23.74
C ARG B 861 -9.64 12.08 -23.77
N VAL B 862 -9.11 10.99 -24.33
CA VAL B 862 -7.67 10.76 -24.40
C VAL B 862 -7.21 10.99 -25.83
N PHE B 863 -6.20 11.85 -25.99
CA PHE B 863 -5.67 12.21 -27.30
C PHE B 863 -4.27 11.64 -27.44
N VAL B 864 -4.01 10.93 -28.53
CA VAL B 864 -2.72 10.32 -28.80
C VAL B 864 -2.34 10.62 -30.23
N GLY B 865 -1.05 10.51 -30.52
CA GLY B 865 -0.54 10.76 -31.85
C GLY B 865 -0.42 9.48 -32.66
N GLY B 866 -0.75 9.58 -33.94
CA GLY B 866 -0.65 8.44 -34.84
C GLY B 866 -0.41 8.93 -36.25
N GLN B 867 -0.39 7.98 -37.17
CA GLN B 867 -0.22 8.28 -38.59
C GLN B 867 -1.54 8.11 -39.33
N ILE B 868 -1.75 8.97 -40.32
CA ILE B 868 -3.03 8.99 -41.03
C ILE B 868 -3.33 7.64 -41.66
N ASN B 869 -2.30 6.90 -42.06
CA ASN B 869 -2.53 5.63 -42.75
C ASN B 869 -3.18 4.61 -41.83
N ARG B 870 -2.70 4.51 -40.59
CA ARG B 870 -3.18 3.50 -39.64
C ARG B 870 -3.96 4.12 -38.49
N MET B 871 -4.80 5.12 -38.77
CA MET B 871 -5.61 5.70 -37.71
C MET B 871 -6.47 4.63 -37.02
N ASP B 872 -7.21 3.85 -37.80
CA ASP B 872 -8.16 2.90 -37.21
C ASP B 872 -7.46 1.87 -36.33
N GLN B 873 -6.39 1.27 -36.85
CA GLN B 873 -5.68 0.27 -36.06
C GLN B 873 -5.08 0.87 -34.80
N GLU B 874 -4.51 2.08 -34.91
CA GLU B 874 -3.91 2.71 -33.75
C GLU B 874 -4.97 3.17 -32.75
N ARG B 875 -6.16 3.50 -33.24
CA ARG B 875 -7.24 3.88 -32.34
C ARG B 875 -7.63 2.74 -31.41
N LYS B 876 -7.46 1.50 -31.85
CA LYS B 876 -7.83 0.33 -31.07
C LYS B 876 -6.72 -0.14 -30.14
N ALA B 877 -5.46 -0.06 -30.57
CA ALA B 877 -4.36 -0.46 -29.71
C ALA B 877 -4.22 0.46 -28.50
N ILE B 878 -4.66 1.70 -28.60
CA ILE B 878 -4.63 2.63 -27.49
C ILE B 878 -5.93 2.58 -26.69
N ILE B 879 -7.05 2.25 -27.34
CA ILE B 879 -8.31 2.07 -26.66
C ILE B 879 -8.28 0.74 -25.90
N SER B 880 -7.23 -0.04 -26.14
CA SER B 880 -7.03 -1.32 -25.47
C SER B 880 -6.05 -1.24 -24.31
N LEU B 881 -4.98 -0.44 -24.46
CA LEU B 881 -4.09 -0.20 -23.32
C LEU B 881 -4.84 0.47 -22.18
N LEU B 882 -5.70 1.44 -22.51
CA LEU B 882 -6.53 2.06 -21.49
C LEU B 882 -7.45 1.05 -20.83
N SER B 883 -7.99 0.11 -21.61
CA SER B 883 -8.82 -0.94 -21.04
C SER B 883 -8.03 -1.81 -20.07
N LYS B 884 -6.80 -2.15 -20.43
CA LYS B 884 -5.97 -2.96 -19.54
C LYS B 884 -5.71 -2.25 -18.23
N PHE B 885 -5.44 -0.95 -18.28
CA PHE B 885 -5.30 -0.16 -17.06
C PHE B 885 -6.62 -0.05 -16.31
N ARG B 886 -7.74 -0.27 -16.98
CA ARG B 886 -9.06 -0.15 -16.36
C ARG B 886 -9.24 1.22 -15.72
N LEU B 887 -8.98 2.26 -16.51
CA LEU B 887 -9.10 3.63 -16.04
C LEU B 887 -10.48 4.24 -16.33
N GLY B 888 -11.32 3.60 -17.13
CA GLY B 888 -12.64 4.12 -17.39
C GLY B 888 -12.70 5.28 -18.37
N PHE B 889 -11.62 5.56 -19.08
CA PHE B 889 -11.63 6.66 -20.04
C PHE B 889 -12.56 6.35 -21.20
N HIS B 890 -13.26 7.38 -21.68
CA HIS B 890 -14.34 7.15 -22.65
C HIS B 890 -13.81 7.02 -24.07
N GLU B 891 -13.20 8.08 -24.61
CA GLU B 891 -12.82 8.11 -26.01
C GLU B 891 -11.31 8.16 -26.16
N VAL B 892 -10.86 7.84 -27.37
CA VAL B 892 -9.45 7.89 -27.75
C VAL B 892 -9.37 8.48 -29.15
N HIS B 893 -8.71 9.63 -29.27
CA HIS B 893 -8.56 10.32 -30.55
C HIS B 893 -7.09 10.32 -30.97
N ILE B 894 -6.85 10.44 -32.27
CA ILE B 894 -5.50 10.39 -32.82
C ILE B 894 -5.32 11.57 -33.78
N LEU B 895 -4.11 12.11 -33.81
CA LEU B 895 -3.79 13.32 -34.56
C LEU B 895 -2.59 13.09 -35.46
N PRO B 896 -2.77 12.55 -36.66
CA PRO B 896 -1.64 12.39 -37.59
C PRO B 896 -1.02 13.71 -38.03
N ASP B 897 -1.73 14.83 -37.92
CA ASP B 897 -1.30 16.11 -38.46
C ASP B 897 -0.50 16.93 -37.47
N ILE B 898 0.17 16.28 -36.50
CA ILE B 898 0.90 17.03 -35.49
C ILE B 898 2.27 17.43 -36.03
N ASN B 899 2.79 16.66 -36.99
CA ASN B 899 4.10 16.94 -37.56
C ASN B 899 4.05 17.96 -38.69
N GLN B 900 2.87 18.31 -39.19
CA GLN B 900 2.77 19.28 -40.25
C GLN B 900 3.22 20.66 -39.76
N ASN B 901 3.74 21.45 -40.66
CA ASN B 901 4.33 22.74 -40.30
C ASN B 901 3.28 23.67 -39.72
N PRO B 902 3.51 24.25 -38.54
CA PRO B 902 2.54 25.20 -37.98
C PRO B 902 2.18 26.30 -38.98
N ARG B 903 1.08 27.00 -38.71
CA ARG B 903 0.66 28.07 -39.60
C ARG B 903 1.73 29.16 -39.68
N ALA B 904 1.83 29.79 -40.85
CA ALA B 904 2.89 30.77 -41.07
C ALA B 904 2.76 31.98 -40.16
N GLU B 905 1.56 32.23 -39.63
CA GLU B 905 1.39 33.40 -38.77
C GLU B 905 1.69 33.08 -37.32
N HIS B 906 1.26 31.91 -36.85
CA HIS B 906 1.55 31.52 -35.48
C HIS B 906 3.03 31.27 -35.25
N THR B 907 3.72 30.65 -36.23
CA THR B 907 5.13 30.33 -36.05
C THR B 907 5.96 31.59 -35.83
N LYS B 908 5.67 32.64 -36.60
CA LYS B 908 6.39 33.90 -36.41
C LYS B 908 6.11 34.50 -35.04
N ARG B 909 4.93 34.22 -34.48
CA ARG B 909 4.62 34.67 -33.13
C ARG B 909 5.60 34.07 -32.14
N PHE B 910 5.91 32.77 -32.28
CA PHE B 910 6.88 32.14 -31.40
C PHE B 910 8.26 32.78 -31.55
N GLU B 911 8.68 33.04 -32.78
CA GLU B 911 9.98 33.65 -33.01
C GLU B 911 10.05 35.05 -32.42
N ASP B 912 8.98 35.84 -32.58
CA ASP B 912 8.97 37.18 -32.02
C ASP B 912 8.82 37.16 -30.51
N MET B 913 8.28 36.07 -29.96
CA MET B 913 8.17 35.93 -28.51
C MET B 913 9.51 35.61 -27.87
N ILE B 914 10.46 35.07 -28.62
CA ILE B 914 11.80 34.79 -28.12
C ILE B 914 12.84 35.73 -28.69
N ALA B 915 12.41 36.80 -29.37
CA ALA B 915 13.37 37.75 -29.94
C ALA B 915 14.24 38.40 -28.89
N PRO B 916 13.70 38.90 -27.77
CA PRO B 916 14.57 39.58 -26.79
C PRO B 916 15.67 38.72 -26.23
N PHE B 917 15.46 37.42 -26.06
CA PHE B 917 16.42 36.55 -25.40
C PHE B 917 17.43 35.93 -26.35
N ARG B 918 17.39 36.29 -27.64
CA ARG B 918 18.33 35.74 -28.60
C ARG B 918 19.71 36.39 -28.40
N LEU B 919 20.72 35.55 -28.16
CA LEU B 919 22.08 36.04 -28.00
C LEU B 919 22.75 36.35 -29.33
N ASN B 920 22.22 35.82 -30.43
CA ASN B 920 22.79 36.04 -31.76
C ASN B 920 24.22 35.50 -31.82
N ASP B 921 24.34 34.19 -31.62
CA ASP B 921 25.60 33.46 -31.63
C ASP B 921 25.51 32.25 -32.52
N GLY B 922 24.98 32.44 -33.73
CA GLY B 922 24.79 31.36 -34.69
C GLY B 922 25.94 31.15 -35.64
N PHE B 923 27.13 31.70 -35.34
CA PHE B 923 28.28 31.52 -36.20
C PHE B 923 29.58 31.31 -35.41
N LYS B 924 29.48 30.90 -34.14
CA LYS B 924 30.65 30.74 -33.29
C LYS B 924 30.60 29.40 -32.58
N ASP B 925 31.78 28.83 -32.35
CA ASP B 925 31.87 27.53 -31.71
C ASP B 925 31.36 27.60 -30.28
N GLU B 926 30.92 26.45 -29.76
CA GLU B 926 30.43 26.39 -28.39
C GLU B 926 31.48 26.87 -27.39
N ALA B 927 32.76 26.60 -27.67
CA ALA B 927 33.81 27.11 -26.80
C ALA B 927 33.92 28.63 -26.91
N THR B 928 33.44 29.20 -28.01
CA THR B 928 33.43 30.65 -28.23
C THR B 928 32.07 31.26 -27.92
N VAL B 929 31.19 30.52 -27.25
CA VAL B 929 29.88 31.04 -26.87
C VAL B 929 29.76 31.29 -25.37
N ASN B 930 30.60 30.68 -24.54
CA ASN B 930 30.40 30.75 -23.10
C ASN B 930 30.70 32.14 -22.56
N GLU B 931 31.75 32.79 -23.05
CA GLU B 931 32.21 34.04 -22.45
C GLU B 931 31.09 35.08 -22.44
N MET B 932 30.35 35.19 -23.56
CA MET B 932 29.18 36.05 -23.59
C MET B 932 27.96 35.39 -22.95
N ARG B 933 28.16 34.32 -22.18
CA ARG B 933 27.10 33.64 -21.47
C ARG B 933 27.20 33.76 -19.96
N ARG B 934 28.39 34.09 -19.43
CA ARG B 934 28.58 34.09 -17.98
C ARG B 934 27.55 34.98 -17.30
N ASP B 935 27.43 36.23 -17.75
CA ASP B 935 26.46 37.14 -17.15
C ASP B 935 25.04 36.81 -17.57
N CYS B 936 24.85 36.20 -18.74
CA CYS B 936 23.53 35.96 -19.33
C CYS B 936 23.39 34.50 -19.74
N PRO B 937 23.27 33.59 -18.77
CA PRO B 937 23.04 32.18 -19.11
C PRO B 937 21.72 31.94 -19.81
N TRP B 938 20.77 32.88 -19.75
CA TRP B 938 19.49 32.69 -20.39
C TRP B 938 19.54 32.97 -21.89
N LYS B 939 20.47 33.80 -22.35
CA LYS B 939 20.52 34.15 -23.76
C LYS B 939 20.61 32.90 -24.63
N ILE B 940 19.90 32.91 -25.74
CA ILE B 940 19.80 31.77 -26.65
C ILE B 940 20.65 32.08 -27.87
N SER B 941 21.69 31.29 -28.08
CA SER B 941 22.50 31.44 -29.28
C SER B 941 21.75 30.95 -30.50
N ASP B 942 22.03 31.58 -31.64
CA ASP B 942 21.40 31.15 -32.90
C ASP B 942 21.70 29.69 -33.19
N GLU B 943 22.88 29.21 -32.78
CA GLU B 943 23.22 27.81 -32.97
C GLU B 943 22.18 26.90 -32.32
N GLU B 944 21.89 27.13 -31.04
CA GLU B 944 20.93 26.29 -30.34
C GLU B 944 19.56 26.37 -30.98
N ILE B 945 19.24 27.48 -31.65
CA ILE B 945 17.95 27.62 -32.29
C ILE B 945 17.83 26.67 -33.48
N THR B 946 18.92 26.48 -34.22
CA THR B 946 18.87 25.62 -35.40
C THR B 946 18.54 24.18 -35.02
N LYS B 947 19.17 23.66 -33.97
CA LYS B 947 18.93 22.28 -33.57
C LYS B 947 17.57 22.07 -32.94
N ASN B 948 16.86 23.15 -32.59
CA ASN B 948 15.54 23.04 -31.98
C ASN B 948 14.44 23.60 -32.89
N ARG B 949 14.69 23.64 -34.20
CA ARG B 949 13.68 24.16 -35.12
C ARG B 949 12.45 23.27 -35.16
N VAL B 950 12.66 21.96 -35.35
CA VAL B 950 11.52 21.04 -35.41
C VAL B 950 10.80 21.00 -34.07
N LYS B 951 11.56 20.87 -32.98
CA LYS B 951 10.94 20.76 -31.66
C LYS B 951 10.17 22.03 -31.32
N SER B 952 10.76 23.20 -31.59
CA SER B 952 10.05 24.44 -31.33
C SER B 952 8.80 24.54 -32.18
N LEU B 953 8.90 24.16 -33.46
CA LEU B 953 7.74 24.20 -34.34
C LEU B 953 6.67 23.23 -33.89
N ARG B 954 7.07 22.04 -33.42
CA ARG B 954 6.10 21.04 -33.00
C ARG B 954 5.25 21.55 -31.84
N GLN B 955 5.88 22.24 -30.89
CA GLN B 955 5.12 22.80 -29.78
C GLN B 955 4.07 23.79 -30.27
N VAL B 956 4.43 24.63 -31.24
CA VAL B 956 3.46 25.56 -31.82
C VAL B 956 2.32 24.79 -32.47
N ARG B 957 2.66 23.74 -33.22
CA ARG B 957 1.63 22.92 -33.86
C ARG B 957 0.75 22.24 -32.82
N LEU B 958 1.36 21.78 -31.72
CA LEU B 958 0.56 21.17 -30.64
C LEU B 958 -0.47 22.16 -30.12
N ASN B 959 -0.05 23.41 -29.89
CA ASN B 959 -1.00 24.42 -29.43
C ASN B 959 -2.11 24.66 -30.44
N GLU B 960 -1.85 24.42 -31.73
CA GLU B 960 -2.92 24.52 -32.72
C GLU B 960 -3.95 23.43 -32.50
N ILE B 961 -3.51 22.19 -32.35
CA ILE B 961 -4.44 21.07 -32.19
C ILE B 961 -5.29 21.26 -30.95
N VAL B 962 -4.66 21.63 -29.84
CA VAL B 962 -5.38 21.78 -28.58
C VAL B 962 -6.38 22.92 -28.69
N LEU B 963 -6.01 23.99 -29.40
CA LEU B 963 -6.88 25.16 -29.52
C LEU B 963 -8.12 24.89 -30.37
N ASP B 964 -8.17 23.76 -31.08
CA ASP B 964 -9.33 23.41 -31.89
C ASP B 964 -10.10 22.23 -31.33
N TYR B 965 -9.68 21.66 -30.21
CA TYR B 965 -10.37 20.52 -29.60
C TYR B 965 -10.91 20.84 -28.20
N SER B 966 -10.04 21.35 -27.32
CA SER B 966 -10.39 21.59 -25.93
C SER B 966 -10.85 23.02 -25.69
N ARG B 967 -11.47 23.66 -26.69
CA ARG B 967 -11.99 25.01 -26.50
C ARG B 967 -12.92 25.09 -25.30
N ASP B 968 -13.74 24.06 -25.08
CA ASP B 968 -14.78 24.07 -24.06
C ASP B 968 -14.65 22.85 -23.15
N ALA B 969 -13.43 22.55 -22.73
CA ALA B 969 -13.17 21.43 -21.84
C ALA B 969 -13.09 21.92 -20.40
N ALA B 970 -13.51 21.04 -19.48
CA ALA B 970 -13.42 21.37 -18.06
C ALA B 970 -11.98 21.43 -17.58
N LEU B 971 -11.10 20.60 -18.12
CA LEU B 971 -9.71 20.57 -17.71
C LEU B 971 -8.86 20.05 -18.86
N ILE B 972 -7.69 20.65 -19.03
CA ILE B 972 -6.75 20.29 -20.08
C ILE B 972 -5.49 19.75 -19.43
N VAL B 973 -5.06 18.58 -19.89
CA VAL B 973 -3.81 17.96 -19.43
C VAL B 973 -2.95 17.70 -20.66
N ILE B 974 -1.72 18.18 -20.62
CA ILE B 974 -0.76 17.98 -21.71
C ILE B 974 0.57 17.56 -21.11
N THR B 975 1.21 16.59 -21.74
CA THR B 975 2.52 16.13 -21.27
C THR B 975 3.53 17.26 -21.37
N LEU B 976 4.47 17.29 -20.43
CA LEU B 976 5.45 18.35 -20.37
C LEU B 976 6.69 17.98 -21.17
N PRO B 977 7.03 18.71 -22.22
CA PRO B 977 8.27 18.45 -22.94
C PRO B 977 9.47 18.53 -21.99
N ILE B 978 10.44 17.66 -22.21
CA ILE B 978 11.63 17.58 -21.37
C ILE B 978 12.79 18.21 -22.14
N GLY B 979 13.23 19.38 -21.70
CA GLY B 979 14.45 19.94 -22.23
C GLY B 979 15.68 19.27 -21.65
N ARG B 980 16.78 19.37 -22.38
CA ARG B 980 18.04 18.78 -21.96
C ARG B 980 18.93 19.84 -21.32
N LYS B 981 19.47 19.54 -20.14
CA LYS B 981 20.36 20.46 -19.47
C LYS B 981 21.61 20.69 -20.31
N GLY B 982 22.00 21.95 -20.43
CA GLY B 982 23.14 22.32 -21.25
C GLY B 982 22.83 22.50 -22.71
N LYS B 983 21.59 22.26 -23.13
CA LYS B 983 21.19 22.48 -24.51
C LYS B 983 19.82 23.12 -24.64
N CYS B 984 19.13 23.40 -23.53
CA CYS B 984 17.83 24.06 -23.54
C CYS B 984 17.93 25.24 -22.58
N PRO B 985 18.41 26.38 -23.04
CA PRO B 985 18.48 27.55 -22.17
C PRO B 985 17.11 27.91 -21.62
N SER B 986 17.09 28.49 -20.43
CA SER B 986 15.82 28.74 -19.74
C SER B 986 14.85 29.51 -20.64
N SER B 987 15.37 30.42 -21.47
CA SER B 987 14.49 31.19 -22.33
C SER B 987 13.73 30.28 -23.30
N LEU B 988 14.46 29.41 -24.00
CA LEU B 988 13.80 28.49 -24.93
C LEU B 988 12.83 27.57 -24.21
N TYR B 989 13.26 27.04 -23.05
CA TYR B 989 12.41 26.12 -22.30
C TYR B 989 11.11 26.79 -21.89
N MET B 990 11.18 28.02 -21.40
CA MET B 990 9.97 28.73 -21.00
C MET B 990 9.08 29.04 -22.20
N ALA B 991 9.67 29.33 -23.35
CA ALA B 991 8.87 29.61 -24.54
C ALA B 991 7.99 28.41 -24.89
N TRP B 992 8.56 27.21 -24.85
CA TRP B 992 7.77 26.01 -25.10
C TRP B 992 6.61 25.92 -24.13
N LEU B 993 6.89 26.10 -22.84
CA LEU B 993 5.84 26.00 -21.83
C LEU B 993 4.77 27.07 -22.07
N GLU B 994 5.19 28.31 -22.35
CA GLU B 994 4.24 29.34 -22.72
C GLU B 994 3.52 29.00 -24.02
N THR B 995 4.28 28.58 -25.04
CA THR B 995 3.66 28.31 -26.34
C THR B 995 2.70 27.14 -26.26
N LEU B 996 3.03 26.12 -25.47
CA LEU B 996 2.15 24.96 -25.34
C LEU B 996 0.77 25.38 -24.86
N SER B 997 0.69 25.95 -23.66
CA SER B 997 -0.56 26.40 -23.07
C SER B 997 -0.69 27.90 -23.27
N GLN B 998 -1.60 28.31 -24.14
CA GLN B 998 -1.78 29.73 -24.43
C GLN B 998 -2.94 29.97 -25.39
N ASP B 999 -3.51 31.17 -25.36
CA ASP B 999 -4.54 31.66 -26.28
C ASP B 999 -5.91 31.01 -26.08
N LEU B 1000 -6.07 30.12 -25.11
CA LEU B 1000 -7.32 29.42 -24.88
C LEU B 1000 -7.84 29.76 -23.48
N ARG B 1001 -8.87 29.04 -23.03
CA ARG B 1001 -9.40 29.25 -21.69
C ARG B 1001 -8.85 28.14 -20.81
N PRO B 1002 -7.61 28.30 -20.34
CA PRO B 1002 -6.86 27.15 -19.81
C PRO B 1002 -7.11 26.94 -18.33
N PRO B 1003 -7.74 25.82 -17.96
CA PRO B 1003 -7.39 25.13 -16.71
C PRO B 1003 -6.31 24.07 -16.97
N VAL B 1004 -5.27 24.45 -17.70
CA VAL B 1004 -4.34 23.48 -18.27
C VAL B 1004 -3.31 23.07 -17.23
N ILE B 1005 -2.99 21.78 -17.19
CA ILE B 1005 -1.96 21.22 -16.34
C ILE B 1005 -0.94 20.53 -17.24
N LEU B 1006 0.33 20.93 -17.14
CA LEU B 1006 1.40 20.34 -17.94
C LEU B 1006 2.17 19.33 -17.09
N ILE B 1007 1.61 18.13 -17.01
CA ILE B 1007 2.16 17.07 -16.17
C ILE B 1007 3.25 16.33 -16.92
N ARG B 1008 4.18 15.73 -16.18
CA ARG B 1008 5.24 14.93 -16.78
C ARG B 1008 5.84 14.03 -15.70
N GLY B 1009 5.69 12.72 -15.86
CA GLY B 1009 6.22 11.78 -14.91
C GLY B 1009 7.72 11.62 -15.03
N ASN B 1010 8.28 10.83 -14.12
CA ASN B 1010 9.71 10.56 -14.09
C ASN B 1010 10.09 9.33 -14.90
N GLN B 1011 9.34 9.02 -15.95
CA GLN B 1011 9.63 7.90 -16.84
C GLN B 1011 9.61 6.57 -16.08
N GLU B 1012 8.82 6.50 -15.02
CA GLU B 1012 8.64 5.28 -14.24
C GLU B 1012 7.17 4.93 -14.18
N ASN B 1013 6.87 3.65 -14.36
CA ASN B 1013 5.49 3.19 -14.43
C ASN B 1013 4.77 3.53 -13.13
N VAL B 1014 3.60 4.16 -13.25
CA VAL B 1014 2.74 4.42 -12.12
C VAL B 1014 1.42 3.66 -12.22
N LEU B 1015 1.05 3.18 -13.40
CA LEU B 1015 -0.14 2.35 -13.60
C LEU B 1015 0.29 1.00 -14.13
N THR B 1016 -0.31 -0.06 -13.60
CA THR B 1016 0.01 -1.42 -14.03
C THR B 1016 -1.26 -2.22 -14.18
N PHE B 1017 -1.30 -3.05 -15.23
CA PHE B 1017 -2.40 -3.99 -15.45
C PHE B 1017 -2.02 -5.40 -15.04
N TYR B 1018 -0.85 -5.57 -14.42
CA TYR B 1018 -0.23 -6.87 -14.22
C TYR B 1018 -0.06 -7.09 -12.71
N CYS B 1019 -1.07 -7.67 -12.07
CA CYS B 1019 -0.94 -8.02 -10.66
C CYS B 1019 0.22 -8.99 -10.47
N GLN B 1020 1.05 -8.72 -9.47
CA GLN B 1020 2.21 -9.57 -9.20
C GLN B 1020 1.77 -11.01 -8.98
O1 KLT C . -15.29 -24.02 -5.47
S1 KLT C . -14.90 -25.13 -4.74
O2 KLT C . -13.77 -24.77 -3.98
N1 KLT C . -14.52 -26.33 -5.86
C1 KLT C . -16.20 -25.57 -3.69
C2 KLT C . -16.60 -26.87 -3.74
C3 KLT C . -16.83 -24.68 -2.85
CL1 KLT C . -16.33 -22.94 -2.75
C4 KLT C . -17.87 -25.09 -2.04
C5 KLT C . -18.26 -26.42 -2.09
C6 KLT C . -17.62 -27.30 -2.95
C7 KLT C . -18.02 -28.71 -3.05
O8 KLT C . -17.76 -29.26 -4.33
C9 KLT C . -17.46 -29.59 -1.91
C10 KLT C . -16.14 -29.83 -1.61
C11 KLT C . -15.85 -30.65 -0.53
C12 KLT C . -16.86 -31.23 0.24
C13 KLT C . -18.18 -30.98 -0.06
C14 KLT C . -18.43 -30.16 -1.11
C15 KLT C . -19.62 -29.67 -1.75
O3 KLT C . -20.73 -29.96 -1.34
N2 KLT C . -19.43 -28.85 -2.81
HN1 KLT C . -15.36 -26.59 -6.40
HN1A KLT C . -14.17 -27.18 -5.36
H2 KLT C . -16.10 -27.56 -4.41
H4 KLT C . -18.35 -24.40 -1.37
H5 KLT C . -19.08 -26.75 -1.46
HO8 KLT C . -18.28 -28.79 -5.01
H10 KLT C . -15.35 -29.38 -2.20
H11 KLT C . -14.82 -30.85 -0.28
H12 KLT C . -16.60 -31.86 1.08
H13 KLT C . -18.99 -31.41 0.53
HN2 KLT C . -20.16 -28.44 -3.36
#